data_6NMR
#
_entry.id   6NMR
#
_cell.length_a   63.070
_cell.length_b   113.560
_cell.length_c   152.080
_cell.angle_alpha   90.000
_cell.angle_beta   91.350
_cell.angle_gamma   90.000
#
_symmetry.space_group_name_H-M   'P 1 21 1'
#
loop_
_entity.id
_entity.type
_entity.pdbx_description
1 polymer 'Fab 119 anti-SIRP-alpha antibody Variable Light Chain'
2 polymer 'Fab 119 anti-SIRP-alpha antibody Variable Heavy Chain'
3 polymer 'Tyrosine-protein phosphatase non-receptor type substrate 1'
4 water water
#
loop_
_entity_poly.entity_id
_entity_poly.type
_entity_poly.pdbx_seq_one_letter_code
_entity_poly.pdbx_strand_id
1 'polypeptide(L)'
;EIVLTQSPATLSVSPGERATFSCRASQNVKNDLAWYQQRPGQAPRLLIYAARIRETGIPERFSGSGSGTEFTLTITSLQS
EDFAVYYCQQYYDWPPFTFGGGTKVEIKRTVAAPSVFIFPPSDEQLKSGTASVVCLLNNFYPREAKVQWKVDNALQSGNS
QESVTEQDSKDSTYSLSSTLTLSKADYEKHKVYACEVTHQGLSSPVTKSFNRGEC
;
L,B,G,K
2 'polypeptide(L)'
;DVQLLESGGGVVQPGGSLRLSCAASGFSFSNFAMTWVRQAPGEGLEWVSTIGSGDTYYADSVKGRFTISRDNSKNTLYLQ
MNSLRAEDTAVYYCAKDSTVSWSGDFFDYWGQGTLVTVSSASTKGPSVFPLAPSSKSTSGGTAALGCLVKDYFPEPVTVS
WNSGALTSGVHTFPAVLQSSGLYSLSSVVTVPSSSLGTQTYICNVNHKPSNTKVDKKVEPKSCHHHHHH
;
H,A,F,J
3 'polypeptide(L)'
;EEELQVIQPDKSVLVAAGETATLRCTATSLIPVGPIQWFRGAGPGRELIYNQKEGHFPRVTTVSDLTKRNNMDFSIRIGA
ITPADAGTYYCVKFRKGSPDDVEFKSGAGTELSVRAKPSTRHHHHHH
;
S,E,I,M
#
# COMPACT_ATOMS: atom_id res chain seq x y z
N GLU A 1 41.95 29.92 7.51
CA GLU A 1 42.90 30.62 8.38
C GLU A 1 42.40 30.66 9.84
N ILE A 2 41.08 30.70 10.06
CA ILE A 2 40.50 30.36 11.36
C ILE A 2 39.96 28.94 11.25
N VAL A 3 40.62 28.00 11.89
CA VAL A 3 40.23 26.60 11.82
C VAL A 3 39.32 26.30 12.99
N LEU A 4 38.27 25.51 12.73
CA LEU A 4 37.26 25.19 13.72
C LEU A 4 37.44 23.73 14.12
N THR A 5 37.52 23.49 15.43
CA THR A 5 37.71 22.16 15.97
C THR A 5 36.47 21.78 16.78
N GLN A 6 35.86 20.64 16.44
CA GLN A 6 34.67 20.12 17.09
C GLN A 6 35.05 18.86 17.85
N SER A 7 34.69 18.80 19.13
CA SER A 7 35.06 17.72 20.03
C SER A 7 33.78 17.14 20.65
N PRO A 8 33.83 15.91 21.21
CA PRO A 8 32.91 14.85 20.78
C PRO A 8 32.63 14.85 19.28
N ALA A 9 33.60 14.32 18.52
CA ALA A 9 33.41 14.14 17.08
C ALA A 9 32.27 13.17 16.82
N THR A 10 32.21 12.10 17.61
CA THR A 10 31.06 11.20 17.64
C THR A 10 30.52 11.21 19.06
N LEU A 11 29.21 11.32 19.20
CA LEU A 11 28.57 11.43 20.50
C LEU A 11 27.40 10.46 20.57
N SER A 12 27.46 9.53 21.51
CA SER A 12 26.44 8.50 21.67
C SER A 12 25.53 8.88 22.83
N VAL A 13 24.25 9.14 22.53
CA VAL A 13 23.28 9.53 23.53
C VAL A 13 22.01 8.72 23.35
N SER A 14 21.31 8.51 24.46
CA SER A 14 20.03 7.82 24.46
C SER A 14 18.91 8.73 23.99
N PRO A 15 17.88 8.17 23.35
CA PRO A 15 16.75 9.01 22.93
C PRO A 15 16.01 9.56 24.14
N GLY A 16 15.61 10.83 24.04
CA GLY A 16 14.94 11.50 25.12
C GLY A 16 15.84 12.14 26.16
N GLU A 17 17.17 12.00 26.02
CA GLU A 17 18.09 12.60 26.97
C GLU A 17 18.59 13.94 26.44
N ARG A 18 19.84 14.27 26.75
CA ARG A 18 20.42 15.57 26.40
C ARG A 18 21.80 15.38 25.79
N ALA A 19 22.10 16.14 24.74
CA ALA A 19 23.38 16.04 24.05
C ALA A 19 23.98 17.43 23.87
N THR A 20 25.23 17.58 24.28
CA THR A 20 25.94 18.86 24.18
C THR A 20 27.32 18.60 23.58
N PHE A 21 27.66 19.35 22.54
CA PHE A 21 28.96 19.28 21.90
C PHE A 21 29.49 20.69 21.66
N SER A 22 30.81 20.81 21.56
CA SER A 22 31.48 22.10 21.53
C SER A 22 32.26 22.29 20.23
N CYS A 23 32.36 23.56 19.82
CA CYS A 23 33.17 24.00 18.70
C CYS A 23 34.17 25.05 19.20
N ARG A 24 35.42 24.93 18.78
CA ARG A 24 36.48 25.83 19.21
C ARG A 24 37.16 26.47 18.00
N ALA A 25 37.49 27.75 18.12
CA ALA A 25 38.13 28.50 17.04
C ALA A 25 39.38 29.22 17.55
N SER A 26 40.28 29.52 16.61
CA SER A 26 41.47 30.30 16.86
C SER A 26 41.41 31.62 16.10
N GLN A 27 41.58 32.75 16.82
CA GLN A 27 41.74 34.13 16.33
C GLN A 27 40.41 34.88 16.16
N ASN A 28 39.27 34.23 16.38
CA ASN A 28 37.99 34.92 16.38
C ASN A 28 37.48 35.13 17.82
N VAL A 29 37.28 36.40 18.20
CA VAL A 29 36.83 36.81 19.55
C VAL A 29 35.33 37.05 19.67
N LYS A 30 34.60 37.11 18.57
CA LYS A 30 33.23 37.62 18.60
C LYS A 30 32.23 36.46 18.59
N ASN A 31 31.02 36.72 18.09
CA ASN A 31 29.94 35.75 18.07
C ASN A 31 29.57 35.30 16.67
N ASP A 32 30.46 35.50 15.69
CA ASP A 32 30.15 35.21 14.30
C ASP A 32 30.30 33.69 14.08
N LEU A 33 29.42 32.95 14.73
CA LEU A 33 29.40 31.49 14.66
C LEU A 33 28.02 31.02 14.21
N ALA A 34 28.01 30.00 13.35
CA ALA A 34 26.78 29.41 12.85
C ALA A 34 26.82 27.90 13.04
N TRP A 35 25.67 27.31 13.36
CA TRP A 35 25.52 25.87 13.51
C TRP A 35 24.65 25.33 12.39
N TYR A 36 24.95 24.12 11.94
CA TYR A 36 24.24 23.50 10.82
C TYR A 36 23.94 22.04 11.13
N GLN A 37 22.82 21.56 10.59
CA GLN A 37 22.39 20.17 10.70
C GLN A 37 22.32 19.55 9.32
N GLN A 38 22.95 18.38 9.15
CA GLN A 38 22.92 17.66 7.89
C GLN A 38 22.58 16.20 8.13
N ARG A 39 21.59 15.70 7.42
CA ARG A 39 21.22 14.30 7.43
C ARG A 39 21.93 13.58 6.29
N PRO A 40 22.01 12.24 6.32
CA PRO A 40 22.87 11.55 5.34
C PRO A 40 22.57 11.87 3.88
N GLY A 41 21.34 11.70 3.44
CA GLY A 41 21.02 11.97 2.05
C GLY A 41 20.47 13.35 1.76
N GLN A 42 20.75 14.33 2.62
CA GLN A 42 20.14 15.64 2.51
C GLN A 42 21.19 16.74 2.63
N ALA A 43 20.81 17.93 2.16
CA ALA A 43 21.63 19.13 2.22
C ALA A 43 21.62 19.71 3.63
N PRO A 44 22.66 20.44 4.03
CA PRO A 44 22.68 21.05 5.37
C PRO A 44 21.59 22.11 5.52
N ARG A 45 21.16 22.32 6.76
CA ARG A 45 20.20 23.37 7.08
C ARG A 45 20.70 24.14 8.30
N LEU A 46 20.48 25.45 8.29
CA LEU A 46 20.97 26.32 9.35
C LEU A 46 20.07 26.20 10.57
N LEU A 47 20.69 26.00 11.73
CA LEU A 47 19.99 25.95 13.01
C LEU A 47 20.16 27.25 13.78
N ILE A 48 21.42 27.64 14.04
CA ILE A 48 21.73 28.80 14.85
C ILE A 48 22.78 29.64 14.12
N TYR A 49 22.61 30.95 14.15
CA TYR A 49 23.59 31.90 13.67
C TYR A 49 23.83 32.94 14.75
N ALA A 50 25.00 33.57 14.71
CA ALA A 50 25.42 34.55 15.71
C ALA A 50 25.36 33.95 17.11
N ALA A 51 25.90 32.74 17.24
CA ALA A 51 26.10 32.03 18.51
C ALA A 51 24.80 31.56 19.16
N ARG A 52 23.87 32.46 19.43
CA ARG A 52 22.69 32.13 20.24
C ARG A 52 21.36 32.35 19.55
N ILE A 53 21.34 32.78 18.29
CA ILE A 53 20.09 33.09 17.60
C ILE A 53 19.63 31.85 16.86
N ARG A 54 18.46 31.35 17.22
CA ARG A 54 17.91 30.14 16.61
C ARG A 54 17.05 30.49 15.41
N GLU A 55 17.26 29.78 14.30
CA GLU A 55 16.53 30.06 13.06
C GLU A 55 15.04 29.74 13.23
N THR A 56 14.22 30.44 12.45
CA THR A 56 12.78 30.21 12.47
C THR A 56 12.46 28.79 12.04
N GLY A 57 11.45 28.19 12.68
CA GLY A 57 11.08 26.83 12.37
C GLY A 57 11.95 25.77 13.02
N ILE A 58 12.88 26.17 13.88
CA ILE A 58 13.76 25.23 14.56
C ILE A 58 13.24 25.04 15.98
N PRO A 59 13.12 23.80 16.46
CA PRO A 59 12.51 23.59 17.78
C PRO A 59 13.30 24.26 18.89
N GLU A 60 12.58 24.53 19.99
CA GLU A 60 13.19 25.20 21.14
C GLU A 60 14.31 24.37 21.75
N ARG A 61 14.33 23.06 21.49
CA ARG A 61 15.35 22.21 22.09
C ARG A 61 16.75 22.62 21.64
N PHE A 62 16.91 22.97 20.36
CA PHE A 62 18.21 23.40 19.89
C PHE A 62 18.55 24.77 20.48
N SER A 63 19.73 24.89 21.07
CA SER A 63 20.16 26.15 21.65
C SER A 63 21.67 26.27 21.55
N GLY A 64 22.14 27.45 21.17
CA GLY A 64 23.56 27.73 21.06
C GLY A 64 23.98 28.74 22.10
N SER A 65 25.24 28.65 22.55
CA SER A 65 25.76 29.53 23.57
C SER A 65 27.27 29.64 23.41
N GLY A 66 27.83 30.70 23.98
CA GLY A 66 29.27 30.90 23.96
C GLY A 66 29.72 32.10 23.17
N SER A 67 30.94 32.55 23.43
CA SER A 67 31.53 33.66 22.70
C SER A 67 33.03 33.45 22.64
N GLY A 68 33.69 34.25 21.81
CA GLY A 68 35.13 34.18 21.67
C GLY A 68 35.62 32.93 20.95
N THR A 69 36.28 32.03 21.68
CA THR A 69 36.84 30.83 21.09
C THR A 69 36.03 29.58 21.38
N GLU A 70 35.21 29.57 22.42
CA GLU A 70 34.48 28.39 22.86
C GLU A 70 33.00 28.58 22.56
N PHE A 71 32.41 27.60 21.89
CA PHE A 71 30.98 27.63 21.57
C PHE A 71 30.40 26.24 21.78
N THR A 72 29.08 26.18 21.95
CA THR A 72 28.40 24.96 22.33
C THR A 72 27.00 24.96 21.74
N LEU A 73 26.53 23.78 21.30
CA LEU A 73 25.16 23.59 20.84
C LEU A 73 24.51 22.53 21.70
N THR A 74 23.30 22.81 22.18
CA THR A 74 22.59 21.98 23.14
C THR A 74 21.19 21.65 22.65
N ILE A 75 20.78 20.40 22.83
CA ILE A 75 19.43 19.92 22.50
C ILE A 75 18.80 19.36 23.78
N THR A 76 17.65 19.92 24.20
CA THR A 76 17.07 19.50 25.50
C THR A 76 16.67 18.02 25.49
N SER A 77 15.82 17.62 24.53
CA SER A 77 15.31 16.24 24.41
C SER A 77 15.63 15.65 23.05
N LEU A 78 16.52 14.68 23.07
CA LEU A 78 16.96 14.05 21.84
C LEU A 78 15.79 13.30 21.20
N GLN A 79 15.56 13.58 19.92
CA GLN A 79 14.56 12.88 19.14
C GLN A 79 15.22 12.03 18.06
N SER A 80 14.38 11.25 17.37
CA SER A 80 14.88 10.39 16.30
C SER A 80 15.49 11.20 15.17
N GLU A 81 14.95 12.38 14.92
CA GLU A 81 15.40 13.19 13.79
C GLU A 81 16.74 13.84 14.07
N ASP A 82 17.02 14.09 15.36
CA ASP A 82 18.19 14.87 15.74
C ASP A 82 19.48 14.14 15.49
N PHE A 83 19.43 12.83 15.32
CA PHE A 83 20.64 12.05 15.12
C PHE A 83 21.14 12.28 13.70
N ALA A 84 22.14 13.13 13.59
CA ALA A 84 22.75 13.53 12.33
C ALA A 84 24.11 14.12 12.64
N VAL A 85 24.79 14.62 11.62
CA VAL A 85 26.08 15.28 11.78
C VAL A 85 25.85 16.79 11.85
N TYR A 86 26.55 17.44 12.76
CA TYR A 86 26.37 18.87 13.02
C TYR A 86 27.70 19.60 12.83
N TYR A 87 27.66 20.69 12.07
CA TYR A 87 28.85 21.47 11.75
C TYR A 87 28.72 22.87 12.30
N CYS A 88 29.85 23.45 12.70
CA CYS A 88 29.94 24.84 13.10
C CYS A 88 30.66 25.62 12.01
N GLN A 89 30.19 26.85 11.75
CA GLN A 89 30.78 27.71 10.72
C GLN A 89 30.97 29.11 11.26
N GLN A 90 32.15 29.67 11.07
CA GLN A 90 32.45 31.03 11.48
C GLN A 90 32.49 31.95 10.26
N TYR A 91 31.97 33.17 10.42
CA TYR A 91 32.02 34.19 9.38
C TYR A 91 32.63 35.47 9.93
N TYR A 92 33.45 35.34 10.96
CA TYR A 92 34.07 36.50 11.59
C TYR A 92 35.17 37.08 10.72
N ASP A 93 36.14 36.25 10.34
CA ASP A 93 37.25 36.67 9.49
C ASP A 93 37.25 35.75 8.27
N TRP A 94 36.94 36.28 7.11
CA TRP A 94 36.90 35.48 5.88
C TRP A 94 37.21 36.32 4.65
N PRO A 95 38.42 36.20 4.13
CA PRO A 95 38.56 35.89 2.71
C PRO A 95 38.21 34.42 2.50
N PRO A 96 38.59 33.49 3.44
CA PRO A 96 38.16 32.09 3.31
C PRO A 96 37.18 31.64 4.40
N PHE A 97 35.97 31.24 4.01
CA PHE A 97 35.06 30.61 4.98
C PHE A 97 35.62 29.27 5.45
N THR A 98 35.29 28.92 6.70
CA THR A 98 35.82 27.73 7.34
C THR A 98 34.71 27.00 8.09
N PHE A 99 34.77 25.67 8.06
CA PHE A 99 33.78 24.82 8.71
C PHE A 99 34.46 23.95 9.76
N GLY A 100 33.68 23.54 10.76
CA GLY A 100 34.19 22.63 11.76
C GLY A 100 34.28 21.21 11.23
N GLY A 101 35.04 20.38 11.96
CA GLY A 101 35.18 19.00 11.56
C GLY A 101 33.86 18.24 11.55
N GLY A 102 32.98 18.58 12.47
CA GLY A 102 31.65 17.99 12.51
C GLY A 102 31.53 17.03 13.68
N THR A 103 30.36 17.04 14.33
CA THR A 103 30.04 16.10 15.39
C THR A 103 28.81 15.31 14.97
N LYS A 104 28.93 13.99 14.98
CA LYS A 104 27.84 13.11 14.57
C LYS A 104 27.13 12.61 15.82
N VAL A 105 25.87 12.98 15.98
CA VAL A 105 25.08 12.55 17.12
C VAL A 105 24.54 11.16 16.82
N GLU A 106 24.85 10.21 17.71
CA GLU A 106 24.66 8.80 17.45
C GLU A 106 23.78 8.19 18.53
N ILE A 107 22.95 7.22 18.13
CA ILE A 107 22.05 6.56 19.06
C ILE A 107 22.83 5.56 19.91
N LYS A 108 22.67 5.63 21.23
CA LYS A 108 23.30 4.70 22.14
C LYS A 108 22.37 3.56 22.48
N ARG A 109 22.93 2.34 22.47
CA ARG A 109 22.18 1.15 22.80
C ARG A 109 23.09 0.25 23.62
N THR A 110 22.53 -0.85 24.13
CA THR A 110 23.32 -1.80 24.87
C THR A 110 24.32 -2.50 23.95
N VAL A 111 25.41 -2.97 24.54
CA VAL A 111 26.46 -3.63 23.76
C VAL A 111 25.93 -4.92 23.18
N ALA A 112 26.28 -5.18 21.92
CA ALA A 112 25.90 -6.39 21.21
C ALA A 112 27.14 -6.97 20.57
N ALA A 113 27.41 -8.24 20.83
CA ALA A 113 28.58 -8.89 20.26
C ALA A 113 28.36 -9.16 18.77
N PRO A 114 29.38 -8.98 17.94
CA PRO A 114 29.19 -9.20 16.50
C PRO A 114 29.09 -10.67 16.15
N SER A 115 28.30 -10.95 15.10
CA SER A 115 28.23 -12.27 14.50
C SER A 115 29.18 -12.32 13.31
N VAL A 116 30.19 -13.16 13.39
CA VAL A 116 31.25 -13.23 12.38
C VAL A 116 30.94 -14.37 11.43
N PHE A 117 31.09 -14.12 10.14
CA PHE A 117 30.86 -15.11 9.10
C PHE A 117 32.03 -15.11 8.13
N ILE A 118 32.29 -16.27 7.55
CA ILE A 118 33.39 -16.46 6.62
C ILE A 118 32.82 -16.83 5.26
N PHE A 119 33.41 -16.25 4.21
CA PHE A 119 33.00 -16.50 2.84
C PHE A 119 34.25 -16.73 1.98
N PRO A 120 34.43 -17.92 1.42
CA PRO A 120 35.54 -18.14 0.49
C PRO A 120 35.23 -17.53 -0.86
N PRO A 121 36.23 -17.28 -1.70
CA PRO A 121 35.96 -16.76 -3.04
C PRO A 121 35.17 -17.77 -3.86
N SER A 122 34.23 -17.26 -4.65
CA SER A 122 33.40 -18.12 -5.48
C SER A 122 34.22 -18.73 -6.60
N ASP A 123 33.73 -19.87 -7.11
CA ASP A 123 34.40 -20.54 -8.21
C ASP A 123 34.46 -19.70 -9.47
N GLU A 124 33.40 -18.92 -9.75
CA GLU A 124 33.42 -18.13 -10.99
C GLU A 124 34.40 -16.96 -10.88
N GLN A 125 34.52 -16.36 -9.70
CA GLN A 125 35.47 -15.27 -9.55
C GLN A 125 36.90 -15.76 -9.73
N LEU A 126 37.17 -17.00 -9.31
CA LEU A 126 38.49 -17.57 -9.50
C LEU A 126 38.80 -17.69 -10.99
N LYS A 127 37.80 -18.08 -11.79
CA LYS A 127 37.99 -18.14 -13.24
C LYS A 127 38.37 -16.79 -13.82
N SER A 128 37.89 -15.69 -13.21
CA SER A 128 38.24 -14.36 -13.69
C SER A 128 39.69 -14.02 -13.46
N GLY A 129 40.36 -14.67 -12.50
CA GLY A 129 41.75 -14.40 -12.21
C GLY A 129 42.00 -13.63 -10.94
N THR A 130 40.96 -13.31 -10.18
CA THR A 130 41.07 -12.55 -8.95
C THR A 130 40.36 -13.31 -7.84
N ALA A 131 40.91 -13.21 -6.62
CA ALA A 131 40.34 -13.88 -5.46
C ALA A 131 39.96 -12.83 -4.42
N SER A 132 38.70 -12.83 -4.02
CA SER A 132 38.19 -11.94 -2.98
C SER A 132 37.73 -12.77 -1.79
N VAL A 133 38.26 -12.47 -0.62
CA VAL A 133 37.88 -13.12 0.63
C VAL A 133 37.13 -12.09 1.47
N VAL A 134 35.89 -12.39 1.80
CA VAL A 134 35.01 -11.47 2.51
C VAL A 134 34.70 -12.04 3.88
N CYS A 135 34.84 -11.22 4.92
CA CYS A 135 34.46 -11.55 6.28
C CYS A 135 33.44 -10.53 6.76
N LEU A 136 32.38 -10.99 7.40
CA LEU A 136 31.24 -10.14 7.71
C LEU A 136 31.04 -10.03 9.22
N LEU A 137 30.90 -8.80 9.70
CA LEU A 137 30.52 -8.50 11.08
C LEU A 137 29.12 -7.91 11.06
N ASN A 138 28.18 -8.56 11.73
CA ASN A 138 26.76 -8.22 11.64
C ASN A 138 26.19 -7.96 13.03
N ASN A 139 25.46 -6.85 13.16
CA ASN A 139 24.70 -6.52 14.36
C ASN A 139 25.62 -6.46 15.60
N PHE A 140 26.45 -5.42 15.63
CA PHE A 140 27.33 -5.19 16.75
C PHE A 140 27.26 -3.73 17.18
N TYR A 141 27.42 -3.52 18.48
CA TYR A 141 27.50 -2.19 19.07
C TYR A 141 28.51 -2.23 20.20
N PRO A 142 29.38 -1.21 20.32
CA PRO A 142 29.44 -0.05 19.43
C PRO A 142 30.17 -0.33 18.11
N ARG A 143 30.53 0.73 17.40
CA ARG A 143 31.06 0.59 16.04
C ARG A 143 32.49 0.09 16.04
N GLU A 144 33.29 0.46 17.04
CA GLU A 144 34.71 0.13 17.07
C GLU A 144 34.93 -1.38 17.05
N ALA A 145 35.68 -1.85 16.05
CA ALA A 145 36.02 -3.24 15.92
C ALA A 145 37.39 -3.36 15.26
N LYS A 146 38.03 -4.50 15.48
CA LYS A 146 39.36 -4.77 14.94
C LYS A 146 39.30 -6.02 14.08
N VAL A 147 39.62 -5.87 12.80
CA VAL A 147 39.66 -6.98 11.84
C VAL A 147 41.10 -7.23 11.42
N GLN A 148 41.52 -8.49 11.50
CA GLN A 148 42.86 -8.90 11.11
C GLN A 148 42.76 -10.11 10.19
N TRP A 149 43.38 -10.01 9.02
CA TRP A 149 43.43 -11.10 8.06
C TRP A 149 44.73 -11.85 8.22
N LYS A 150 44.65 -13.17 8.39
CA LYS A 150 45.84 -14.02 8.44
C LYS A 150 45.71 -15.15 7.43
N VAL A 151 46.73 -15.29 6.59
CA VAL A 151 46.81 -16.35 5.60
C VAL A 151 48.03 -17.19 5.96
N ASP A 152 47.79 -18.43 6.38
CA ASP A 152 48.85 -19.30 6.90
C ASP A 152 49.61 -18.60 8.02
N ASN A 153 48.85 -18.08 8.99
CA ASN A 153 49.36 -17.37 10.16
C ASN A 153 50.25 -16.17 9.80
N ALA A 154 50.07 -15.61 8.60
CA ALA A 154 50.79 -14.42 8.18
C ALA A 154 49.81 -13.29 7.97
N LEU A 155 49.94 -12.23 8.78
CA LEU A 155 49.03 -11.10 8.68
C LEU A 155 49.16 -10.39 7.35
N GLN A 156 48.02 -9.96 6.81
CA GLN A 156 47.95 -9.25 5.55
C GLN A 156 47.81 -7.77 5.84
N SER A 157 48.62 -6.96 5.16
CA SER A 157 48.61 -5.52 5.34
C SER A 157 48.58 -4.85 3.98
N GLY A 158 47.65 -3.92 3.81
CA GLY A 158 47.56 -3.16 2.58
C GLY A 158 46.77 -3.81 1.47
N ASN A 159 46.22 -5.00 1.68
CA ASN A 159 45.47 -5.69 0.62
C ASN A 159 44.01 -5.95 1.02
N SER A 160 43.50 -5.20 1.98
CA SER A 160 42.11 -5.36 2.41
C SER A 160 41.46 -3.99 2.57
N GLN A 161 40.17 -3.94 2.29
CA GLN A 161 39.35 -2.74 2.50
C GLN A 161 38.16 -3.11 3.36
N GLU A 162 37.64 -2.12 4.08
CA GLU A 162 36.52 -2.37 5.00
C GLU A 162 35.42 -1.36 4.73
N SER A 163 34.17 -1.82 4.80
CA SER A 163 33.00 -0.96 4.67
C SER A 163 32.08 -1.19 5.85
N VAL A 164 31.50 -0.12 6.38
CA VAL A 164 30.67 -0.16 7.57
C VAL A 164 29.29 0.37 7.25
N THR A 165 28.28 -0.27 7.80
CA THR A 165 26.90 0.17 7.63
C THR A 165 26.58 1.33 8.57
N GLU A 166 25.77 2.27 8.09
CA GLU A 166 25.23 3.29 8.96
C GLU A 166 24.33 2.63 10.01
N GLN A 167 24.12 3.33 11.11
CA GLN A 167 23.42 2.73 12.24
C GLN A 167 22.00 2.35 11.84
N ASP A 168 21.64 1.09 12.09
CA ASP A 168 20.34 0.60 11.67
C ASP A 168 19.24 1.27 12.47
N SER A 169 18.17 1.67 11.78
CA SER A 169 17.10 2.40 12.44
C SER A 169 16.25 1.51 13.34
N LYS A 170 16.30 0.19 13.16
CA LYS A 170 15.45 -0.71 13.91
C LYS A 170 16.10 -1.20 15.21
N ASP A 171 17.40 -1.53 15.18
CA ASP A 171 18.08 -2.05 16.36
C ASP A 171 19.29 -1.23 16.77
N SER A 172 19.62 -0.16 16.03
CA SER A 172 20.69 0.77 16.39
C SER A 172 22.05 0.07 16.48
N THR A 173 22.26 -0.93 15.62
CA THR A 173 23.50 -1.68 15.53
C THR A 173 24.28 -1.26 14.31
N TYR A 174 25.53 -1.71 14.24
CA TYR A 174 26.37 -1.54 13.07
C TYR A 174 26.66 -2.89 12.42
N SER A 175 27.03 -2.84 11.14
CA SER A 175 27.48 -4.01 10.40
C SER A 175 28.69 -3.61 9.57
N LEU A 176 29.73 -4.44 9.60
CA LEU A 176 30.99 -4.13 8.93
C LEU A 176 31.37 -5.28 7.99
N SER A 177 31.91 -4.93 6.83
CA SER A 177 32.42 -5.90 5.87
C SER A 177 33.85 -5.54 5.50
N SER A 178 34.77 -6.48 5.68
CA SER A 178 36.17 -6.33 5.30
C SER A 178 36.47 -7.30 4.16
N THR A 179 36.86 -6.77 3.00
CA THR A 179 37.09 -7.56 1.79
C THR A 179 38.59 -7.65 1.52
N LEU A 180 39.12 -8.88 1.50
CA LEU A 180 40.52 -9.15 1.21
C LEU A 180 40.67 -9.60 -0.24
N THR A 181 41.47 -8.87 -1.02
CA THR A 181 41.68 -9.13 -2.44
C THR A 181 43.08 -9.64 -2.69
N LEU A 182 43.18 -10.85 -3.27
CA LEU A 182 44.44 -11.46 -3.63
C LEU A 182 44.37 -11.95 -5.07
N SER A 183 45.54 -12.20 -5.66
CA SER A 183 45.59 -12.81 -6.98
C SER A 183 45.24 -14.30 -6.89
N LYS A 184 44.77 -14.86 -8.00
CA LYS A 184 44.42 -16.28 -8.01
C LYS A 184 45.63 -17.15 -7.72
N ALA A 185 46.79 -16.80 -8.29
CA ALA A 185 48.01 -17.54 -7.98
C ALA A 185 48.32 -17.45 -6.49
N ASP A 186 48.14 -16.27 -5.90
CA ASP A 186 48.36 -16.09 -4.47
C ASP A 186 47.35 -16.90 -3.65
N TYR A 187 46.11 -16.98 -4.13
CA TYR A 187 45.11 -17.74 -3.38
C TYR A 187 45.41 -19.23 -3.42
N GLU A 188 45.92 -19.72 -4.54
CA GLU A 188 46.11 -21.15 -4.68
C GLU A 188 47.35 -21.62 -3.95
N LYS A 189 48.33 -20.75 -3.76
CA LYS A 189 49.56 -21.18 -3.12
C LYS A 189 49.37 -21.41 -1.63
N HIS A 190 48.32 -20.86 -1.03
CA HIS A 190 48.14 -20.89 0.41
C HIS A 190 46.90 -21.70 0.77
N LYS A 191 46.82 -22.10 2.05
CA LYS A 191 45.81 -23.05 2.49
C LYS A 191 44.74 -22.40 3.35
N VAL A 192 45.12 -21.79 4.48
CA VAL A 192 44.17 -21.31 5.46
C VAL A 192 44.06 -19.79 5.38
N TYR A 193 42.82 -19.31 5.46
CA TYR A 193 42.52 -17.88 5.41
C TYR A 193 41.63 -17.57 6.60
N ALA A 194 42.09 -16.67 7.46
CA ALA A 194 41.44 -16.43 8.74
C ALA A 194 41.07 -14.96 8.87
N CYS A 195 39.90 -14.72 9.46
CA CYS A 195 39.43 -13.38 9.81
C CYS A 195 39.31 -13.32 11.32
N GLU A 196 40.21 -12.58 11.96
CA GLU A 196 40.19 -12.43 13.40
C GLU A 196 39.49 -11.11 13.74
N VAL A 197 38.54 -11.18 14.68
CA VAL A 197 37.67 -10.06 15.01
C VAL A 197 37.82 -9.79 16.50
N THR A 198 38.06 -8.53 16.86
CA THR A 198 38.15 -8.10 18.25
C THR A 198 37.07 -7.05 18.51
N HIS A 199 36.26 -7.31 19.53
CA HIS A 199 35.19 -6.40 19.90
C HIS A 199 34.98 -6.51 21.40
N GLN A 200 34.49 -5.41 22.00
CA GLN A 200 34.28 -5.40 23.45
C GLN A 200 33.19 -6.38 23.89
N GLY A 201 32.24 -6.67 23.01
CA GLY A 201 31.18 -7.62 23.35
C GLY A 201 31.63 -9.06 23.39
N LEU A 202 32.83 -9.35 22.89
CA LEU A 202 33.39 -10.69 22.86
C LEU A 202 34.36 -10.86 24.02
N SER A 203 34.29 -12.01 24.68
CA SER A 203 35.23 -12.28 25.78
C SER A 203 36.66 -12.33 25.26
N SER A 204 36.90 -13.08 24.18
CA SER A 204 38.17 -13.13 23.47
C SER A 204 37.87 -13.05 21.98
N PRO A 205 38.84 -12.61 21.17
CA PRO A 205 38.61 -12.50 19.73
C PRO A 205 38.14 -13.80 19.10
N VAL A 206 37.26 -13.67 18.11
CA VAL A 206 36.69 -14.80 17.38
C VAL A 206 37.43 -14.91 16.05
N THR A 207 37.85 -16.12 15.70
CA THR A 207 38.57 -16.37 14.46
C THR A 207 37.71 -17.24 13.56
N LYS A 208 37.55 -16.82 12.32
CA LYS A 208 36.81 -17.57 11.31
C LYS A 208 37.77 -17.97 10.21
N SER A 209 37.98 -19.27 10.05
CA SER A 209 38.96 -19.77 9.10
C SER A 209 38.33 -20.82 8.20
N PHE A 210 38.89 -20.96 7.00
CA PHE A 210 38.52 -22.01 6.09
C PHE A 210 39.78 -22.50 5.38
N ASN A 211 39.82 -23.78 5.07
CA ASN A 211 40.88 -24.34 4.26
C ASN A 211 40.45 -24.28 2.80
N ARG A 212 41.41 -24.01 1.91
CA ARG A 212 41.12 -23.88 0.49
C ARG A 212 40.78 -25.25 -0.11
N GLY A 213 40.06 -26.08 0.63
CA GLY A 213 39.68 -27.39 0.17
C GLY A 213 38.18 -27.59 0.26
N GLU A 214 37.48 -27.42 -0.86
CA GLU A 214 36.03 -27.55 -0.88
C GLU A 214 35.53 -27.89 -2.28
N ASP B 1 8.61 30.12 -1.62
CA ASP B 1 9.70 29.75 -0.73
C ASP B 1 11.01 29.64 -1.49
N VAL B 2 12.12 29.75 -0.77
CA VAL B 2 13.44 29.76 -1.39
C VAL B 2 13.77 28.37 -1.89
N GLN B 3 14.24 28.28 -3.14
CA GLN B 3 14.58 27.00 -3.71
C GLN B 3 15.86 27.16 -4.54
N LEU B 4 16.77 26.21 -4.40
CA LEU B 4 18.01 26.17 -5.16
C LEU B 4 18.14 24.81 -5.83
N LEU B 5 18.21 24.80 -7.15
CA LEU B 5 18.24 23.56 -7.93
C LEU B 5 19.49 23.54 -8.79
N GLU B 6 20.37 22.58 -8.51
CA GLU B 6 21.64 22.44 -9.20
C GLU B 6 21.51 21.58 -10.46
N SER B 7 22.51 21.71 -11.33
CA SER B 7 22.56 20.93 -12.57
C SER B 7 23.98 20.97 -13.12
N GLY B 8 24.20 20.16 -14.14
CA GLY B 8 25.48 20.14 -14.85
C GLY B 8 26.56 19.32 -14.19
N GLY B 9 26.21 18.44 -13.25
CA GLY B 9 27.20 17.60 -12.58
C GLY B 9 27.19 16.19 -13.13
N GLY B 10 28.38 15.71 -13.47
CA GLY B 10 28.55 14.34 -13.90
C GLY B 10 29.97 13.86 -13.67
N VAL B 11 30.34 12.82 -14.42
CA VAL B 11 31.65 12.21 -14.31
C VAL B 11 32.50 12.64 -15.49
N VAL B 12 33.71 13.16 -15.20
CA VAL B 12 34.68 13.56 -16.22
C VAL B 12 36.08 13.19 -15.76
N GLN B 13 37.03 13.20 -16.72
CA GLN B 13 38.43 12.86 -16.46
C GLN B 13 39.13 13.94 -15.66
N PRO B 14 40.25 13.59 -15.04
CA PRO B 14 41.12 14.61 -14.45
C PRO B 14 41.60 15.61 -15.50
N GLY B 15 41.60 16.88 -15.15
CA GLY B 15 41.95 17.90 -16.11
C GLY B 15 40.87 18.32 -17.06
N GLY B 16 39.73 17.65 -17.07
CA GLY B 16 38.61 18.06 -17.90
C GLY B 16 37.96 19.27 -17.29
N SER B 17 36.87 19.71 -17.91
CA SER B 17 36.16 20.88 -17.41
C SER B 17 34.70 20.52 -17.20
N LEU B 18 34.07 21.25 -16.30
CA LEU B 18 32.64 21.06 -16.06
C LEU B 18 32.08 22.35 -15.47
N ARG B 19 30.82 22.61 -15.80
CA ARG B 19 30.11 23.82 -15.44
C ARG B 19 28.89 23.46 -14.59
N LEU B 20 28.79 24.07 -13.42
CA LEU B 20 27.63 23.87 -12.56
C LEU B 20 26.74 25.10 -12.59
N SER B 21 25.44 24.86 -12.48
CA SER B 21 24.43 25.92 -12.49
C SER B 21 23.50 25.71 -11.32
N CYS B 22 23.12 26.81 -10.66
CA CYS B 22 22.16 26.76 -9.56
C CYS B 22 21.14 27.89 -9.77
N ALA B 23 19.92 27.52 -10.16
CA ALA B 23 18.87 28.50 -10.43
C ALA B 23 18.16 28.85 -9.13
N ALA B 24 18.21 30.12 -8.74
CA ALA B 24 17.60 30.58 -7.51
C ALA B 24 16.15 31.00 -7.73
N SER B 25 15.32 30.78 -6.71
CA SER B 25 13.91 31.13 -6.75
C SER B 25 13.43 31.35 -5.33
N GLY B 26 12.40 32.19 -5.19
CA GLY B 26 11.78 32.43 -3.89
C GLY B 26 12.37 33.59 -3.11
N PHE B 27 13.39 34.26 -3.63
CA PHE B 27 13.99 35.40 -2.95
C PHE B 27 14.62 36.29 -4.01
N SER B 28 14.92 37.53 -3.61
CA SER B 28 15.53 38.49 -4.53
C SER B 28 16.97 38.09 -4.79
N PHE B 29 17.20 37.38 -5.91
CA PHE B 29 18.54 36.89 -6.23
C PHE B 29 19.52 38.04 -6.43
N SER B 30 19.03 39.22 -6.83
CA SER B 30 19.92 40.33 -7.16
C SER B 30 20.52 40.98 -5.92
N ASN B 31 19.94 40.78 -4.74
CA ASN B 31 20.34 41.50 -3.54
C ASN B 31 21.07 40.63 -2.53
N PHE B 32 21.63 39.51 -2.95
CA PHE B 32 22.27 38.58 -2.02
C PHE B 32 23.51 37.97 -2.66
N ALA B 33 24.50 37.69 -1.82
CA ALA B 33 25.65 36.91 -2.24
C ALA B 33 25.31 35.42 -2.28
N MET B 34 25.97 34.69 -3.17
CA MET B 34 25.74 33.27 -3.35
C MET B 34 27.06 32.52 -3.26
N THR B 35 27.00 31.29 -2.75
CA THR B 35 28.18 30.54 -2.38
C THR B 35 28.09 29.10 -2.86
N TRP B 36 29.26 28.51 -3.12
CA TRP B 36 29.39 27.07 -3.38
C TRP B 36 30.18 26.42 -2.26
N VAL B 37 29.66 25.29 -1.75
CA VAL B 37 30.32 24.51 -0.71
C VAL B 37 30.26 23.04 -1.11
N ARG B 38 31.40 22.36 -1.06
CA ARG B 38 31.53 20.98 -1.51
C ARG B 38 31.76 20.05 -0.32
N GLN B 39 31.40 18.77 -0.52
CA GLN B 39 31.52 17.74 0.52
C GLN B 39 31.93 16.44 -0.13
N ALA B 40 33.18 16.02 0.13
CA ALA B 40 33.68 14.76 -0.37
C ALA B 40 32.98 13.58 0.30
N PRO B 41 32.92 12.42 -0.35
CA PRO B 41 32.26 11.26 0.24
C PRO B 41 32.92 10.82 1.55
N GLY B 42 32.10 10.68 2.58
CA GLY B 42 32.57 10.26 3.90
C GLY B 42 33.37 11.29 4.65
N GLU B 43 33.26 12.56 4.29
CA GLU B 43 33.99 13.63 4.95
C GLU B 43 33.06 14.82 5.13
N GLY B 44 33.59 15.90 5.70
CA GLY B 44 32.80 17.05 6.06
C GLY B 44 32.67 18.07 4.94
N LEU B 45 32.12 19.21 5.30
CA LEU B 45 31.85 20.30 4.38
C LEU B 45 33.08 21.17 4.20
N GLU B 46 33.28 21.67 2.99
CA GLU B 46 34.38 22.58 2.69
C GLU B 46 33.89 23.69 1.76
N TRP B 47 34.20 24.92 2.12
CA TRP B 47 33.79 26.07 1.33
C TRP B 47 34.65 26.19 0.08
N VAL B 48 34.02 26.58 -1.03
CA VAL B 48 34.72 26.67 -2.31
C VAL B 48 34.90 28.12 -2.70
N SER B 49 33.82 28.79 -3.06
CA SER B 49 33.90 30.16 -3.58
C SER B 49 32.67 30.94 -3.17
N THR B 50 32.76 32.25 -3.35
CA THR B 50 31.69 33.18 -2.98
C THR B 50 31.69 34.34 -3.96
N ILE B 51 30.50 34.72 -4.42
CA ILE B 51 30.33 35.85 -5.31
C ILE B 51 29.36 36.84 -4.68
N GLY B 52 29.62 38.13 -4.88
CA GLY B 52 28.71 39.16 -4.45
C GLY B 52 28.12 39.92 -5.62
N SER B 53 28.80 40.99 -6.04
CA SER B 53 28.41 41.77 -7.21
C SER B 53 29.70 42.25 -7.88
N GLY B 54 30.34 41.34 -8.60
CA GLY B 54 31.64 41.58 -9.19
C GLY B 54 32.81 41.23 -8.30
N ASP B 55 32.59 41.13 -6.99
CA ASP B 55 33.62 40.70 -6.06
C ASP B 55 33.54 39.19 -5.91
N THR B 56 34.65 38.50 -6.18
CA THR B 56 34.70 37.06 -6.09
C THR B 56 35.79 36.64 -5.13
N TYR B 57 35.55 35.52 -4.45
CA TYR B 57 36.48 34.96 -3.48
C TYR B 57 36.55 33.46 -3.70
N TYR B 58 37.74 32.90 -3.55
CA TYR B 58 37.98 31.49 -3.83
C TYR B 58 38.78 30.86 -2.70
N ALA B 59 38.57 29.56 -2.50
CA ALA B 59 39.37 28.82 -1.54
C ALA B 59 40.80 28.68 -2.05
N ASP B 60 41.72 28.39 -1.11
CA ASP B 60 43.13 28.31 -1.47
C ASP B 60 43.40 27.16 -2.44
N SER B 61 42.74 26.03 -2.25
CA SER B 61 42.92 24.88 -3.12
C SER B 61 42.26 25.04 -4.48
N VAL B 62 41.62 26.18 -4.74
CA VAL B 62 40.68 26.35 -5.85
C VAL B 62 40.98 27.62 -6.63
N LYS B 63 41.82 28.49 -6.06
CA LYS B 63 42.01 29.86 -6.58
C LYS B 63 42.19 29.91 -8.09
N GLY B 64 43.11 29.13 -8.63
CA GLY B 64 43.44 29.26 -10.03
C GLY B 64 42.58 28.47 -10.99
N ARG B 65 41.84 27.47 -10.49
CA ARG B 65 41.11 26.57 -11.35
C ARG B 65 39.65 26.96 -11.60
N PHE B 66 38.95 27.47 -10.59
CA PHE B 66 37.51 27.71 -10.70
C PHE B 66 37.21 29.20 -10.84
N THR B 67 36.08 29.50 -11.51
CA THR B 67 35.58 30.86 -11.64
C THR B 67 34.09 30.85 -11.38
N ILE B 68 33.63 31.66 -10.43
CA ILE B 68 32.20 31.79 -10.13
C ILE B 68 31.60 32.92 -10.97
N SER B 69 30.41 32.66 -11.53
CA SER B 69 29.70 33.63 -12.35
C SER B 69 28.21 33.57 -12.02
N ARG B 70 27.56 34.73 -12.11
CA ARG B 70 26.13 34.82 -11.85
C ARG B 70 25.47 35.71 -12.90
N ASP B 71 24.22 35.38 -13.23
CA ASP B 71 23.44 36.14 -14.20
C ASP B 71 22.09 36.47 -13.57
N ASN B 72 21.88 37.75 -13.27
CA ASN B 72 20.65 38.16 -12.61
C ASN B 72 19.45 38.07 -13.55
N SER B 73 19.69 38.08 -14.86
CA SER B 73 18.62 37.93 -15.83
C SER B 73 18.06 36.51 -15.87
N LYS B 74 18.85 35.52 -15.47
CA LYS B 74 18.40 34.14 -15.39
C LYS B 74 18.20 33.66 -13.96
N ASN B 75 18.53 34.49 -12.97
CA ASN B 75 18.44 34.11 -11.55
C ASN B 75 19.20 32.80 -11.29
N THR B 76 20.35 32.67 -11.94
CA THR B 76 21.17 31.47 -11.88
C THR B 76 22.57 31.80 -11.40
N LEU B 77 23.13 30.89 -10.60
CA LEU B 77 24.51 30.95 -10.15
C LEU B 77 25.30 29.86 -10.85
N TYR B 78 26.46 30.22 -11.40
CA TYR B 78 27.29 29.28 -12.14
C TYR B 78 28.63 29.10 -11.44
N LEU B 79 29.20 27.91 -11.63
CA LEU B 79 30.57 27.63 -11.22
C LEU B 79 31.18 26.71 -12.28
N GLN B 80 32.00 27.28 -13.16
CA GLN B 80 32.71 26.53 -14.18
C GLN B 80 34.03 26.06 -13.58
N MET B 81 34.27 24.75 -13.63
CA MET B 81 35.46 24.16 -13.03
C MET B 81 36.35 23.65 -14.15
N ASN B 82 37.58 24.14 -14.19
CA ASN B 82 38.58 23.75 -15.18
C ASN B 82 39.77 23.13 -14.46
N SER B 83 40.52 22.30 -15.20
CA SER B 83 41.67 21.59 -14.66
C SER B 83 41.26 20.79 -13.43
N LEU B 84 40.24 19.97 -13.61
CA LEU B 84 39.66 19.22 -12.50
C LEU B 84 40.64 18.16 -11.98
N ARG B 85 40.82 18.14 -10.66
CA ARG B 85 41.68 17.16 -10.02
C ARG B 85 40.84 16.06 -9.38
N ALA B 86 41.48 14.90 -9.18
CA ALA B 86 40.76 13.74 -8.65
C ALA B 86 40.24 13.98 -7.25
N GLU B 87 40.94 14.79 -6.45
CA GLU B 87 40.49 15.08 -5.09
C GLU B 87 39.26 15.98 -5.07
N ASP B 88 38.99 16.70 -6.16
CA ASP B 88 37.86 17.62 -6.23
C ASP B 88 36.51 16.90 -6.26
N THR B 89 36.50 15.57 -6.21
CA THR B 89 35.26 14.81 -6.21
C THR B 89 34.50 15.06 -4.91
N ALA B 90 33.28 15.57 -5.04
CA ALA B 90 32.48 15.96 -3.89
C ALA B 90 31.08 16.25 -4.37
N VAL B 91 30.16 16.42 -3.41
CA VAL B 91 28.82 16.89 -3.71
C VAL B 91 28.84 18.41 -3.57
N TYR B 92 28.55 19.12 -4.66
CA TYR B 92 28.66 20.57 -4.70
C TYR B 92 27.32 21.20 -4.36
N TYR B 93 27.29 21.99 -3.29
CA TYR B 93 26.09 22.66 -2.83
C TYR B 93 26.16 24.14 -3.16
N CYS B 94 25.08 24.69 -3.73
CA CYS B 94 24.90 26.12 -3.87
C CYS B 94 24.08 26.61 -2.68
N ALA B 95 24.49 27.75 -2.10
CA ALA B 95 23.82 28.27 -0.91
C ALA B 95 23.64 29.79 -1.02
N LYS B 96 22.66 30.31 -0.28
CA LYS B 96 22.40 31.75 -0.22
C LYS B 96 22.96 32.33 1.08
N ASP B 97 23.57 33.52 0.96
CA ASP B 97 24.16 34.22 2.10
C ASP B 97 23.15 35.14 2.78
N SER B 98 23.27 35.26 4.09
CA SER B 98 22.45 36.16 4.88
C SER B 98 23.28 36.76 6.00
N THR B 99 22.97 38.01 6.36
CA THR B 99 23.73 38.73 7.37
C THR B 99 22.86 39.05 8.58
N VAL B 100 23.49 39.02 9.75
CA VAL B 100 22.87 39.45 11.01
C VAL B 100 23.49 40.77 11.43
N SER B 101 22.64 41.77 11.67
CA SER B 101 23.02 43.09 12.15
C SER B 101 24.11 43.75 11.30
N TRP B 102 25.34 43.77 11.80
CA TRP B 102 26.46 44.34 11.05
C TRP B 102 27.53 43.30 10.75
N SER B 103 27.37 42.08 11.27
CA SER B 103 28.26 40.98 10.94
C SER B 103 27.63 40.26 9.75
N GLY B 104 28.45 39.58 8.97
CA GLY B 104 27.93 39.17 7.69
C GLY B 104 28.25 37.78 7.18
N ASP B 105 27.20 37.11 6.70
CA ASP B 105 27.27 36.06 5.70
C ASP B 105 27.44 34.68 6.32
N PHE B 106 26.32 34.15 6.79
CA PHE B 106 26.13 32.73 7.04
C PHE B 106 25.20 32.21 5.95
N PHE B 107 24.94 30.93 5.97
CA PHE B 107 24.22 30.26 4.88
C PHE B 107 22.89 29.75 5.41
N ASP B 108 21.80 30.40 4.98
CA ASP B 108 20.46 30.08 5.46
C ASP B 108 19.77 29.01 4.64
N TYR B 109 19.93 29.04 3.32
CA TYR B 109 19.29 28.08 2.44
C TYR B 109 20.36 27.39 1.60
N TRP B 110 20.27 26.08 1.51
CA TRP B 110 21.25 25.28 0.81
C TRP B 110 20.56 24.56 -0.34
N GLY B 111 21.27 24.40 -1.45
CA GLY B 111 20.72 23.61 -2.52
C GLY B 111 20.87 22.13 -2.24
N GLN B 112 20.10 21.32 -2.97
CA GLN B 112 20.12 19.88 -2.74
C GLN B 112 21.42 19.24 -3.21
N GLY B 113 22.20 19.91 -4.03
CA GLY B 113 23.50 19.40 -4.39
C GLY B 113 23.50 18.68 -5.73
N THR B 114 24.63 18.79 -6.43
CA THR B 114 24.89 18.09 -7.68
C THR B 114 26.21 17.34 -7.53
N LEU B 115 26.22 16.10 -8.00
CA LEU B 115 27.39 15.24 -7.82
C LEU B 115 28.35 15.35 -9.00
N VAL B 116 29.61 15.66 -8.70
CA VAL B 116 30.69 15.71 -9.67
C VAL B 116 31.69 14.60 -9.34
N THR B 117 32.09 13.82 -10.34
CA THR B 117 33.04 12.72 -10.16
C THR B 117 34.22 12.91 -11.11
N VAL B 118 35.38 13.23 -10.55
CA VAL B 118 36.63 13.37 -11.32
C VAL B 118 37.38 12.06 -11.23
N SER B 119 37.41 11.29 -12.33
CA SER B 119 38.10 10.02 -12.33
C SER B 119 38.54 9.64 -13.73
N SER B 120 39.65 8.90 -13.81
CA SER B 120 40.15 8.33 -15.05
C SER B 120 39.51 6.98 -15.36
N ALA B 121 38.62 6.51 -14.50
CA ALA B 121 38.05 5.17 -14.65
C ALA B 121 37.10 5.13 -15.84
N SER B 122 36.93 3.93 -16.39
CA SER B 122 36.03 3.73 -17.50
C SER B 122 34.65 3.33 -17.02
N THR B 123 33.63 3.71 -17.79
CA THR B 123 32.27 3.28 -17.49
C THR B 123 32.20 1.78 -17.70
N LYS B 124 31.85 1.04 -16.65
CA LYS B 124 31.81 -0.41 -16.78
C LYS B 124 30.73 -0.98 -15.88
N GLY B 125 30.11 -2.06 -16.34
CA GLY B 125 29.12 -2.77 -15.57
C GLY B 125 29.76 -3.69 -14.55
N PRO B 126 29.07 -3.88 -13.43
CA PRO B 126 29.63 -4.69 -12.34
C PRO B 126 29.57 -6.19 -12.60
N SER B 127 30.56 -6.88 -12.06
CA SER B 127 30.57 -8.34 -12.00
C SER B 127 30.03 -8.77 -10.64
N VAL B 128 29.02 -9.62 -10.64
CA VAL B 128 28.34 -10.01 -9.41
C VAL B 128 28.73 -11.45 -9.08
N PHE B 129 29.35 -11.63 -7.92
CA PHE B 129 29.79 -12.93 -7.45
C PHE B 129 29.04 -13.30 -6.18
N PRO B 130 28.62 -14.56 -6.06
CA PRO B 130 27.88 -14.99 -4.87
C PRO B 130 28.80 -15.25 -3.68
N LEU B 131 28.24 -15.07 -2.50
CA LEU B 131 28.91 -15.41 -1.24
C LEU B 131 28.15 -16.61 -0.69
N ALA B 132 28.73 -17.80 -0.84
CA ALA B 132 28.02 -19.01 -0.48
C ALA B 132 27.76 -19.02 1.02
N PRO B 133 26.59 -19.45 1.47
CA PRO B 133 26.26 -19.32 2.89
C PRO B 133 26.92 -20.37 3.76
N SER B 134 27.11 -20.01 5.02
CA SER B 134 27.58 -20.92 6.05
C SER B 134 27.10 -20.39 7.40
N SER B 135 26.43 -21.24 8.16
CA SER B 135 25.81 -20.81 9.41
C SER B 135 26.87 -20.64 10.50
N LYS B 136 26.55 -19.80 11.48
CA LYS B 136 27.45 -19.50 12.58
C LYS B 136 26.66 -18.96 13.75
N SER B 137 27.26 -19.06 14.93
CA SER B 137 26.64 -18.56 16.15
C SER B 137 27.69 -18.29 17.23
N GLY B 141 21.34 -21.34 14.35
CA GLY B 141 20.31 -21.67 13.38
C GLY B 141 20.04 -20.53 12.42
N THR B 142 21.08 -19.74 12.14
CA THR B 142 20.98 -18.62 11.22
C THR B 142 22.15 -18.68 10.26
N ALA B 143 21.86 -18.49 8.97
CA ALA B 143 22.87 -18.51 7.92
C ALA B 143 22.96 -17.14 7.26
N ALA B 144 24.17 -16.80 6.80
CA ALA B 144 24.42 -15.54 6.12
C ALA B 144 24.77 -15.80 4.67
N LEU B 145 24.10 -15.09 3.75
CA LEU B 145 24.37 -15.19 2.32
C LEU B 145 24.46 -13.79 1.74
N GLY B 146 25.00 -13.69 0.52
CA GLY B 146 25.11 -12.38 -0.09
C GLY B 146 25.55 -12.45 -1.53
N CYS B 147 25.83 -11.27 -2.09
CA CYS B 147 26.31 -11.09 -3.44
C CYS B 147 27.41 -10.05 -3.46
N LEU B 148 28.48 -10.34 -4.19
CA LEU B 148 29.63 -9.46 -4.28
C LEU B 148 29.59 -8.71 -5.61
N VAL B 149 29.45 -7.40 -5.55
CA VAL B 149 29.40 -6.56 -6.75
C VAL B 149 30.74 -5.85 -6.86
N LYS B 150 31.47 -6.15 -7.95
CA LYS B 150 32.86 -5.76 -8.03
C LYS B 150 33.14 -5.04 -9.35
N ASP B 151 34.04 -4.05 -9.29
CA ASP B 151 34.55 -3.34 -10.47
C ASP B 151 33.42 -2.76 -11.33
N TYR B 152 32.86 -1.66 -10.83
CA TYR B 152 31.88 -0.89 -11.58
C TYR B 152 32.15 0.59 -11.40
N PHE B 153 31.68 1.36 -12.39
CA PHE B 153 31.84 2.82 -12.41
C PHE B 153 30.74 3.36 -13.30
N PRO B 154 30.10 4.49 -12.95
CA PRO B 154 30.22 5.26 -11.71
C PRO B 154 29.68 4.56 -10.45
N GLU B 155 29.48 5.34 -9.39
CA GLU B 155 29.11 4.83 -8.08
C GLU B 155 27.62 4.49 -7.83
N PRO B 156 26.64 4.96 -8.65
CA PRO B 156 25.24 4.59 -8.33
C PRO B 156 24.88 3.16 -8.72
N VAL B 157 24.88 2.26 -7.73
CA VAL B 157 24.51 0.86 -7.91
C VAL B 157 23.33 0.54 -6.99
N THR B 158 22.41 -0.28 -7.48
CA THR B 158 21.20 -0.68 -6.76
C THR B 158 21.19 -2.18 -6.57
N VAL B 159 20.92 -2.62 -5.35
CA VAL B 159 20.84 -4.03 -5.00
C VAL B 159 19.47 -4.29 -4.38
N SER B 160 18.84 -5.39 -4.79
CA SER B 160 17.59 -5.84 -4.22
C SER B 160 17.61 -7.36 -4.16
N TRP B 161 16.76 -7.92 -3.30
CA TRP B 161 16.75 -9.36 -3.06
C TRP B 161 15.38 -9.93 -3.41
N ASN B 162 15.36 -10.93 -4.28
CA ASN B 162 14.13 -11.58 -4.73
C ASN B 162 13.18 -10.56 -5.37
N SER B 163 13.74 -9.64 -6.14
CA SER B 163 12.99 -8.58 -6.84
C SER B 163 12.18 -7.74 -5.85
N GLY B 164 12.83 -7.37 -4.75
CA GLY B 164 12.24 -6.50 -3.76
C GLY B 164 11.38 -7.19 -2.71
N ALA B 165 11.24 -8.51 -2.80
CA ALA B 165 10.41 -9.23 -1.84
C ALA B 165 11.09 -9.36 -0.48
N LEU B 166 12.42 -9.43 -0.45
CA LEU B 166 13.17 -9.70 0.77
C LEU B 166 13.76 -8.42 1.32
N THR B 167 13.52 -8.15 2.60
CA THR B 167 13.95 -6.92 3.25
C THR B 167 14.70 -7.16 4.55
N SER B 168 14.32 -8.17 5.33
CA SER B 168 14.82 -8.31 6.69
C SER B 168 16.19 -8.97 6.71
N GLY B 169 17.09 -8.42 7.53
CA GLY B 169 18.43 -8.94 7.62
C GLY B 169 19.33 -8.58 6.47
N VAL B 170 18.87 -7.73 5.57
CA VAL B 170 19.65 -7.34 4.40
C VAL B 170 20.55 -6.16 4.77
N HIS B 171 21.83 -6.27 4.45
CA HIS B 171 22.81 -5.21 4.68
C HIS B 171 23.57 -4.96 3.39
N THR B 172 23.32 -3.80 2.78
CA THR B 172 24.04 -3.37 1.59
C THR B 172 25.04 -2.30 2.03
N PHE B 173 26.32 -2.62 1.93
CA PHE B 173 27.37 -1.75 2.44
C PHE B 173 27.64 -0.61 1.47
N PRO B 174 28.13 0.52 1.97
CA PRO B 174 28.51 1.60 1.05
C PRO B 174 29.63 1.17 0.12
N ALA B 175 29.64 1.76 -1.08
CA ALA B 175 30.62 1.39 -2.07
C ALA B 175 32.01 1.87 -1.64
N VAL B 176 33.02 1.04 -1.90
CA VAL B 176 34.40 1.38 -1.61
C VAL B 176 35.14 1.54 -2.92
N LEU B 177 35.91 2.62 -3.05
CA LEU B 177 36.71 2.86 -4.24
C LEU B 177 38.03 2.11 -4.14
N GLN B 178 38.34 1.31 -5.15
CA GLN B 178 39.54 0.47 -5.17
C GLN B 178 40.71 1.19 -5.86
N SER B 179 41.87 0.54 -5.80
CA SER B 179 43.07 1.11 -6.39
C SER B 179 42.96 1.21 -7.91
N SER B 180 42.15 0.35 -8.53
CA SER B 180 41.96 0.40 -9.97
C SER B 180 41.12 1.58 -10.41
N GLY B 181 40.52 2.31 -9.48
CA GLY B 181 39.61 3.39 -9.83
C GLY B 181 38.18 2.97 -9.95
N LEU B 182 37.85 1.73 -9.58
CA LEU B 182 36.50 1.19 -9.68
C LEU B 182 35.97 0.89 -8.29
N TYR B 183 34.64 0.84 -8.19
CA TYR B 183 33.98 0.67 -6.92
C TYR B 183 33.63 -0.79 -6.69
N SER B 184 33.67 -1.20 -5.42
CA SER B 184 33.25 -2.52 -5.00
C SER B 184 32.26 -2.39 -3.87
N LEU B 185 31.40 -3.40 -3.73
CA LEU B 185 30.31 -3.36 -2.78
C LEU B 185 29.85 -4.79 -2.54
N SER B 186 29.35 -5.04 -1.34
CA SER B 186 28.80 -6.34 -0.98
C SER B 186 27.48 -6.13 -0.27
N SER B 187 26.52 -7.01 -0.55
CA SER B 187 25.22 -6.99 0.10
C SER B 187 24.98 -8.38 0.68
N VAL B 188 24.63 -8.43 1.96
CA VAL B 188 24.50 -9.68 2.69
C VAL B 188 23.11 -9.76 3.32
N VAL B 189 22.70 -10.98 3.62
CA VAL B 189 21.43 -11.25 4.28
C VAL B 189 21.63 -12.37 5.27
N THR B 190 21.11 -12.19 6.49
CA THR B 190 21.14 -13.24 7.50
C THR B 190 19.81 -13.97 7.48
N VAL B 191 19.87 -15.29 7.34
CA VAL B 191 18.67 -16.11 7.13
C VAL B 191 18.76 -17.35 8.01
N PRO B 192 17.61 -17.81 8.51
CA PRO B 192 17.61 -19.07 9.28
C PRO B 192 18.17 -20.23 8.49
N SER B 193 18.92 -21.10 9.17
CA SER B 193 19.60 -22.20 8.49
C SER B 193 18.61 -23.16 7.86
N SER B 194 17.46 -23.36 8.50
CA SER B 194 16.44 -24.21 7.91
C SER B 194 15.80 -23.57 6.69
N SER B 195 15.97 -22.26 6.51
CA SER B 195 15.38 -21.57 5.36
C SER B 195 16.24 -21.68 4.10
N LEU B 196 17.37 -22.37 4.13
CA LEU B 196 18.22 -22.45 2.95
C LEU B 196 17.58 -23.36 1.90
N GLY B 197 17.10 -24.53 2.31
CA GLY B 197 16.43 -25.43 1.39
C GLY B 197 15.03 -24.99 1.01
N THR B 198 14.39 -24.17 1.86
CA THR B 198 13.01 -23.75 1.60
C THR B 198 12.93 -22.65 0.56
N GLN B 199 13.87 -21.70 0.59
CA GLN B 199 13.82 -20.55 -0.30
C GLN B 199 15.02 -20.51 -1.25
N THR B 200 14.79 -19.83 -2.36
CA THR B 200 15.82 -19.48 -3.32
C THR B 200 16.06 -17.98 -3.20
N TYR B 201 17.32 -17.58 -3.20
CA TYR B 201 17.68 -16.18 -2.97
C TYR B 201 18.35 -15.63 -4.21
N ILE B 202 17.81 -14.53 -4.73
CA ILE B 202 18.28 -13.89 -5.95
C ILE B 202 18.58 -12.44 -5.63
N CYS B 203 19.77 -12.00 -6.01
CA CYS B 203 20.18 -10.61 -5.83
C CYS B 203 20.09 -9.89 -7.17
N ASN B 204 19.43 -8.74 -7.17
CA ASN B 204 19.15 -7.97 -8.37
C ASN B 204 20.00 -6.71 -8.37
N VAL B 205 21.02 -6.67 -9.22
CA VAL B 205 21.94 -5.55 -9.31
C VAL B 205 21.60 -4.74 -10.56
N ASN B 206 21.44 -3.43 -10.39
CA ASN B 206 21.11 -2.52 -11.49
C ASN B 206 22.14 -1.42 -11.52
N HIS B 207 22.73 -1.18 -12.69
CA HIS B 207 23.69 -0.10 -12.90
C HIS B 207 23.20 0.74 -14.07
N LYS B 208 22.70 1.94 -13.77
CA LYS B 208 22.09 2.77 -14.81
C LYS B 208 23.10 3.28 -15.83
N PRO B 209 24.26 3.84 -15.45
CA PRO B 209 25.18 4.34 -16.48
C PRO B 209 25.66 3.28 -17.46
N SER B 210 25.74 2.02 -17.03
CA SER B 210 26.13 0.95 -17.94
C SER B 210 24.92 0.18 -18.47
N ASN B 211 23.71 0.53 -18.03
CA ASN B 211 22.47 -0.10 -18.50
C ASN B 211 22.54 -1.61 -18.30
N THR B 212 22.86 -2.03 -17.08
CA THR B 212 23.14 -3.43 -16.77
C THR B 212 22.19 -3.93 -15.68
N LYS B 213 21.59 -5.09 -15.93
CA LYS B 213 20.69 -5.75 -15.00
C LYS B 213 21.04 -7.22 -14.96
N VAL B 214 21.35 -7.75 -13.79
CA VAL B 214 21.78 -9.14 -13.62
C VAL B 214 21.13 -9.71 -12.36
N ASP B 215 20.72 -10.97 -12.42
CA ASP B 215 20.11 -11.66 -11.28
C ASP B 215 20.92 -12.92 -10.98
N LYS B 216 21.63 -12.93 -9.86
CA LYS B 216 22.38 -14.09 -9.40
C LYS B 216 21.63 -14.83 -8.31
N LYS B 217 21.48 -16.14 -8.48
CA LYS B 217 20.87 -17.00 -7.47
C LYS B 217 21.99 -17.57 -6.60
N VAL B 218 21.81 -17.50 -5.28
CA VAL B 218 22.84 -17.90 -4.33
C VAL B 218 22.36 -19.15 -3.63
N GLU B 219 23.12 -20.24 -3.79
CA GLU B 219 22.77 -21.52 -3.19
C GLU B 219 24.04 -22.28 -2.81
N PRO B 220 23.99 -23.08 -1.76
CA PRO B 220 25.18 -23.84 -1.35
C PRO B 220 25.49 -24.95 -2.34
N LYS B 221 26.76 -25.35 -2.37
CA LYS B 221 27.20 -26.41 -3.26
C LYS B 221 27.04 -27.77 -2.59
N GLU C 3 22.83 49.10 -8.40
CA GLU C 3 24.04 48.90 -7.61
C GLU C 3 23.82 49.39 -6.18
N LEU C 4 24.84 49.97 -5.52
CA LEU C 4 24.60 50.38 -4.14
C LEU C 4 25.15 51.78 -3.88
N GLN C 5 24.43 52.51 -3.03
CA GLN C 5 24.83 53.82 -2.54
C GLN C 5 24.72 53.84 -1.03
N VAL C 6 25.61 54.57 -0.39
CA VAL C 6 25.60 54.80 1.04
C VAL C 6 25.02 56.18 1.31
N ILE C 7 23.90 56.25 2.03
CA ILE C 7 23.12 57.48 2.18
C ILE C 7 23.09 57.88 3.65
N GLN C 8 23.51 59.11 3.94
CA GLN C 8 23.31 59.76 5.22
C GLN C 8 22.29 60.88 5.03
N PRO C 9 21.04 60.68 5.42
CA PRO C 9 20.00 61.69 5.09
C PRO C 9 20.17 62.99 5.83
N ASP C 10 20.65 62.94 7.07
CA ASP C 10 20.76 64.12 7.93
C ASP C 10 22.10 64.82 7.72
N LYS C 11 22.04 66.11 7.42
CA LYS C 11 23.26 66.88 7.23
C LYS C 11 23.75 67.44 8.56
N SER C 12 22.82 67.87 9.42
CA SER C 12 23.18 68.42 10.70
C SER C 12 22.33 67.78 11.77
N VAL C 13 22.89 67.69 12.95
CA VAL C 13 22.15 67.15 14.08
C VAL C 13 22.81 67.67 15.31
N LEU C 14 22.02 68.01 16.29
CA LEU C 14 22.73 68.14 17.54
C LEU C 14 21.86 67.86 18.74
N VAL C 15 22.57 67.92 19.86
CA VAL C 15 22.25 67.16 21.06
C VAL C 15 22.81 67.91 22.25
N ALA C 16 22.05 67.97 23.35
CA ALA C 16 22.62 68.55 24.57
C ALA C 16 23.60 67.58 25.22
N ALA C 17 24.39 68.08 26.16
CA ALA C 17 25.38 67.23 26.82
C ALA C 17 24.68 66.13 27.61
N GLY C 18 25.25 64.93 27.57
CA GLY C 18 24.67 63.79 28.24
C GLY C 18 23.52 63.10 27.52
N GLU C 19 23.13 63.57 26.35
CA GLU C 19 22.05 62.92 25.59
C GLU C 19 22.66 62.02 24.53
N THR C 20 21.78 61.34 23.80
CA THR C 20 22.17 60.40 22.75
C THR C 20 21.87 61.00 21.39
N ALA C 21 22.89 61.05 20.53
CA ALA C 21 22.74 61.56 19.18
C ALA C 21 22.62 60.36 18.24
N THR C 22 21.73 60.48 17.26
CA THR C 22 21.51 59.42 16.30
C THR C 22 22.03 59.88 14.94
N LEU C 23 23.02 59.17 14.42
CA LEU C 23 23.59 59.46 13.10
C LEU C 23 23.16 58.33 12.19
N ARG C 24 22.27 58.62 11.25
CA ARG C 24 21.67 57.57 10.46
C ARG C 24 22.38 57.36 9.13
N CYS C 25 22.37 56.11 8.68
CA CYS C 25 23.03 55.65 7.47
C CYS C 25 22.29 54.45 6.93
N THR C 26 22.04 54.44 5.62
CA THR C 26 21.40 53.32 4.97
C THR C 26 22.11 53.04 3.65
N ALA C 27 22.39 51.76 3.39
CA ALA C 27 23.00 51.32 2.15
C ALA C 27 21.94 50.76 1.21
N THR C 28 22.21 50.85 -0.09
CA THR C 28 21.26 50.34 -1.06
C THR C 28 21.29 48.82 -1.15
N SER C 29 22.47 48.21 -1.05
CA SER C 29 22.61 46.77 -1.23
C SER C 29 23.72 46.26 -0.32
N LEU C 30 23.70 44.96 -0.08
CA LEU C 30 24.74 44.31 0.70
C LEU C 30 25.93 43.90 -0.15
N ILE C 31 25.77 43.75 -1.45
CA ILE C 31 26.85 43.33 -2.34
C ILE C 31 27.39 44.55 -3.08
N PRO C 32 28.72 44.70 -3.23
CA PRO C 32 29.82 43.85 -2.76
C PRO C 32 29.87 43.69 -1.24
N VAL C 33 30.21 42.48 -0.77
CA VAL C 33 30.25 42.21 0.66
C VAL C 33 31.35 43.04 1.30
N GLY C 34 31.04 43.64 2.45
CA GLY C 34 32.01 44.42 3.17
C GLY C 34 31.45 45.08 4.41
N PRO C 35 32.33 45.47 5.34
CA PRO C 35 31.87 46.09 6.58
C PRO C 35 31.56 47.57 6.39
N ILE C 36 30.72 48.07 7.31
CA ILE C 36 30.36 49.47 7.39
C ILE C 36 31.07 50.07 8.61
N GLN C 37 31.80 51.16 8.40
CA GLN C 37 32.53 51.82 9.47
C GLN C 37 32.16 53.30 9.51
N TRP C 38 32.18 53.86 10.71
CA TRP C 38 31.88 55.27 10.94
C TRP C 38 33.14 55.99 11.38
N PHE C 39 33.42 57.13 10.76
CA PHE C 39 34.58 57.93 11.10
C PHE C 39 34.17 59.36 11.37
N ARG C 40 34.97 60.06 12.17
CA ARG C 40 34.80 61.50 12.40
C ARG C 40 35.91 62.21 11.64
N GLY C 41 35.54 63.01 10.66
CA GLY C 41 36.50 63.72 9.82
C GLY C 41 36.80 62.96 8.55
N ALA C 42 37.33 63.69 7.57
CA ALA C 42 37.66 63.14 6.27
C ALA C 42 39.15 62.99 5.99
N GLY C 43 40.02 63.52 6.83
CA GLY C 43 41.42 63.58 6.48
C GLY C 43 42.21 62.38 6.95
N PRO C 44 43.53 62.43 6.78
CA PRO C 44 44.35 61.25 7.08
C PRO C 44 44.26 60.80 8.54
N GLY C 45 44.16 61.75 9.47
CA GLY C 45 44.13 61.39 10.87
C GLY C 45 42.71 61.35 11.39
N ARG C 46 41.83 60.68 10.65
CA ARG C 46 40.45 60.53 11.06
C ARG C 46 40.32 59.45 12.13
N GLU C 47 39.32 59.61 12.98
CA GLU C 47 39.11 58.73 14.13
C GLU C 47 38.03 57.71 13.80
N LEU C 48 38.37 56.42 13.93
CA LEU C 48 37.37 55.38 13.81
C LEU C 48 36.35 55.50 14.94
N ILE C 49 35.08 55.68 14.58
CA ILE C 49 34.05 55.87 15.58
C ILE C 49 33.38 54.55 15.96
N TYR C 50 33.09 53.69 14.97
CA TYR C 50 32.48 52.41 15.27
C TYR C 50 32.95 51.36 14.28
N ASN C 51 33.23 50.17 14.79
CA ASN C 51 33.57 49.00 13.98
C ASN C 51 32.94 47.79 14.65
N GLN C 52 32.22 46.99 13.86
CA GLN C 52 31.42 45.91 14.45
C GLN C 52 32.28 44.76 14.95
N LYS C 53 33.34 44.41 14.21
CA LYS C 53 34.01 43.15 14.49
C LYS C 53 35.07 43.28 15.59
N GLU C 54 35.76 44.42 15.65
CA GLU C 54 36.93 44.53 16.51
C GLU C 54 37.02 45.93 17.09
N GLY C 55 37.59 46.00 18.29
CA GLY C 55 37.64 47.22 19.07
C GLY C 55 36.39 47.38 19.92
N HIS C 56 36.53 48.11 21.01
CA HIS C 56 35.40 48.38 21.89
C HIS C 56 35.02 49.84 21.79
N PHE C 57 33.75 50.10 21.49
CA PHE C 57 33.21 51.44 21.36
C PHE C 57 32.04 51.50 22.32
N PRO C 58 32.27 51.96 23.55
CA PRO C 58 31.23 51.83 24.59
C PRO C 58 30.05 52.74 24.39
N ARG C 59 30.28 53.95 23.90
CA ARG C 59 29.25 54.96 23.76
C ARG C 59 28.48 54.84 22.46
N VAL C 60 28.72 53.79 21.69
CA VAL C 60 28.07 53.61 20.39
C VAL C 60 27.16 52.40 20.49
N THR C 61 25.92 52.58 20.06
CA THR C 61 24.96 51.50 19.99
C THR C 61 24.38 51.50 18.60
N THR C 62 24.14 50.29 18.12
CA THR C 62 23.60 50.10 16.78
C THR C 62 22.09 50.29 16.80
N VAL C 63 21.60 51.17 15.92
CA VAL C 63 20.17 51.49 15.86
C VAL C 63 19.38 50.33 15.27
N SER C 64 19.91 49.65 14.25
CA SER C 64 19.17 48.57 13.61
C SER C 64 18.89 47.44 14.58
N ASP C 65 19.73 47.31 15.61
CA ASP C 65 19.60 46.37 16.72
C ASP C 65 19.86 44.92 16.33
N LEU C 66 19.94 44.04 17.33
CA LEU C 66 20.41 42.68 17.09
C LEU C 66 19.34 41.83 16.43
N THR C 67 19.76 40.71 15.83
CA THR C 67 18.84 39.83 15.08
C THR C 67 18.01 40.60 14.05
N LYS C 68 18.60 41.62 13.44
CA LYS C 68 18.01 42.28 12.27
C LYS C 68 18.58 41.58 11.04
N ARG C 69 17.82 40.65 10.49
CA ARG C 69 18.33 39.79 9.42
C ARG C 69 18.47 40.58 8.13
N ASN C 70 19.59 40.34 7.42
CA ASN C 70 19.89 41.05 6.17
C ASN C 70 19.88 42.56 6.36
N ASN C 71 20.38 43.02 7.50
CA ASN C 71 20.27 44.43 7.85
C ASN C 71 21.00 45.31 6.84
N MET C 72 20.31 46.37 6.40
CA MET C 72 20.89 47.39 5.53
C MET C 72 20.84 48.78 6.16
N ASP C 73 20.26 48.91 7.35
CA ASP C 73 20.26 50.17 8.09
C ASP C 73 21.52 50.23 8.92
N PHE C 74 22.43 51.14 8.59
CA PHE C 74 23.68 51.29 9.31
C PHE C 74 23.72 52.59 10.11
N SER C 75 22.58 52.94 10.70
CA SER C 75 22.51 54.07 11.62
C SER C 75 23.17 53.72 12.94
N ILE C 76 23.83 54.70 13.56
CA ILE C 76 24.46 54.51 14.85
C ILE C 76 23.96 55.56 15.83
N ARG C 77 24.14 55.25 17.10
CA ARG C 77 23.68 56.05 18.23
C ARG C 77 24.86 56.23 19.17
N ILE C 78 25.19 57.48 19.48
CA ILE C 78 26.34 57.77 20.33
C ILE C 78 25.81 58.34 21.64
N GLY C 79 26.00 57.60 22.72
CA GLY C 79 25.46 57.97 24.01
C GLY C 79 26.34 58.95 24.76
N ALA C 80 25.74 59.56 25.78
CA ALA C 80 26.42 60.49 26.68
C ALA C 80 27.31 61.47 25.93
N ILE C 81 26.70 62.35 25.14
CA ILE C 81 27.48 63.23 24.28
C ILE C 81 28.10 64.34 25.10
N THR C 82 29.32 64.71 24.73
CA THR C 82 30.11 65.77 25.33
C THR C 82 30.42 66.83 24.28
N PRO C 83 30.74 68.05 24.69
CA PRO C 83 31.16 69.06 23.70
C PRO C 83 32.35 68.63 22.87
N ALA C 84 33.18 67.71 23.38
CA ALA C 84 34.34 67.25 22.63
C ALA C 84 33.95 66.43 21.41
N ASP C 85 32.83 65.70 21.48
CA ASP C 85 32.43 64.86 20.37
C ASP C 85 31.74 65.61 19.23
N ALA C 86 32.13 66.85 18.97
CA ALA C 86 31.45 67.63 17.96
C ALA C 86 32.28 67.63 16.70
N GLY C 87 31.62 67.52 15.56
CA GLY C 87 32.31 67.42 14.29
C GLY C 87 31.40 66.81 13.24
N THR C 88 32.02 66.37 12.16
CA THR C 88 31.34 65.74 11.03
C THR C 88 31.66 64.25 11.00
N TYR C 89 30.62 63.42 10.95
CA TYR C 89 30.76 61.97 10.97
C TYR C 89 30.42 61.41 9.60
N TYR C 90 31.27 60.51 9.11
CA TYR C 90 31.12 59.91 7.80
C TYR C 90 30.81 58.44 7.92
N CYS C 91 29.76 58.00 7.22
CA CYS C 91 29.40 56.60 7.09
C CYS C 91 30.03 56.07 5.80
N VAL C 92 30.94 55.12 5.93
CA VAL C 92 31.74 54.63 4.80
C VAL C 92 31.51 53.15 4.61
N LYS C 93 31.36 52.73 3.36
CA LYS C 93 31.27 51.32 3.00
C LYS C 93 32.64 50.83 2.53
N PHE C 94 33.02 49.65 3.02
CA PHE C 94 34.27 49.02 2.62
C PHE C 94 34.02 47.77 1.80
N ARG C 95 34.93 47.50 0.88
CA ARG C 95 34.95 46.27 0.10
C ARG C 95 35.91 45.28 0.75
N LYS C 96 35.52 44.01 0.80
CA LYS C 96 36.38 43.01 1.40
C LYS C 96 37.68 42.91 0.61
N GLY C 97 38.80 43.05 1.30
CA GLY C 97 40.06 42.97 0.62
C GLY C 97 41.19 42.42 1.48
N SER C 98 42.09 41.63 0.89
CA SER C 98 43.29 41.29 1.63
C SER C 98 44.21 42.51 1.46
N PRO C 99 45.51 42.38 1.31
CA PRO C 99 46.42 43.36 1.97
C PRO C 99 45.94 44.39 3.04
N ASP C 100 44.68 44.25 3.52
CA ASP C 100 43.78 44.94 4.47
C ASP C 100 42.61 45.39 3.60
N ASP C 101 41.42 45.53 4.19
CA ASP C 101 40.29 46.05 3.43
C ASP C 101 40.52 47.41 2.78
N VAL C 102 39.61 47.76 1.86
CA VAL C 102 39.69 48.95 1.02
C VAL C 102 38.38 49.73 1.10
N GLU C 103 38.49 51.07 1.06
CA GLU C 103 37.31 51.95 1.11
C GLU C 103 36.59 51.95 -0.24
N PHE C 104 35.27 51.96 -0.20
CA PHE C 104 34.47 51.78 -1.42
C PHE C 104 33.57 52.98 -1.68
N LYS C 105 32.64 53.30 -0.79
CA LYS C 105 31.76 54.46 -0.95
C LYS C 105 31.51 55.07 0.41
N SER C 106 31.48 56.41 0.46
CA SER C 106 31.28 57.17 1.68
C SER C 106 30.07 58.07 1.56
N GLY C 107 29.32 58.20 2.65
CA GLY C 107 28.17 59.07 2.68
C GLY C 107 28.58 60.54 2.71
N ALA C 108 27.59 61.40 2.48
CA ALA C 108 27.86 62.84 2.45
C ALA C 108 28.41 63.33 3.78
N GLY C 109 27.80 62.92 4.88
CA GLY C 109 28.27 63.29 6.19
C GLY C 109 27.22 64.01 7.03
N THR C 110 27.27 63.81 8.34
CA THR C 110 26.31 64.41 9.26
C THR C 110 27.04 65.29 10.25
N GLU C 111 26.72 66.57 10.26
CA GLU C 111 27.30 67.52 11.21
C GLU C 111 26.70 67.30 12.60
N LEU C 112 27.56 67.10 13.58
CA LEU C 112 27.16 67.01 14.98
C LEU C 112 27.82 68.18 15.69
N SER C 113 27.10 68.80 16.60
CA SER C 113 27.57 70.00 17.27
C SER C 113 27.46 69.68 18.80
N VAL C 114 27.53 70.67 19.73
CA VAL C 114 26.92 70.49 21.05
C VAL C 114 26.54 71.85 21.60
N ARG C 115 25.27 71.99 21.99
CA ARG C 115 24.71 73.23 22.49
C ARG C 115 23.65 73.03 23.60
N GLU D 1 -19.16 -1.60 -2.02
CA GLU D 1 -18.10 -2.38 -1.39
C GLU D 1 -18.26 -3.89 -1.59
N ILE D 2 -17.13 -4.59 -1.54
CA ILE D 2 -17.09 -6.05 -1.60
C ILE D 2 -16.91 -6.57 -0.18
N VAL D 3 -17.90 -7.28 0.33
CA VAL D 3 -17.86 -7.81 1.68
C VAL D 3 -17.31 -9.22 1.62
N LEU D 4 -16.43 -9.55 2.57
CA LEU D 4 -15.77 -10.85 2.63
C LEU D 4 -16.30 -11.64 3.81
N THR D 5 -16.71 -12.88 3.55
CA THR D 5 -17.25 -13.78 4.57
C THR D 5 -16.30 -14.95 4.73
N GLN D 6 -15.89 -15.19 5.98
CA GLN D 6 -14.94 -16.26 6.31
C GLN D 6 -15.64 -17.37 7.09
N SER D 7 -15.53 -18.59 6.59
CA SER D 7 -16.09 -19.74 7.29
C SER D 7 -15.04 -20.83 7.44
N PRO D 8 -15.08 -21.60 8.54
CA PRO D 8 -15.95 -21.34 9.68
C PRO D 8 -15.35 -20.23 10.56
N ALA D 9 -16.16 -19.64 11.45
CA ALA D 9 -15.64 -18.56 12.29
C ALA D 9 -14.55 -19.06 13.22
N THR D 10 -14.75 -20.21 13.86
CA THR D 10 -13.73 -20.84 14.68
C THR D 10 -13.49 -22.27 14.20
N LEU D 11 -12.22 -22.67 14.18
CA LEU D 11 -11.82 -23.99 13.73
C LEU D 11 -10.85 -24.58 14.74
N SER D 12 -11.24 -25.70 15.34
CA SER D 12 -10.46 -26.36 16.39
C SER D 12 -9.78 -27.59 15.80
N VAL D 13 -8.44 -27.59 15.81
CA VAL D 13 -7.66 -28.68 15.23
C VAL D 13 -6.60 -29.11 16.24
N SER D 14 -6.23 -30.39 16.18
CA SER D 14 -5.14 -30.87 16.99
C SER D 14 -3.81 -30.45 16.37
N PRO D 15 -2.78 -30.24 17.18
CA PRO D 15 -1.47 -29.89 16.62
C PRO D 15 -0.89 -31.01 15.77
N GLY D 16 -0.23 -30.62 14.68
CA GLY D 16 0.32 -31.57 13.73
C GLY D 16 -0.63 -32.01 12.65
N GLU D 17 -1.87 -31.53 12.66
CA GLU D 17 -2.83 -31.84 11.62
C GLU D 17 -2.89 -30.68 10.62
N ARG D 18 -3.97 -30.62 9.85
CA ARG D 18 -4.09 -29.65 8.76
C ARG D 18 -5.40 -28.89 8.91
N ALA D 19 -5.33 -27.57 8.67
CA ALA D 19 -6.47 -26.68 8.85
C ALA D 19 -6.80 -25.99 7.54
N THR D 20 -8.07 -26.00 7.16
CA THR D 20 -8.54 -25.38 5.92
C THR D 20 -9.75 -24.51 6.25
N PHE D 21 -9.66 -23.23 5.90
CA PHE D 21 -10.77 -22.30 6.05
C PHE D 21 -10.88 -21.46 4.79
N SER D 22 -12.07 -20.93 4.55
CA SER D 22 -12.38 -20.27 3.28
C SER D 22 -12.78 -18.82 3.50
N CYS D 23 -12.51 -18.01 2.48
CA CYS D 23 -12.96 -16.61 2.41
C CYS D 23 -13.82 -16.47 1.16
N ARG D 24 -15.10 -16.19 1.35
CA ARG D 24 -16.03 -16.02 0.25
C ARG D 24 -16.27 -14.55 -0.01
N ALA D 25 -16.40 -14.18 -1.28
CA ALA D 25 -16.63 -12.81 -1.72
C ALA D 25 -18.06 -12.67 -2.24
N SER D 26 -18.50 -11.42 -2.35
CA SER D 26 -19.83 -11.14 -2.88
C SER D 26 -19.78 -10.69 -4.33
N GLN D 27 -18.67 -10.10 -4.77
CA GLN D 27 -18.29 -10.12 -6.17
C GLN D 27 -16.79 -10.40 -6.26
N ASN D 28 -16.00 -9.44 -6.73
CA ASN D 28 -14.57 -9.63 -6.97
C ASN D 28 -14.40 -10.77 -7.96
N VAL D 29 -14.32 -10.42 -9.25
CA VAL D 29 -14.37 -11.43 -10.30
C VAL D 29 -13.13 -12.31 -10.32
N LYS D 30 -11.98 -11.80 -9.87
CA LYS D 30 -10.75 -12.58 -9.97
C LYS D 30 -9.58 -11.99 -9.17
N ASN D 31 -8.91 -12.86 -8.39
CA ASN D 31 -7.49 -12.77 -8.04
C ASN D 31 -7.13 -12.04 -6.75
N ASP D 32 -7.62 -10.82 -6.58
CA ASP D 32 -6.99 -9.84 -5.67
C ASP D 32 -7.38 -10.05 -4.21
N LEU D 33 -6.90 -11.15 -3.63
CA LEU D 33 -7.13 -11.46 -2.23
C LEU D 33 -5.81 -11.65 -1.50
N ALA D 34 -5.73 -11.16 -0.26
CA ALA D 34 -4.56 -11.26 0.59
C ALA D 34 -4.94 -11.86 1.93
N TRP D 35 -4.03 -12.64 2.50
CA TRP D 35 -4.24 -13.31 3.77
C TRP D 35 -3.33 -12.73 4.84
N TYR D 36 -3.83 -12.70 6.09
CA TYR D 36 -3.09 -12.15 7.21
C TYR D 36 -3.21 -13.08 8.41
N GLN D 37 -2.16 -13.13 9.22
CA GLN D 37 -2.12 -13.88 10.46
C GLN D 37 -1.88 -12.92 11.60
N GLN D 38 -2.71 -13.01 12.65
CA GLN D 38 -2.57 -12.15 13.80
C GLN D 38 -2.62 -12.97 15.08
N ARG D 39 -1.58 -12.82 15.90
CA ARG D 39 -1.46 -13.45 17.21
C ARG D 39 -1.99 -12.54 18.30
N PRO D 40 -2.33 -13.07 19.47
CA PRO D 40 -2.94 -12.23 20.52
C PRO D 40 -2.06 -11.08 20.92
N GLY D 41 -2.62 -9.86 20.86
CA GLY D 41 -1.89 -8.67 21.25
C GLY D 41 -0.78 -8.24 20.31
N GLN D 42 -0.72 -8.78 19.10
CA GLN D 42 0.33 -8.45 18.15
C GLN D 42 -0.28 -7.94 16.85
N ALA D 43 0.53 -7.21 16.08
CA ALA D 43 0.05 -6.69 14.82
C ALA D 43 -0.01 -7.81 13.77
N PRO D 44 -0.91 -7.70 12.81
CA PRO D 44 -0.98 -8.70 11.74
C PRO D 44 0.23 -8.63 10.83
N ARG D 45 0.55 -9.77 10.23
CA ARG D 45 1.54 -9.83 9.16
C ARG D 45 0.93 -10.55 7.98
N LEU D 46 1.16 -10.03 6.78
CA LEU D 46 0.64 -10.67 5.58
C LEU D 46 1.34 -12.00 5.36
N LEU D 47 0.57 -13.02 5.06
CA LEU D 47 1.11 -14.34 4.76
C LEU D 47 1.16 -14.58 3.26
N ILE D 48 0.03 -14.41 2.59
CA ILE D 48 -0.13 -14.70 1.17
C ILE D 48 -0.76 -13.49 0.51
N TYR D 49 -0.26 -13.15 -0.67
CA TYR D 49 -0.85 -12.11 -1.51
C TYR D 49 -1.09 -12.68 -2.90
N ALA D 50 -2.00 -12.03 -3.63
CA ALA D 50 -2.40 -12.50 -4.95
C ALA D 50 -2.88 -13.94 -4.89
N ALA D 51 -3.72 -14.22 -3.89
CA ALA D 51 -4.41 -15.49 -3.71
C ALA D 51 -3.48 -16.65 -3.34
N ARG D 52 -2.45 -16.90 -4.15
CA ARG D 52 -1.68 -18.13 -4.03
C ARG D 52 -0.18 -17.94 -3.78
N ILE D 53 0.31 -16.71 -3.72
CA ILE D 53 1.75 -16.44 -3.60
C ILE D 53 2.05 -15.99 -2.18
N ARG D 54 3.03 -16.64 -1.56
CA ARG D 54 3.40 -16.35 -0.18
C ARG D 54 4.53 -15.33 -0.11
N GLU D 55 4.55 -14.59 0.99
CA GLU D 55 5.53 -13.58 1.27
C GLU D 55 6.82 -14.23 1.78
N THR D 56 7.93 -13.51 1.62
CA THR D 56 9.22 -13.99 2.09
C THR D 56 9.18 -14.23 3.59
N GLY D 57 9.87 -15.26 4.04
CA GLY D 57 9.87 -15.58 5.45
C GLY D 57 8.66 -16.33 5.93
N ILE D 58 7.76 -16.73 5.04
CA ILE D 58 6.55 -17.45 5.40
C ILE D 58 6.79 -18.93 5.16
N PRO D 59 6.47 -19.81 6.11
CA PRO D 59 6.81 -21.23 5.96
C PRO D 59 6.07 -21.87 4.78
N GLU D 60 6.65 -22.97 4.29
CA GLU D 60 6.09 -23.67 3.15
C GLU D 60 4.75 -24.32 3.46
N ARG D 61 4.41 -24.49 4.74
CA ARG D 61 3.14 -25.11 5.10
C ARG D 61 1.95 -24.28 4.64
N PHE D 62 2.04 -22.97 4.81
CA PHE D 62 0.96 -22.09 4.38
C PHE D 62 0.87 -22.04 2.87
N SER D 63 -0.35 -22.20 2.36
CA SER D 63 -0.61 -22.20 0.93
C SER D 63 -1.98 -21.56 0.70
N GLY D 64 -2.05 -20.70 -0.31
CA GLY D 64 -3.30 -20.03 -0.66
C GLY D 64 -3.81 -20.58 -1.97
N SER D 65 -5.13 -20.59 -2.11
CA SER D 65 -5.75 -21.16 -3.30
C SER D 65 -7.11 -20.51 -3.51
N GLY D 66 -7.59 -20.61 -4.73
CA GLY D 66 -8.90 -20.10 -5.07
C GLY D 66 -8.83 -18.95 -6.06
N SER D 67 -9.95 -18.73 -6.74
CA SER D 67 -10.08 -17.61 -7.67
C SER D 67 -11.52 -17.13 -7.64
N GLY D 68 -11.74 -16.00 -8.30
CA GLY D 68 -13.06 -15.42 -8.34
C GLY D 68 -13.57 -14.93 -7.00
N THR D 69 -14.60 -15.59 -6.48
CA THR D 69 -15.23 -15.20 -5.23
C THR D 69 -14.83 -16.11 -4.08
N GLU D 70 -14.33 -17.28 -4.41
CA GLU D 70 -14.20 -18.37 -3.48
C GLU D 70 -12.71 -18.60 -3.26
N PHE D 71 -12.27 -18.55 -2.00
CA PHE D 71 -10.85 -18.72 -1.71
C PHE D 71 -10.64 -19.56 -0.46
N THR D 72 -9.42 -20.08 -0.33
CA THR D 72 -9.13 -21.05 0.70
C THR D 72 -7.66 -20.90 1.11
N LEU D 73 -7.39 -21.04 2.42
CA LEU D 73 -6.05 -21.04 2.96
C LEU D 73 -5.82 -22.36 3.70
N THR D 74 -4.68 -22.99 3.44
CA THR D 74 -4.41 -24.33 3.96
C THR D 74 -3.09 -24.33 4.72
N ILE D 75 -3.07 -25.00 5.87
CA ILE D 75 -1.86 -25.16 6.67
C ILE D 75 -1.59 -26.66 6.79
N THR D 76 -0.45 -27.12 6.25
CA THR D 76 -0.17 -28.55 6.22
C THR D 76 0.05 -29.11 7.63
N SER D 77 0.99 -28.55 8.40
CA SER D 77 1.32 -29.06 9.73
C SER D 77 1.29 -27.91 10.73
N LEU D 78 0.20 -27.82 11.49
CA LEU D 78 0.05 -26.74 12.46
C LEU D 78 0.93 -26.95 13.68
N GLN D 79 1.66 -25.91 14.06
CA GLN D 79 2.39 -25.86 15.32
C GLN D 79 1.79 -24.80 16.23
N SER D 80 2.35 -24.70 17.44
CA SER D 80 1.79 -23.85 18.47
C SER D 80 1.65 -22.39 18.03
N GLU D 81 2.59 -21.89 17.21
CA GLU D 81 2.46 -20.49 16.81
C GLU D 81 1.34 -20.29 15.80
N ASP D 82 0.96 -21.33 15.05
CA ASP D 82 -0.03 -21.17 14.00
C ASP D 82 -1.43 -20.92 14.54
N PHE D 83 -1.68 -21.23 15.81
CA PHE D 83 -3.01 -21.07 16.38
C PHE D 83 -3.22 -19.58 16.62
N ALA D 84 -3.96 -18.94 15.72
CA ALA D 84 -4.17 -17.50 15.76
C ALA D 84 -5.39 -17.17 14.90
N VAL D 85 -5.64 -15.87 14.71
CA VAL D 85 -6.75 -15.39 13.88
C VAL D 85 -6.23 -15.07 12.49
N TYR D 86 -7.01 -15.45 11.48
CA TYR D 86 -6.62 -15.29 10.09
C TYR D 86 -7.66 -14.46 9.36
N TYR D 87 -7.21 -13.42 8.67
CA TYR D 87 -8.09 -12.51 7.94
C TYR D 87 -7.76 -12.54 6.45
N CYS D 88 -8.81 -12.38 5.64
CA CYS D 88 -8.66 -12.19 4.21
C CYS D 88 -8.97 -10.74 3.85
N GLN D 89 -8.22 -10.18 2.92
CA GLN D 89 -8.38 -8.80 2.50
C GLN D 89 -8.38 -8.72 0.99
N GLN D 90 -9.37 -8.04 0.42
CA GLN D 90 -9.47 -7.84 -1.01
C GLN D 90 -9.07 -6.43 -1.39
N TYR D 91 -8.37 -6.30 -2.52
CA TYR D 91 -7.98 -5.00 -3.06
C TYR D 91 -8.40 -4.87 -4.52
N TYR D 92 -9.43 -5.62 -4.93
CA TYR D 92 -9.90 -5.58 -6.31
C TYR D 92 -10.69 -4.31 -6.61
N ASP D 93 -11.61 -3.93 -5.72
CA ASP D 93 -12.50 -2.80 -5.92
C ASP D 93 -12.43 -1.94 -4.67
N TRP D 94 -11.87 -0.73 -4.79
CA TRP D 94 -11.72 0.04 -3.56
C TRP D 94 -11.54 1.54 -3.76
N PRO D 95 -12.50 2.34 -3.33
CA PRO D 95 -11.91 3.23 -2.33
C PRO D 95 -11.94 2.54 -0.94
N PRO D 96 -13.04 1.81 -0.56
CA PRO D 96 -13.05 1.09 0.73
C PRO D 96 -12.39 -0.27 0.65
N PHE D 97 -11.24 -0.39 1.32
CA PHE D 97 -10.66 -1.72 1.55
C PHE D 97 -11.53 -2.47 2.55
N THR D 98 -11.71 -3.77 2.31
CA THR D 98 -12.57 -4.60 3.16
C THR D 98 -11.84 -5.85 3.60
N PHE D 99 -11.98 -6.17 4.89
CA PHE D 99 -11.36 -7.35 5.48
C PHE D 99 -12.43 -8.39 5.80
N GLY D 100 -12.01 -9.65 5.84
CA GLY D 100 -12.91 -10.72 6.22
C GLY D 100 -13.19 -10.74 7.70
N GLY D 101 -14.23 -11.48 8.07
CA GLY D 101 -14.61 -11.59 9.47
C GLY D 101 -13.53 -12.19 10.34
N GLY D 102 -12.76 -13.12 9.80
CA GLY D 102 -11.67 -13.71 10.56
C GLY D 102 -11.99 -15.14 10.97
N THR D 103 -10.98 -15.99 10.93
CA THR D 103 -11.09 -17.37 11.39
C THR D 103 -10.09 -17.59 12.52
N LYS D 104 -10.59 -18.08 13.65
CA LYS D 104 -9.75 -18.34 14.82
C LYS D 104 -9.42 -19.83 14.84
N VAL D 105 -8.14 -20.14 14.65
CA VAL D 105 -7.67 -21.53 14.68
C VAL D 105 -7.38 -21.87 16.14
N GLU D 106 -8.31 -22.56 16.78
CA GLU D 106 -8.16 -22.97 18.16
C GLU D 106 -7.55 -24.36 18.26
N ILE D 107 -7.04 -24.68 19.44
CA ILE D 107 -6.46 -26.00 19.70
C ILE D 107 -7.57 -26.93 20.16
N LYS D 108 -7.65 -28.11 19.54
CA LYS D 108 -8.66 -29.10 19.84
C LYS D 108 -8.14 -30.11 20.85
N ARG D 109 -8.96 -30.39 21.87
CA ARG D 109 -8.60 -31.29 22.95
C ARG D 109 -9.83 -32.09 23.35
N THR D 110 -9.64 -33.03 24.26
CA THR D 110 -10.75 -33.83 24.78
C THR D 110 -11.71 -32.97 25.58
N VAL D 111 -12.95 -33.45 25.69
CA VAL D 111 -14.02 -32.71 26.37
C VAL D 111 -13.70 -32.56 27.85
N ALA D 112 -14.04 -31.39 28.40
CA ALA D 112 -13.78 -31.07 29.80
C ALA D 112 -15.03 -30.56 30.48
N ALA D 113 -15.40 -31.19 31.56
CA ALA D 113 -16.51 -30.68 32.33
C ALA D 113 -16.04 -29.50 33.18
N PRO D 114 -16.80 -28.41 33.26
CA PRO D 114 -16.39 -27.27 34.07
C PRO D 114 -16.62 -27.50 35.55
N SER D 115 -15.77 -26.88 36.36
CA SER D 115 -15.97 -26.81 37.80
C SER D 115 -16.67 -25.49 38.12
N VAL D 116 -17.88 -25.56 38.64
CA VAL D 116 -18.72 -24.38 38.84
C VAL D 116 -18.57 -23.89 40.26
N PHE D 117 -18.37 -22.58 40.42
CA PHE D 117 -18.25 -21.97 41.73
C PHE D 117 -19.09 -20.71 41.76
N ILE D 118 -19.69 -20.41 42.91
CA ILE D 118 -20.50 -19.22 43.10
C ILE D 118 -19.91 -18.42 44.26
N PHE D 119 -19.95 -17.10 44.15
CA PHE D 119 -19.42 -16.22 45.19
C PHE D 119 -20.47 -15.18 45.51
N PRO D 120 -20.97 -15.11 46.74
CA PRO D 120 -21.91 -14.06 47.11
C PRO D 120 -21.18 -12.74 47.28
N PRO D 121 -21.90 -11.62 47.26
CA PRO D 121 -21.22 -10.34 47.49
C PRO D 121 -20.63 -10.25 48.88
N SER D 122 -19.42 -9.68 48.96
CA SER D 122 -18.73 -9.53 50.24
C SER D 122 -19.45 -8.49 51.10
N ASP D 123 -19.23 -8.59 52.41
CA ASP D 123 -19.88 -7.66 53.34
C ASP D 123 -19.48 -6.20 53.10
N GLU D 124 -18.22 -5.92 52.74
CA GLU D 124 -17.88 -4.51 52.53
C GLU D 124 -18.46 -3.95 51.24
N GLN D 125 -18.58 -4.77 50.18
CA GLN D 125 -19.17 -4.24 48.96
C GLN D 125 -20.62 -3.82 49.21
N LEU D 126 -21.33 -4.55 50.07
CA LEU D 126 -22.67 -4.15 50.45
C LEU D 126 -22.70 -2.82 51.19
N LYS D 127 -21.59 -2.45 51.84
CA LYS D 127 -21.51 -1.13 52.47
C LYS D 127 -21.50 -0.02 51.43
N SER D 128 -20.98 -0.29 50.23
CA SER D 128 -20.95 0.71 49.18
C SER D 128 -22.31 0.93 48.52
N GLY D 129 -23.21 -0.04 48.61
CA GLY D 129 -24.54 0.08 48.04
C GLY D 129 -24.80 -0.73 46.79
N THR D 130 -23.84 -1.54 46.34
CA THR D 130 -24.02 -2.37 45.16
C THR D 130 -23.63 -3.80 45.50
N ALA D 131 -24.33 -4.77 44.91
CA ALA D 131 -24.08 -6.18 45.14
C ALA D 131 -23.73 -6.86 43.82
N SER D 132 -22.57 -7.50 43.78
CA SER D 132 -22.11 -8.24 42.62
C SER D 132 -22.05 -9.73 42.98
N VAL D 133 -22.73 -10.55 42.19
CA VAL D 133 -22.74 -11.99 42.37
C VAL D 133 -21.97 -12.61 41.22
N VAL D 134 -20.92 -13.36 41.54
CA VAL D 134 -20.00 -13.92 40.55
C VAL D 134 -20.13 -15.44 40.57
N CYS D 135 -20.25 -16.03 39.39
CA CYS D 135 -20.24 -17.47 39.21
C CYS D 135 -19.11 -17.83 38.28
N LEU D 136 -18.37 -18.88 38.61
CA LEU D 136 -17.12 -19.19 37.92
C LEU D 136 -17.23 -20.54 37.22
N LEU D 137 -16.90 -20.55 35.94
CA LEU D 137 -16.75 -21.78 35.18
C LEU D 137 -15.28 -21.94 34.89
N ASN D 138 -14.68 -23.02 35.39
CA ASN D 138 -13.24 -23.18 35.36
C ASN D 138 -12.88 -24.47 34.65
N ASN D 139 -11.93 -24.35 33.73
CA ASN D 139 -11.29 -25.47 33.06
C ASN D 139 -12.29 -26.41 32.37
N PHE D 140 -12.84 -25.88 31.27
CA PHE D 140 -13.80 -26.62 30.45
C PHE D 140 -13.42 -26.44 28.99
N TYR D 141 -13.72 -27.48 28.19
CA TYR D 141 -13.54 -27.48 26.70
C TYR D 141 -14.72 -28.18 26.07
N PRO D 142 -15.23 -27.65 24.98
CA PRO D 142 -14.77 -26.40 24.34
C PRO D 142 -15.44 -25.23 24.98
N ARG D 143 -15.49 -24.10 24.25
CA ARG D 143 -15.98 -22.84 24.77
C ARG D 143 -17.50 -22.79 24.91
N GLU D 144 -18.28 -23.44 24.04
CA GLU D 144 -19.73 -23.28 24.07
C GLU D 144 -20.29 -23.70 25.43
N ALA D 145 -20.89 -22.74 26.14
CA ALA D 145 -21.47 -22.98 27.45
C ALA D 145 -22.59 -21.98 27.66
N LYS D 146 -23.64 -22.42 28.34
CA LYS D 146 -24.79 -21.57 28.64
C LYS D 146 -24.89 -21.40 30.14
N VAL D 147 -24.78 -20.15 30.60
CA VAL D 147 -24.98 -19.82 32.01
C VAL D 147 -26.11 -18.81 32.10
N GLN D 148 -26.90 -18.93 33.18
CA GLN D 148 -28.04 -18.04 33.38
C GLN D 148 -28.21 -17.82 34.88
N TRP D 149 -28.64 -16.61 35.23
CA TRP D 149 -28.83 -16.21 36.61
C TRP D 149 -30.30 -16.26 36.96
N LYS D 150 -30.63 -16.92 38.07
CA LYS D 150 -31.99 -16.98 38.58
C LYS D 150 -32.00 -16.54 40.03
N VAL D 151 -32.90 -15.63 40.36
CA VAL D 151 -33.08 -15.14 41.73
C VAL D 151 -34.49 -15.56 42.15
N ASP D 152 -34.57 -16.49 43.11
CA ASP D 152 -35.83 -17.11 43.48
C ASP D 152 -36.54 -17.70 42.26
N ASN D 153 -35.79 -18.55 41.53
CA ASN D 153 -36.23 -19.24 40.30
C ASN D 153 -36.87 -18.28 39.30
N ALA D 154 -36.44 -17.02 39.33
CA ALA D 154 -36.89 -16.00 38.39
C ALA D 154 -35.69 -15.64 37.53
N LEU D 155 -35.82 -15.88 36.23
CA LEU D 155 -34.71 -15.67 35.31
C LEU D 155 -34.31 -14.21 35.25
N GLN D 156 -33.00 -13.97 35.21
CA GLN D 156 -32.43 -12.62 35.18
C GLN D 156 -31.98 -12.30 33.76
N SER D 157 -32.37 -11.12 33.27
CA SER D 157 -32.03 -10.67 31.93
C SER D 157 -31.58 -9.22 31.98
N GLY D 158 -30.44 -8.93 31.33
CA GLY D 158 -29.95 -7.58 31.22
C GLY D 158 -29.12 -7.07 32.37
N ASN D 159 -28.89 -7.89 33.41
CA ASN D 159 -28.11 -7.46 34.57
C ASN D 159 -26.89 -8.35 34.80
N SER D 160 -26.44 -9.07 33.79
CA SER D 160 -25.27 -9.93 33.91
C SER D 160 -24.38 -9.76 32.69
N GLN D 161 -23.08 -9.95 32.90
CA GLN D 161 -22.09 -9.91 31.84
C GLN D 161 -21.18 -11.13 31.95
N GLU D 162 -20.64 -11.56 30.81
CA GLU D 162 -19.70 -12.67 30.77
C GLU D 162 -18.35 -12.23 30.23
N SER D 163 -17.31 -12.82 30.80
CA SER D 163 -15.94 -12.64 30.33
C SER D 163 -15.32 -14.02 30.15
N VAL D 164 -14.58 -14.20 29.05
CA VAL D 164 -14.02 -15.49 28.69
C VAL D 164 -12.51 -15.33 28.54
N THR D 165 -11.76 -16.25 29.12
CA THR D 165 -10.32 -16.26 28.97
C THR D 165 -9.93 -16.90 27.65
N GLU D 166 -8.77 -16.50 27.14
CA GLU D 166 -8.23 -17.14 25.94
C GLU D 166 -7.82 -18.57 26.28
N GLN D 167 -7.62 -19.36 25.22
CA GLN D 167 -7.32 -20.77 25.41
C GLN D 167 -6.00 -20.93 26.16
N ASP D 168 -6.01 -21.75 27.20
CA ASP D 168 -4.85 -21.88 28.09
C ASP D 168 -3.66 -22.46 27.34
N SER D 169 -2.47 -21.96 27.67
CA SER D 169 -1.27 -22.36 26.95
C SER D 169 -0.87 -23.80 27.25
N LYS D 170 -1.19 -24.31 28.44
CA LYS D 170 -0.75 -25.65 28.83
C LYS D 170 -1.76 -26.72 28.43
N ASP D 171 -2.98 -26.60 28.92
CA ASP D 171 -4.01 -27.62 28.73
C ASP D 171 -5.10 -27.21 27.75
N SER D 172 -4.99 -26.05 27.10
CA SER D 172 -5.92 -25.62 26.04
C SER D 172 -7.34 -25.46 26.57
N THR D 173 -7.44 -24.77 27.69
CA THR D 173 -8.70 -24.60 28.39
C THR D 173 -9.36 -23.25 28.16
N TYR D 174 -10.64 -23.19 28.52
CA TYR D 174 -11.36 -21.95 28.64
C TYR D 174 -11.84 -21.79 30.08
N SER D 175 -12.07 -20.54 30.47
CA SER D 175 -12.66 -20.21 31.76
C SER D 175 -13.61 -19.04 31.62
N LEU D 176 -14.78 -19.16 32.25
CA LEU D 176 -15.81 -18.13 32.16
C LEU D 176 -16.23 -17.67 33.54
N SER D 177 -16.45 -16.36 33.66
CA SER D 177 -16.98 -15.76 34.88
C SER D 177 -18.20 -14.94 34.47
N SER D 178 -19.33 -15.21 35.09
CA SER D 178 -20.55 -14.44 34.86
C SER D 178 -20.84 -13.64 36.11
N THR D 179 -20.80 -12.32 35.98
CA THR D 179 -20.97 -11.42 37.11
C THR D 179 -22.35 -10.77 37.03
N LEU D 180 -23.17 -11.04 38.03
CA LEU D 180 -24.51 -10.47 38.14
C LEU D 180 -24.44 -9.29 39.09
N THR D 181 -24.75 -8.10 38.59
CA THR D 181 -24.65 -6.88 39.38
C THR D 181 -26.04 -6.33 39.65
N LEU D 182 -26.41 -6.24 40.92
CA LEU D 182 -27.70 -5.73 41.34
C LEU D 182 -27.50 -4.68 42.43
N SER D 183 -28.54 -3.90 42.68
CA SER D 183 -28.49 -2.96 43.79
C SER D 183 -28.61 -3.69 45.12
N LYS D 184 -28.09 -3.05 46.18
CA LYS D 184 -28.18 -3.61 47.51
C LYS D 184 -29.63 -3.81 47.95
N ALA D 185 -30.48 -2.83 47.66
CA ALA D 185 -31.90 -2.96 48.00
C ALA D 185 -32.53 -4.14 47.29
N ASP D 186 -32.18 -4.34 46.02
CA ASP D 186 -32.68 -5.50 45.29
C ASP D 186 -32.11 -6.80 45.87
N TYR D 187 -30.85 -6.76 46.31
CA TYR D 187 -30.21 -7.98 46.81
C TYR D 187 -30.84 -8.44 48.12
N GLU D 188 -31.22 -7.50 48.98
CA GLU D 188 -31.76 -7.85 50.28
C GLU D 188 -33.20 -8.34 50.22
N LYS D 189 -33.87 -8.19 49.07
CA LYS D 189 -35.27 -8.55 48.93
C LYS D 189 -35.46 -10.05 48.75
N HIS D 190 -34.46 -10.75 48.25
CA HIS D 190 -34.55 -12.16 47.90
C HIS D 190 -33.59 -12.99 48.74
N LYS D 191 -33.82 -14.30 48.73
CA LYS D 191 -33.09 -15.25 49.57
C LYS D 191 -32.10 -16.08 48.78
N VAL D 192 -32.56 -16.76 47.73
CA VAL D 192 -31.76 -17.77 47.03
C VAL D 192 -31.23 -17.19 45.73
N TYR D 193 -29.95 -17.44 45.46
CA TYR D 193 -29.28 -16.99 44.23
C TYR D 193 -28.55 -18.18 43.63
N ALA D 194 -28.92 -18.53 42.41
CA ALA D 194 -28.42 -19.75 41.76
C ALA D 194 -27.79 -19.41 40.42
N CYS D 195 -26.72 -20.13 40.09
CA CYS D 195 -26.04 -20.04 38.79
C CYS D 195 -26.20 -21.38 38.07
N GLU D 196 -26.95 -21.38 36.97
CA GLU D 196 -27.21 -22.57 36.18
C GLU D 196 -26.22 -22.68 35.03
N VAL D 197 -25.57 -23.84 34.89
CA VAL D 197 -24.53 -24.07 33.90
C VAL D 197 -24.83 -25.33 33.09
N THR D 198 -24.80 -25.20 31.75
CA THR D 198 -24.97 -26.32 30.82
C THR D 198 -23.76 -26.39 29.90
N HIS D 199 -23.15 -27.57 29.78
CA HIS D 199 -21.93 -27.77 28.98
C HIS D 199 -21.93 -29.18 28.40
N GLN D 200 -21.03 -29.43 27.41
CA GLN D 200 -21.02 -30.76 26.79
C GLN D 200 -20.63 -31.77 27.85
N GLY D 201 -19.71 -31.35 28.73
CA GLY D 201 -18.94 -32.25 29.57
C GLY D 201 -19.70 -32.77 30.73
N LEU D 202 -20.80 -32.13 31.08
CA LEU D 202 -21.63 -32.56 32.17
C LEU D 202 -22.84 -33.28 31.62
N SER D 203 -23.19 -34.40 32.27
CA SER D 203 -24.37 -35.16 31.90
C SER D 203 -25.65 -34.35 32.10
N SER D 204 -25.77 -33.65 33.22
CA SER D 204 -26.93 -32.81 33.46
C SER D 204 -26.49 -31.41 33.85
N PRO D 205 -27.33 -30.41 33.61
CA PRO D 205 -26.99 -29.04 34.03
C PRO D 205 -26.71 -28.97 35.52
N VAL D 206 -25.71 -28.18 35.88
CA VAL D 206 -25.31 -27.99 37.26
C VAL D 206 -25.80 -26.64 37.74
N THR D 207 -26.39 -26.63 38.92
CA THR D 207 -26.87 -25.41 39.55
C THR D 207 -26.05 -25.16 40.81
N LYS D 208 -25.50 -23.96 40.92
CA LYS D 208 -24.76 -23.52 42.10
C LYS D 208 -25.55 -22.39 42.75
N SER D 209 -26.06 -22.66 43.95
CA SER D 209 -26.91 -21.74 44.66
C SER D 209 -26.40 -21.53 46.07
N PHE D 210 -26.71 -20.37 46.62
CA PHE D 210 -26.44 -20.07 48.02
C PHE D 210 -27.63 -19.31 48.58
N ASN D 211 -27.91 -19.53 49.85
CA ASN D 211 -28.93 -18.75 50.54
C ASN D 211 -28.28 -17.54 51.19
N ARG D 212 -28.96 -16.40 51.11
CA ARG D 212 -28.44 -15.15 51.64
C ARG D 212 -28.49 -15.15 53.17
N GLY D 213 -27.40 -15.57 53.79
CA GLY D 213 -27.29 -15.63 55.24
C GLY D 213 -26.78 -16.96 55.75
N VAL E 2 12.52 -2.57 7.83
CA VAL E 2 11.28 -1.78 7.73
C VAL E 2 10.66 -1.65 9.12
N GLN E 3 10.37 -0.40 9.52
CA GLN E 3 9.76 -0.14 10.81
C GLN E 3 8.78 1.01 10.71
N LEU E 4 7.65 0.85 11.41
CA LEU E 4 6.62 1.88 11.53
C LEU E 4 6.34 2.09 13.01
N LEU E 5 6.50 3.32 13.50
CA LEU E 5 6.40 3.60 14.93
C LEU E 5 5.24 4.57 15.16
N GLU E 6 4.18 4.08 15.82
CA GLU E 6 2.97 4.83 16.11
C GLU E 6 3.08 5.52 17.46
N SER E 7 2.29 6.58 17.64
CA SER E 7 2.25 7.32 18.89
C SER E 7 1.01 8.22 18.89
N GLY E 8 0.86 8.98 19.97
CA GLY E 8 -0.20 9.96 20.08
C GLY E 8 -1.57 9.41 20.42
N GLY E 9 -1.66 8.16 20.86
CA GLY E 9 -2.93 7.55 21.21
C GLY E 9 -3.15 7.49 22.72
N GLY E 10 -4.35 7.90 23.13
CA GLY E 10 -4.75 7.71 24.51
C GLY E 10 -6.24 7.92 24.75
N VAL E 11 -6.60 8.63 25.81
CA VAL E 11 -7.99 8.85 26.19
C VAL E 11 -8.35 10.29 25.90
N VAL E 12 -9.44 10.49 25.14
CA VAL E 12 -9.99 11.80 24.87
C VAL E 12 -11.51 11.72 24.88
N GLN E 13 -12.13 12.84 25.20
CA GLN E 13 -13.58 12.92 25.34
C GLN E 13 -14.25 12.81 23.98
N PRO E 14 -15.51 12.36 23.95
CA PRO E 14 -16.26 12.38 22.68
C PRO E 14 -16.32 13.78 22.10
N GLY E 15 -16.10 13.87 20.79
CA GLY E 15 -15.97 15.16 20.15
C GLY E 15 -14.60 15.78 20.27
N GLY E 16 -13.69 15.18 21.02
CA GLY E 16 -12.35 15.70 21.17
C GLY E 16 -11.48 15.40 19.96
N SER E 17 -10.22 15.78 20.08
CA SER E 17 -9.28 15.59 18.98
C SER E 17 -8.04 14.86 19.46
N LEU E 18 -7.40 14.19 18.52
CA LEU E 18 -6.14 13.49 18.75
C LEU E 18 -5.45 13.36 17.41
N ARG E 19 -4.12 13.40 17.44
CA ARG E 19 -3.30 13.33 16.24
C ARG E 19 -2.37 12.13 16.36
N LEU E 20 -2.43 11.24 15.39
CA LEU E 20 -1.57 10.07 15.40
C LEU E 20 -0.45 10.26 14.39
N SER E 21 0.71 9.73 14.71
CA SER E 21 1.90 9.84 13.89
C SER E 21 2.51 8.45 13.74
N CYS E 22 3.01 8.15 12.56
CA CYS E 22 3.68 6.88 12.30
C CYS E 22 5.00 7.17 11.62
N ALA E 23 6.10 6.96 12.35
CA ALA E 23 7.43 7.27 11.84
C ALA E 23 7.92 6.11 11.00
N ALA E 24 8.22 6.38 9.73
CA ALA E 24 8.67 5.35 8.82
C ALA E 24 10.18 5.17 8.90
N SER E 25 10.62 3.93 8.71
CA SER E 25 12.03 3.60 8.75
C SER E 25 12.27 2.35 7.91
N GLY E 26 13.46 2.28 7.32
CA GLY E 26 13.86 1.11 6.56
C GLY E 26 13.45 1.10 5.11
N PHE E 27 12.75 2.13 4.64
CA PHE E 27 12.33 2.18 3.25
C PHE E 27 12.13 3.63 2.84
N SER E 28 12.10 3.84 1.53
CA SER E 28 11.88 5.15 0.94
C SER E 28 10.41 5.52 1.11
N PHE E 29 10.12 6.33 2.12
CA PHE E 29 8.75 6.70 2.44
C PHE E 29 8.07 7.47 1.31
N SER E 30 8.84 8.08 0.40
CA SER E 30 8.24 8.93 -0.62
C SER E 30 7.47 8.14 -1.67
N ASN E 31 7.87 6.90 -1.95
CA ASN E 31 7.40 6.20 -3.14
C ASN E 31 6.28 5.20 -2.86
N PHE E 32 5.71 5.21 -1.66
CA PHE E 32 4.72 4.21 -1.29
C PHE E 32 3.50 4.86 -0.65
N ALA E 33 2.34 4.25 -0.87
CA ALA E 33 1.12 4.64 -0.18
C ALA E 33 1.11 4.08 1.24
N MET E 34 0.45 4.81 2.14
CA MET E 34 0.35 4.44 3.54
C MET E 34 -1.10 4.40 3.96
N THR E 35 -1.41 3.49 4.89
CA THR E 35 -2.78 3.18 5.25
C THR E 35 -2.93 3.10 6.77
N TRP E 36 -4.12 3.42 7.26
CA TRP E 36 -4.51 3.22 8.65
C TRP E 36 -5.59 2.15 8.71
N VAL E 37 -5.47 1.25 9.69
CA VAL E 37 -6.42 0.15 9.89
C VAL E 37 -6.84 0.13 11.35
N ARG E 38 -8.15 0.00 11.58
CA ARG E 38 -8.75 0.09 12.90
C ARG E 38 -9.19 -1.30 13.38
N GLN E 39 -9.13 -1.51 14.69
CA GLN E 39 -9.53 -2.78 15.29
C GLN E 39 -10.12 -2.52 16.67
N ALA E 40 -11.44 -2.63 16.79
CA ALA E 40 -12.09 -2.48 18.08
C ALA E 40 -11.76 -3.67 18.99
N PRO E 41 -11.79 -3.49 20.31
CA PRO E 41 -11.50 -4.61 21.22
C PRO E 41 -12.49 -5.75 21.01
N GLY E 42 -11.93 -6.95 20.82
CA GLY E 42 -12.78 -8.11 20.57
C GLY E 42 -13.41 -8.15 19.21
N GLU E 43 -12.87 -7.41 18.25
CA GLU E 43 -13.42 -7.31 16.90
C GLU E 43 -12.28 -7.46 15.89
N GLY E 44 -12.64 -7.40 14.60
CA GLY E 44 -11.69 -7.59 13.53
C GLY E 44 -11.07 -6.29 13.06
N LEU E 45 -10.32 -6.39 11.96
CA LEU E 45 -9.66 -5.25 11.36
C LEU E 45 -10.60 -4.54 10.40
N GLU E 46 -10.51 -3.21 10.35
CA GLU E 46 -11.33 -2.41 9.46
C GLU E 46 -10.48 -1.28 8.91
N TRP E 47 -10.56 -1.08 7.59
CA TRP E 47 -9.75 -0.06 6.93
C TRP E 47 -10.25 1.34 7.25
N VAL E 48 -9.30 2.27 7.44
CA VAL E 48 -9.63 3.64 7.83
C VAL E 48 -9.38 4.59 6.67
N SER E 49 -8.10 4.83 6.36
CA SER E 49 -7.75 5.83 5.36
C SER E 49 -6.47 5.40 4.65
N THR E 50 -6.27 5.94 3.46
CA THR E 50 -5.11 5.67 2.63
C THR E 50 -4.69 6.95 1.92
N ILE E 51 -3.38 7.21 1.89
CA ILE E 51 -2.84 8.41 1.28
C ILE E 51 -1.79 7.99 0.24
N GLY E 52 -1.74 8.73 -0.87
CA GLY E 52 -0.73 8.51 -1.89
C GLY E 52 0.21 9.69 -2.08
N SER E 53 0.02 10.42 -3.18
CA SER E 53 0.81 11.60 -3.50
C SER E 53 -0.05 12.86 -3.52
N GLY E 54 -1.07 12.90 -2.68
CA GLY E 54 -2.04 13.97 -2.71
C GLY E 54 -3.45 13.42 -2.81
N ASP E 55 -3.54 12.15 -3.22
CA ASP E 55 -4.81 11.45 -3.31
C ASP E 55 -5.12 10.79 -1.97
N THR E 56 -6.29 11.09 -1.42
CA THR E 56 -6.69 10.56 -0.13
C THR E 56 -8.00 9.78 -0.26
N TYR E 57 -8.15 8.77 0.58
CA TYR E 57 -9.33 7.92 0.60
C TYR E 57 -9.72 7.67 2.05
N TYR E 58 -11.02 7.69 2.31
CA TYR E 58 -11.55 7.55 3.66
C TYR E 58 -12.69 6.56 3.68
N ALA E 59 -12.87 5.90 4.82
CA ALA E 59 -14.01 5.03 5.01
C ALA E 59 -15.29 5.86 5.13
N ASP E 60 -16.42 5.21 4.86
CA ASP E 60 -17.71 5.90 4.96
C ASP E 60 -18.02 6.29 6.40
N SER E 61 -17.50 5.55 7.37
CA SER E 61 -17.73 5.87 8.78
C SER E 61 -17.01 7.12 9.23
N VAL E 62 -16.07 7.64 8.43
CA VAL E 62 -15.13 8.62 8.97
C VAL E 62 -14.70 9.59 7.87
N LYS E 63 -15.49 9.67 6.79
CA LYS E 63 -15.13 10.51 5.66
C LYS E 63 -14.79 11.94 6.08
N GLY E 64 -15.71 12.58 6.81
CA GLY E 64 -15.58 13.97 7.17
C GLY E 64 -14.84 14.26 8.45
N ARG E 65 -14.62 13.25 9.30
CA ARG E 65 -14.06 13.52 10.62
C ARG E 65 -12.54 13.45 10.65
N PHE E 66 -11.93 12.51 9.93
CA PHE E 66 -10.49 12.33 9.94
C PHE E 66 -9.87 12.87 8.66
N THR E 67 -8.60 13.26 8.76
CA THR E 67 -7.81 13.68 7.62
C THR E 67 -6.45 13.01 7.70
N ILE E 68 -6.08 12.27 6.66
CA ILE E 68 -4.77 11.63 6.59
C ILE E 68 -3.78 12.59 5.95
N SER E 69 -2.59 12.66 6.53
CA SER E 69 -1.56 13.56 6.04
C SER E 69 -0.20 12.88 6.10
N ARG E 70 0.66 13.23 5.15
CA ARG E 70 2.02 12.72 5.09
C ARG E 70 2.96 13.88 4.76
N ASP E 71 4.12 13.89 5.41
CA ASP E 71 5.18 14.83 5.11
C ASP E 71 6.45 14.03 4.89
N ASN E 72 6.91 13.99 3.63
CA ASN E 72 8.00 13.12 3.24
C ASN E 72 9.36 13.64 3.68
N SER E 73 9.41 14.83 4.26
CA SER E 73 10.65 15.36 4.81
C SER E 73 10.98 14.73 6.15
N LYS E 74 9.97 14.29 6.90
CA LYS E 74 10.17 13.63 8.19
C LYS E 74 9.87 12.14 8.15
N ASN E 75 9.43 11.61 7.01
CA ASN E 75 9.07 10.20 6.86
C ASN E 75 8.02 9.78 7.89
N THR E 76 7.04 10.63 8.09
CA THR E 76 5.97 10.42 9.06
C THR E 76 4.61 10.41 8.36
N LEU E 77 3.74 9.52 8.83
CA LEU E 77 2.36 9.44 8.38
C LEU E 77 1.48 9.92 9.52
N TYR E 78 0.52 10.78 9.20
CA TYR E 78 -0.34 11.39 10.20
C TYR E 78 -1.79 11.02 10.00
N LEU E 79 -2.52 11.00 11.11
CA LEU E 79 -3.98 10.88 11.09
C LEU E 79 -4.52 11.77 12.20
N GLN E 80 -5.02 12.95 11.82
CA GLN E 80 -5.63 13.87 12.76
C GLN E 80 -7.10 13.50 12.92
N MET E 81 -7.52 13.29 14.16
CA MET E 81 -8.83 12.76 14.47
C MET E 81 -9.69 13.88 15.05
N ASN E 82 -10.81 14.16 14.39
CA ASN E 82 -11.75 15.18 14.84
C ASN E 82 -13.12 14.57 15.04
N SER E 83 -13.90 15.18 15.94
CA SER E 83 -15.26 14.74 16.24
C SER E 83 -15.31 13.25 16.57
N LEU E 84 -14.48 12.85 17.54
CA LEU E 84 -14.35 11.44 17.88
C LEU E 84 -15.62 10.93 18.54
N ARG E 85 -16.00 9.70 18.20
CA ARG E 85 -17.23 9.09 18.67
C ARG E 85 -16.92 7.74 19.31
N ALA E 86 -17.98 7.08 19.81
CA ALA E 86 -17.80 5.87 20.61
C ALA E 86 -17.18 4.74 19.79
N GLU E 87 -17.56 4.61 18.52
CA GLU E 87 -17.06 3.49 17.72
C GLU E 87 -15.58 3.64 17.36
N ASP E 88 -15.03 4.84 17.44
CA ASP E 88 -13.61 5.01 17.13
C ASP E 88 -12.69 4.33 18.14
N THR E 89 -13.22 3.67 19.16
CA THR E 89 -12.39 3.01 20.16
C THR E 89 -11.66 1.81 19.55
N ALA E 90 -10.33 1.88 19.49
CA ALA E 90 -9.56 0.81 18.85
C ALA E 90 -8.07 1.04 18.99
N VAL E 91 -7.31 0.02 18.60
CA VAL E 91 -5.87 0.14 18.36
C VAL E 91 -5.68 0.45 16.87
N TYR E 92 -5.24 1.66 16.62
CA TYR E 92 -5.08 2.15 15.23
C TYR E 92 -3.74 1.65 14.72
N TYR E 93 -3.72 1.07 13.53
CA TYR E 93 -2.42 0.56 13.03
C TYR E 93 -2.08 1.25 11.71
N CYS E 94 -0.84 1.66 11.62
CA CYS E 94 -0.38 2.25 10.36
C CYS E 94 0.19 1.14 9.49
N ALA E 95 0.00 1.24 8.18
CA ALA E 95 0.53 0.20 7.30
C ALA E 95 0.99 0.81 5.99
N LYS E 96 1.94 0.14 5.35
CA LYS E 96 2.49 0.54 4.06
C LYS E 96 1.94 -0.34 2.95
N ASP E 97 1.60 0.27 1.81
CA ASP E 97 1.01 -0.44 0.69
C ASP E 97 2.07 -1.04 -0.23
N SER E 98 1.60 -1.89 -1.16
CA SER E 98 2.48 -2.63 -2.06
C SER E 98 1.65 -3.25 -3.18
N THR E 99 2.30 -3.48 -4.33
CA THR E 99 1.62 -3.89 -5.56
C THR E 99 2.31 -5.11 -6.15
N VAL E 100 1.52 -5.99 -6.78
CA VAL E 100 2.05 -7.07 -7.60
C VAL E 100 1.59 -6.88 -9.04
N SER E 101 2.53 -6.87 -9.98
CA SER E 101 2.28 -6.79 -11.41
C SER E 101 1.47 -5.54 -11.78
N TRP E 102 0.15 -5.71 -11.93
CA TRP E 102 -0.74 -4.60 -12.26
C TRP E 102 -1.78 -4.31 -11.19
N SER E 103 -1.93 -5.15 -10.18
CA SER E 103 -2.90 -4.96 -9.10
C SER E 103 -2.27 -4.35 -7.85
N GLY E 104 -3.11 -3.69 -7.05
CA GLY E 104 -2.76 -2.89 -5.90
C GLY E 104 -4.00 -2.63 -5.08
N ASP E 105 -3.97 -2.73 -3.75
CA ASP E 105 -2.77 -2.75 -2.90
C ASP E 105 -2.97 -3.71 -1.74
N PHE E 106 -1.94 -4.44 -1.34
CA PHE E 106 -1.93 -5.09 -0.03
C PHE E 106 -0.96 -4.39 0.91
N PHE E 107 -0.94 -4.86 2.15
CA PHE E 107 -0.20 -4.22 3.24
C PHE E 107 0.93 -5.16 3.68
N ASP E 108 2.16 -4.76 3.40
CA ASP E 108 3.29 -5.65 3.67
C ASP E 108 3.85 -5.49 5.09
N TYR E 109 3.94 -4.27 5.62
CA TYR E 109 4.50 -4.11 6.95
C TYR E 109 3.56 -3.29 7.82
N TRP E 110 3.35 -3.76 9.05
CA TRP E 110 2.42 -3.17 9.99
C TRP E 110 3.17 -2.63 11.20
N GLY E 111 2.70 -1.51 11.71
CA GLY E 111 3.24 -0.95 12.93
C GLY E 111 2.68 -1.62 14.17
N GLN E 112 3.32 -1.33 15.30
CA GLN E 112 2.91 -1.96 16.56
C GLN E 112 1.54 -1.50 17.01
N GLY E 113 1.10 -0.32 16.58
CA GLY E 113 -0.24 0.14 16.88
C GLY E 113 -0.33 0.98 18.14
N THR E 114 -1.20 1.97 18.16
CA THR E 114 -1.49 2.74 19.36
C THR E 114 -2.99 2.78 19.57
N LEU E 115 -3.42 2.53 20.81
CA LEU E 115 -4.85 2.47 21.13
C LEU E 115 -5.35 3.83 21.59
N VAL E 116 -6.48 4.25 21.04
CA VAL E 116 -7.19 5.46 21.43
C VAL E 116 -8.46 5.04 22.14
N THR E 117 -8.78 5.73 23.24
CA THR E 117 -9.98 5.44 24.03
C THR E 117 -10.91 6.64 23.99
N VAL E 118 -12.03 6.51 23.28
CA VAL E 118 -13.04 7.56 23.23
C VAL E 118 -14.08 7.28 24.31
N SER E 119 -14.02 8.05 25.40
CA SER E 119 -14.97 7.88 26.48
C SER E 119 -15.01 9.18 27.28
N SER E 120 -16.16 9.44 27.89
CA SER E 120 -16.32 10.58 28.79
C SER E 120 -15.88 10.26 30.21
N ALA E 121 -15.44 9.03 30.48
CA ALA E 121 -15.15 8.63 31.85
C ALA E 121 -13.86 9.29 32.35
N SER E 122 -13.81 9.49 33.66
CA SER E 122 -12.64 10.03 34.34
C SER E 122 -11.79 8.91 34.90
N THR E 123 -10.50 9.19 35.04
CA THR E 123 -9.58 8.22 35.64
C THR E 123 -9.98 7.94 37.08
N LYS E 124 -10.09 6.65 37.41
CA LYS E 124 -10.50 6.24 38.75
C LYS E 124 -9.70 5.01 39.15
N GLY E 125 -9.39 4.93 40.44
CA GLY E 125 -8.71 3.79 41.01
C GLY E 125 -9.68 2.65 41.26
N PRO E 126 -9.19 1.42 41.13
CA PRO E 126 -10.09 0.26 41.28
C PRO E 126 -10.39 -0.02 42.74
N SER E 127 -11.62 -0.47 42.98
CA SER E 127 -12.02 -1.02 44.26
C SER E 127 -11.97 -2.53 44.16
N VAL E 128 -11.22 -3.18 45.05
CA VAL E 128 -10.98 -4.60 44.97
C VAL E 128 -11.71 -5.29 46.12
N PHE E 129 -12.60 -6.20 45.77
CA PHE E 129 -13.42 -6.94 46.71
C PHE E 129 -13.10 -8.43 46.65
N PRO E 130 -13.09 -9.10 47.79
CA PRO E 130 -12.76 -10.53 47.80
C PRO E 130 -13.88 -11.42 47.30
N LEU E 131 -13.48 -12.53 46.72
CA LEU E 131 -14.37 -13.61 46.30
C LEU E 131 -14.05 -14.74 47.27
N ALA E 132 -14.94 -14.94 48.25
CA ALA E 132 -14.45 -15.77 49.33
C ALA E 132 -14.74 -17.25 49.07
N PRO E 133 -13.78 -18.10 49.42
CA PRO E 133 -13.92 -19.54 49.17
C PRO E 133 -14.79 -20.21 50.22
N SER E 134 -14.45 -21.47 50.53
CA SER E 134 -15.15 -22.26 51.53
C SER E 134 -16.66 -22.22 51.30
N SER E 135 -17.06 -22.66 50.12
CA SER E 135 -18.48 -22.71 49.78
C SER E 135 -19.26 -23.44 50.86
N LYS E 136 -18.89 -24.69 51.13
CA LYS E 136 -19.30 -25.41 52.34
C LYS E 136 -18.41 -26.63 52.53
N GLY E 141 -11.87 -31.44 46.93
CA GLY E 141 -10.48 -31.32 47.37
C GLY E 141 -9.77 -30.10 46.81
N THR E 142 -10.51 -29.31 46.03
CA THR E 142 -9.96 -28.09 45.45
C THR E 142 -10.95 -26.95 45.69
N ALA E 143 -10.42 -25.80 46.12
CA ALA E 143 -11.22 -24.62 46.44
C ALA E 143 -10.88 -23.49 45.47
N ALA E 144 -11.87 -22.67 45.16
CA ALA E 144 -11.70 -21.53 44.27
C ALA E 144 -11.87 -20.24 45.06
N LEU E 145 -10.89 -19.34 44.95
CA LEU E 145 -10.97 -18.02 45.55
C LEU E 145 -10.51 -17.00 44.53
N GLY E 146 -10.80 -15.73 44.80
CA GLY E 146 -10.41 -14.69 43.88
C GLY E 146 -10.64 -13.31 44.43
N CYS E 147 -10.47 -12.32 43.55
CA CYS E 147 -10.67 -10.92 43.89
C CYS E 147 -11.43 -10.25 42.74
N LEU E 148 -12.43 -9.45 43.10
CA LEU E 148 -13.27 -8.74 42.13
C LEU E 148 -12.80 -7.30 42.07
N VAL E 149 -12.32 -6.88 40.91
CA VAL E 149 -11.80 -5.53 40.71
C VAL E 149 -12.86 -4.78 39.92
N LYS E 150 -13.49 -3.77 40.54
CA LYS E 150 -14.65 -3.12 39.95
C LYS E 150 -14.44 -1.62 39.91
N ASP E 151 -15.04 -0.99 38.90
CA ASP E 151 -15.08 0.46 38.74
C ASP E 151 -13.67 1.06 38.66
N TYR E 152 -13.03 0.84 37.51
CA TYR E 152 -11.77 1.50 37.23
C TYR E 152 -11.73 1.93 35.77
N PHE E 153 -10.91 2.94 35.50
CA PHE E 153 -10.70 3.53 34.18
C PHE E 153 -9.35 4.22 34.14
N PRO E 154 -8.57 4.11 33.05
CA PRO E 154 -8.65 3.25 31.87
C PRO E 154 -8.25 1.79 32.15
N GLU E 155 -7.92 1.06 31.08
CA GLU E 155 -7.65 -0.37 31.09
C GLU E 155 -6.25 -0.85 31.54
N PRO E 156 -5.21 0.00 31.68
CA PRO E 156 -3.93 -0.59 32.14
C PRO E 156 -3.98 -0.94 33.62
N VAL E 157 -4.40 -2.17 33.91
CA VAL E 157 -4.43 -2.71 35.26
C VAL E 157 -3.72 -4.05 35.28
N THR E 158 -2.95 -4.29 36.34
CA THR E 158 -2.19 -5.53 36.52
C THR E 158 -2.56 -6.17 37.84
N VAL E 159 -2.82 -7.47 37.82
CA VAL E 159 -3.18 -8.22 39.03
C VAL E 159 -2.21 -9.38 39.23
N SER E 160 -1.80 -9.58 40.48
CA SER E 160 -0.95 -10.70 40.85
C SER E 160 -1.38 -11.23 42.22
N TRP E 161 -0.96 -12.46 42.52
CA TRP E 161 -1.34 -13.14 43.75
C TRP E 161 -0.09 -13.44 44.57
N ASN E 162 -0.08 -13.00 45.82
CA ASN E 162 1.06 -13.16 46.73
C ASN E 162 2.32 -12.56 46.13
N SER E 163 2.16 -11.43 45.45
CA SER E 163 3.26 -10.69 44.83
C SER E 163 4.05 -11.57 43.86
N GLY E 164 3.35 -12.33 43.04
CA GLY E 164 3.96 -13.14 42.01
C GLY E 164 4.44 -14.50 42.47
N ALA E 165 4.24 -14.85 43.75
CA ALA E 165 4.70 -16.15 44.24
C ALA E 165 3.81 -17.27 43.76
N LEU E 166 2.53 -16.98 43.52
CA LEU E 166 1.53 -17.97 43.11
C LEU E 166 1.24 -17.76 41.63
N THR E 167 1.61 -18.74 40.81
CA THR E 167 1.40 -18.68 39.37
C THR E 167 0.63 -19.89 38.85
N SER E 168 0.46 -20.95 39.64
CA SER E 168 -0.37 -22.08 39.23
C SER E 168 -1.82 -21.83 39.60
N GLY E 169 -2.71 -22.03 38.62
CA GLY E 169 -4.14 -21.88 38.78
C GLY E 169 -4.76 -20.49 38.79
N VAL E 170 -4.03 -19.41 38.51
CA VAL E 170 -4.64 -18.08 38.50
C VAL E 170 -5.23 -17.82 37.13
N HIS E 171 -6.47 -17.34 37.13
CA HIS E 171 -7.19 -16.98 35.90
C HIS E 171 -7.69 -15.56 36.07
N THR E 172 -7.10 -14.63 35.33
CA THR E 172 -7.52 -13.24 35.35
C THR E 172 -8.35 -12.98 34.10
N PHE E 173 -9.62 -12.67 34.29
CA PHE E 173 -10.51 -12.56 33.17
C PHE E 173 -10.32 -11.21 32.49
N PRO E 174 -10.56 -11.15 31.18
CA PRO E 174 -10.44 -9.86 30.47
C PRO E 174 -11.44 -8.83 31.01
N ALA E 175 -11.04 -7.57 30.92
CA ALA E 175 -11.86 -6.49 31.45
C ALA E 175 -13.12 -6.29 30.63
N VAL E 176 -14.23 -6.05 31.31
CA VAL E 176 -15.51 -5.72 30.68
C VAL E 176 -15.88 -4.28 31.02
N LEU E 177 -16.28 -3.53 30.00
CA LEU E 177 -16.76 -2.17 30.18
C LEU E 177 -18.25 -2.16 30.51
N GLN E 178 -18.61 -1.48 31.60
CA GLN E 178 -20.00 -1.40 32.04
C GLN E 178 -20.67 -0.16 31.47
N SER E 179 -21.98 -0.04 31.74
CA SER E 179 -22.75 1.09 31.24
C SER E 179 -22.30 2.43 31.84
N SER E 180 -21.73 2.41 33.04
CA SER E 180 -21.30 3.65 33.68
C SER E 180 -20.05 4.23 33.05
N GLY E 181 -19.41 3.51 32.14
CA GLY E 181 -18.16 3.95 31.55
C GLY E 181 -16.91 3.46 32.24
N LEU E 182 -17.05 2.57 33.23
CA LEU E 182 -15.93 2.02 33.96
C LEU E 182 -15.84 0.53 33.73
N TYR E 183 -14.64 -0.01 33.96
CA TYR E 183 -14.34 -1.41 33.72
C TYR E 183 -14.42 -2.21 35.02
N SER E 184 -14.80 -3.47 34.88
CA SER E 184 -14.82 -4.42 35.99
C SER E 184 -14.01 -5.64 35.60
N LEU E 185 -13.47 -6.32 36.59
CA LEU E 185 -12.55 -7.41 36.32
C LEU E 185 -12.48 -8.34 37.53
N SER E 186 -12.25 -9.62 37.26
CA SER E 186 -12.11 -10.63 38.29
C SER E 186 -10.93 -11.54 37.96
N SER E 187 -10.15 -11.90 38.98
CA SER E 187 -9.09 -12.88 38.82
C SER E 187 -9.23 -13.91 39.93
N VAL E 188 -9.21 -15.20 39.56
CA VAL E 188 -9.46 -16.28 40.49
C VAL E 188 -8.30 -17.27 40.44
N VAL E 189 -8.20 -18.07 41.50
CA VAL E 189 -7.18 -19.11 41.59
C VAL E 189 -7.79 -20.31 42.30
N THR E 190 -7.51 -21.50 41.78
CA THR E 190 -7.98 -22.74 42.39
C THR E 190 -6.92 -23.27 43.35
N VAL E 191 -7.35 -23.59 44.55
CA VAL E 191 -6.44 -23.91 45.65
C VAL E 191 -6.86 -25.21 46.32
N PRO E 192 -5.93 -26.03 46.80
CA PRO E 192 -6.32 -27.21 47.58
C PRO E 192 -7.12 -26.82 48.81
N SER E 193 -8.17 -27.58 49.10
CA SER E 193 -9.08 -27.21 50.18
C SER E 193 -8.40 -27.28 51.54
N SER E 194 -7.50 -28.25 51.73
CA SER E 194 -6.80 -28.37 53.01
C SER E 194 -5.78 -27.27 53.23
N SER E 195 -5.37 -26.57 52.17
CA SER E 195 -4.38 -25.49 52.25
C SER E 195 -4.97 -24.17 52.71
N LEU E 196 -6.25 -24.12 53.06
CA LEU E 196 -6.87 -22.85 53.42
C LEU E 196 -6.32 -22.31 54.74
N GLY E 197 -6.20 -23.17 55.74
CA GLY E 197 -5.67 -22.72 57.02
C GLY E 197 -4.18 -22.51 57.05
N THR E 198 -3.43 -23.18 56.17
CA THR E 198 -1.97 -23.05 56.21
C THR E 198 -1.50 -21.76 55.53
N GLN E 199 -2.13 -21.35 54.43
CA GLN E 199 -1.67 -20.16 53.72
C GLN E 199 -2.76 -19.10 53.69
N THR E 200 -2.29 -17.85 53.57
CA THR E 200 -3.13 -16.69 53.35
C THR E 200 -2.90 -16.20 51.93
N TYR E 201 -3.97 -15.77 51.27
CA TYR E 201 -3.93 -15.38 49.87
C TYR E 201 -4.21 -13.89 49.75
N ILE E 202 -3.28 -13.20 49.08
CA ILE E 202 -3.31 -11.75 48.90
C ILE E 202 -3.26 -11.47 47.42
N CYS E 203 -4.19 -10.65 46.95
CA CYS E 203 -4.25 -10.20 45.57
C CYS E 203 -3.73 -8.77 45.50
N ASN E 204 -2.78 -8.54 44.61
CA ASN E 204 -2.12 -7.25 44.48
C ASN E 204 -2.59 -6.60 43.18
N VAL E 205 -3.45 -5.61 43.28
CA VAL E 205 -3.94 -4.89 42.11
C VAL E 205 -3.23 -3.56 42.05
N ASN E 206 -2.66 -3.26 40.89
CA ASN E 206 -1.94 -2.02 40.66
C ASN E 206 -2.55 -1.35 39.44
N HIS E 207 -2.85 -0.07 39.55
CA HIS E 207 -3.44 0.70 38.45
C HIS E 207 -2.48 1.86 38.16
N LYS E 208 -1.60 1.64 37.19
CA LYS E 208 -0.59 2.63 36.86
C LYS E 208 -1.16 3.99 36.45
N PRO E 209 -2.19 4.09 35.60
CA PRO E 209 -2.66 5.44 35.21
C PRO E 209 -3.17 6.26 36.37
N SER E 210 -3.73 5.62 37.41
CA SER E 210 -4.22 6.32 38.58
C SER E 210 -3.26 6.26 39.76
N ASN E 211 -2.10 5.63 39.59
CA ASN E 211 -1.08 5.52 40.64
C ASN E 211 -1.67 4.87 41.90
N THR E 212 -2.33 3.73 41.71
CA THR E 212 -3.06 3.05 42.77
C THR E 212 -2.56 1.62 42.89
N LYS E 213 -2.29 1.19 44.13
CA LYS E 213 -1.91 -0.17 44.42
C LYS E 213 -2.66 -0.62 45.67
N VAL E 214 -3.15 -1.85 45.65
CA VAL E 214 -3.92 -2.38 46.77
C VAL E 214 -3.54 -3.84 46.99
N ASP E 215 -3.51 -4.25 48.24
CA ASP E 215 -3.23 -5.64 48.59
C ASP E 215 -4.45 -6.10 49.40
N LYS E 216 -5.38 -6.79 48.75
CA LYS E 216 -6.53 -7.33 49.46
C LYS E 216 -6.33 -8.80 49.74
N LYS E 217 -6.41 -9.13 51.03
CA LYS E 217 -6.30 -10.48 51.56
C LYS E 217 -7.69 -11.04 51.78
N VAL E 218 -7.91 -12.24 51.27
CA VAL E 218 -9.21 -12.90 51.24
C VAL E 218 -9.12 -14.13 52.14
N GLU E 219 -10.11 -14.31 53.02
CA GLU E 219 -10.10 -15.38 54.00
C GLU E 219 -11.43 -16.13 53.94
N PRO E 220 -11.43 -17.44 54.24
CA PRO E 220 -12.68 -18.22 54.09
C PRO E 220 -13.77 -17.83 55.08
N LYS E 221 -14.76 -17.08 54.61
CA LYS E 221 -15.91 -16.71 55.43
C LYS E 221 -17.04 -16.18 54.56
N SER E 222 -18.26 -16.70 54.76
CA SER E 222 -19.46 -16.24 54.07
C SER E 222 -19.29 -16.20 52.54
N GLU F 2 7.88 13.54 -5.65
CA GLU F 2 8.09 13.76 -7.08
C GLU F 2 6.76 13.83 -7.82
N GLU F 3 6.84 14.00 -9.14
CA GLU F 3 5.67 13.98 -10.02
C GLU F 3 5.85 12.81 -10.98
N LEU F 4 5.04 11.77 -10.81
CA LEU F 4 5.15 10.61 -11.68
C LEU F 4 4.89 10.99 -13.13
N GLN F 5 5.59 10.29 -14.02
CA GLN F 5 5.47 10.50 -15.45
C GLN F 5 5.20 9.15 -16.10
N VAL F 6 4.32 9.14 -17.09
CA VAL F 6 4.03 7.94 -17.85
C VAL F 6 4.82 8.05 -19.14
N ILE F 7 5.78 7.15 -19.31
CA ILE F 7 6.77 7.27 -20.37
C ILE F 7 6.65 6.06 -21.28
N GLN F 8 6.43 6.31 -22.57
CA GLN F 8 6.56 5.27 -23.56
C GLN F 8 7.83 5.53 -24.37
N PRO F 9 8.93 4.84 -24.06
CA PRO F 9 10.21 5.19 -24.72
C PRO F 9 10.25 4.84 -26.18
N ASP F 10 9.52 3.82 -26.63
CA ASP F 10 9.56 3.42 -28.03
C ASP F 10 8.64 4.34 -28.82
N LYS F 11 9.23 5.16 -29.68
CA LYS F 11 8.43 6.04 -30.51
C LYS F 11 7.81 5.31 -31.69
N SER F 12 8.49 4.29 -32.21
CA SER F 12 7.98 3.51 -33.33
C SER F 12 8.65 2.14 -33.29
N VAL F 13 7.85 1.09 -33.34
CA VAL F 13 8.36 -0.28 -33.35
C VAL F 13 7.68 -1.03 -34.48
N LEU F 14 8.45 -1.81 -35.23
CA LEU F 14 7.95 -2.62 -36.34
C LEU F 14 8.09 -4.10 -36.02
N VAL F 15 7.02 -4.85 -36.32
CA VAL F 15 6.97 -6.30 -36.20
C VAL F 15 6.39 -6.85 -37.49
N ALA F 16 6.23 -8.15 -37.62
CA ALA F 16 5.69 -8.75 -38.82
C ALA F 16 4.44 -9.56 -38.46
N ALA F 17 3.67 -9.94 -39.48
CA ALA F 17 2.46 -10.71 -39.24
C ALA F 17 2.80 -12.04 -38.59
N GLY F 18 1.98 -12.45 -37.63
CA GLY F 18 2.25 -13.67 -36.89
C GLY F 18 3.30 -13.53 -35.80
N GLU F 19 3.86 -12.34 -35.65
CA GLU F 19 4.83 -12.00 -34.62
C GLU F 19 4.12 -11.35 -33.44
N THR F 20 4.86 -11.27 -32.35
CA THR F 20 4.41 -10.62 -31.14
C THR F 20 5.28 -9.39 -30.91
N ALA F 21 4.64 -8.23 -30.78
CA ALA F 21 5.33 -6.97 -30.53
C ALA F 21 5.22 -6.63 -29.06
N THR F 22 6.30 -6.08 -28.50
CA THR F 22 6.34 -5.69 -27.09
C THR F 22 6.27 -4.17 -27.02
N LEU F 23 5.25 -3.67 -26.33
CA LEU F 23 4.97 -2.23 -26.20
C LEU F 23 5.33 -1.77 -24.79
N ARG F 24 6.24 -0.80 -24.71
CA ARG F 24 6.83 -0.41 -23.44
C ARG F 24 6.01 0.64 -22.72
N CYS F 25 6.01 0.55 -21.39
CA CYS F 25 5.46 1.58 -20.52
C CYS F 25 6.11 1.39 -19.16
N THR F 26 6.62 2.49 -18.59
CA THR F 26 7.18 2.45 -17.25
C THR F 26 6.73 3.69 -16.51
N ALA F 27 6.28 3.50 -15.27
CA ALA F 27 5.86 4.60 -14.41
C ALA F 27 6.97 4.96 -13.45
N THR F 28 7.10 6.26 -13.16
CA THR F 28 8.15 6.72 -12.26
C THR F 28 7.85 6.34 -10.82
N SER F 29 6.59 6.39 -10.42
CA SER F 29 6.20 6.05 -9.06
C SER F 29 4.87 5.31 -9.08
N LEU F 30 4.57 4.64 -7.97
CA LEU F 30 3.32 3.92 -7.85
C LEU F 30 2.19 4.83 -7.38
N ILE F 31 2.51 5.90 -6.67
CA ILE F 31 1.51 6.85 -6.17
C ILE F 31 1.56 8.11 -7.03
N PRO F 32 0.42 8.77 -7.33
CA PRO F 32 -0.95 8.44 -6.93
C PRO F 32 -1.42 7.05 -7.36
N VAL F 33 -2.13 6.36 -6.48
CA VAL F 33 -2.57 5.01 -6.78
C VAL F 33 -3.62 5.04 -7.88
N GLY F 34 -3.48 4.13 -8.84
CA GLY F 34 -4.43 4.02 -9.92
C GLY F 34 -4.01 2.95 -10.91
N PRO F 35 -4.96 2.47 -11.70
CA PRO F 35 -4.65 1.43 -12.68
C PRO F 35 -4.00 2.00 -13.93
N ILE F 36 -3.27 1.13 -14.62
CA ILE F 36 -2.66 1.43 -15.91
C ILE F 36 -3.49 0.76 -16.99
N GLN F 37 -3.93 1.53 -17.98
CA GLN F 37 -4.75 1.00 -19.06
C GLN F 37 -4.13 1.37 -20.39
N TRP F 38 -4.30 0.49 -21.37
CA TRP F 38 -3.79 0.71 -22.72
C TRP F 38 -4.96 0.85 -23.69
N PHE F 39 -4.91 1.91 -24.49
CA PHE F 39 -5.92 2.19 -25.50
C PHE F 39 -5.22 2.47 -26.82
N ARG F 40 -5.93 2.28 -27.91
CA ARG F 40 -5.45 2.67 -29.23
C ARG F 40 -6.20 3.92 -29.67
N GLY F 41 -5.49 5.04 -29.74
CA GLY F 41 -6.09 6.29 -30.13
C GLY F 41 -6.30 7.23 -28.96
N ALA F 42 -6.48 8.51 -29.27
CA ALA F 42 -6.69 9.54 -28.29
C ALA F 42 -8.13 10.07 -28.26
N GLY F 43 -8.97 9.66 -29.20
CA GLY F 43 -10.28 10.24 -29.33
C GLY F 43 -11.30 9.48 -28.52
N PRO F 44 -12.27 10.22 -27.96
CA PRO F 44 -13.23 9.60 -27.03
C PRO F 44 -14.02 8.47 -27.66
N GLY F 45 -13.63 7.23 -27.34
CA GLY F 45 -14.25 6.07 -27.94
C GLY F 45 -13.22 5.15 -28.57
N ARG F 46 -12.17 4.83 -27.81
CA ARG F 46 -11.11 3.96 -28.27
C ARG F 46 -11.36 2.53 -27.81
N GLU F 47 -10.75 1.58 -28.52
CA GLU F 47 -10.80 0.19 -28.10
C GLU F 47 -9.90 0.00 -26.88
N LEU F 48 -10.45 -0.59 -25.83
CA LEU F 48 -9.69 -0.88 -24.62
C LEU F 48 -8.73 -2.02 -24.91
N ILE F 49 -7.47 -1.69 -25.18
CA ILE F 49 -6.50 -2.71 -25.57
C ILE F 49 -6.24 -3.70 -24.44
N TYR F 50 -6.16 -3.21 -23.21
CA TYR F 50 -5.99 -4.06 -22.04
C TYR F 50 -6.32 -3.31 -20.76
N ASN F 51 -7.04 -3.97 -19.87
CA ASN F 51 -7.32 -3.49 -18.52
C ASN F 51 -7.32 -4.71 -17.61
N GLN F 52 -6.37 -4.74 -16.67
CA GLN F 52 -6.17 -5.96 -15.87
C GLN F 52 -7.41 -6.32 -15.06
N LYS F 53 -8.21 -5.32 -14.70
CA LYS F 53 -9.34 -5.56 -13.80
C LYS F 53 -10.48 -6.28 -14.52
N GLU F 54 -10.88 -5.77 -15.68
CA GLU F 54 -12.12 -6.18 -16.33
C GLU F 54 -11.89 -6.44 -17.82
N GLY F 55 -12.66 -7.36 -18.36
CA GLY F 55 -12.52 -7.71 -19.77
C GLY F 55 -11.48 -8.78 -20.00
N HIS F 56 -11.67 -9.54 -21.08
CA HIS F 56 -10.72 -10.58 -21.46
C HIS F 56 -10.07 -10.18 -22.78
N PHE F 57 -8.75 -10.25 -22.82
CA PHE F 57 -7.95 -9.81 -23.97
C PHE F 57 -7.13 -10.98 -24.45
N PRO F 58 -7.55 -11.66 -25.53
CA PRO F 58 -6.94 -12.95 -25.87
C PRO F 58 -5.49 -12.88 -26.32
N ARG F 59 -5.14 -11.88 -27.13
CA ARG F 59 -3.79 -11.78 -27.68
C ARG F 59 -2.88 -10.83 -26.89
N VAL F 60 -3.31 -10.39 -25.72
CA VAL F 60 -2.54 -9.44 -24.92
C VAL F 60 -2.02 -10.12 -23.67
N THR F 61 -0.71 -10.00 -23.44
CA THR F 61 -0.07 -10.48 -22.23
C THR F 61 0.80 -9.37 -21.68
N THR F 62 0.81 -9.24 -20.36
CA THR F 62 1.66 -8.26 -19.70
C THR F 62 3.06 -8.83 -19.55
N VAL F 63 4.06 -8.00 -19.83
CA VAL F 63 5.44 -8.47 -19.69
C VAL F 63 5.77 -8.74 -18.23
N SER F 64 5.08 -8.05 -17.29
CA SER F 64 5.10 -8.42 -15.89
C SER F 64 4.02 -9.43 -15.52
N ASP F 65 3.69 -10.37 -16.42
CA ASP F 65 2.76 -11.44 -16.07
C ASP F 65 3.27 -12.24 -14.88
N LEU F 66 4.60 -12.28 -14.70
CA LEU F 66 5.31 -12.96 -13.64
C LEU F 66 4.82 -12.60 -12.23
N THR F 67 3.96 -11.58 -12.13
CA THR F 67 3.55 -11.01 -10.84
C THR F 67 4.78 -10.62 -10.02
N LYS F 68 5.49 -9.63 -10.57
CA LYS F 68 6.61 -9.00 -9.89
C LYS F 68 6.10 -7.88 -8.98
N ARG F 69 6.62 -7.82 -7.76
CA ARG F 69 6.14 -6.87 -6.77
C ARG F 69 6.70 -5.46 -6.99
N ASN F 70 5.82 -4.47 -6.75
CA ASN F 70 6.11 -3.05 -6.95
C ASN F 70 6.56 -2.80 -8.37
N ASN F 71 6.04 -3.59 -9.29
CA ASN F 71 6.43 -3.52 -10.68
C ASN F 71 5.95 -2.20 -11.29
N MET F 72 6.89 -1.35 -11.69
CA MET F 72 6.57 -0.16 -12.47
C MET F 72 6.74 -0.41 -13.96
N ASP F 73 7.03 -1.65 -14.35
CA ASP F 73 7.27 -2.00 -15.74
C ASP F 73 5.98 -2.51 -16.36
N PHE F 74 5.36 -1.69 -17.20
CA PHE F 74 4.09 -2.04 -17.84
C PHE F 74 4.26 -2.28 -19.33
N SER F 75 5.28 -3.06 -19.71
CA SER F 75 5.40 -3.47 -21.09
C SER F 75 4.28 -4.43 -21.46
N ILE F 76 3.81 -4.33 -22.70
CA ILE F 76 2.69 -5.13 -23.19
C ILE F 76 3.17 -5.93 -24.39
N ARG F 77 2.49 -7.05 -24.64
CA ARG F 77 2.88 -7.98 -25.68
C ARG F 77 1.64 -8.31 -26.50
N ILE F 78 1.69 -8.07 -27.80
CA ILE F 78 0.53 -8.26 -28.69
C ILE F 78 0.82 -9.37 -29.69
N GLY F 79 0.12 -10.51 -29.53
CA GLY F 79 0.34 -11.68 -30.36
C GLY F 79 -0.47 -11.68 -31.66
N ALA F 80 -0.09 -12.59 -32.55
CA ALA F 80 -0.76 -12.83 -33.83
C ALA F 80 -1.28 -11.55 -34.48
N ILE F 81 -0.36 -10.73 -34.99
CA ILE F 81 -0.70 -9.39 -35.45
C ILE F 81 -1.21 -9.40 -36.88
N THR F 82 -2.27 -8.62 -37.12
CA THR F 82 -2.79 -8.34 -38.44
C THR F 82 -2.60 -6.87 -38.78
N PRO F 83 -2.54 -6.52 -40.06
CA PRO F 83 -2.43 -5.09 -40.42
C PRO F 83 -3.60 -4.26 -39.96
N ALA F 84 -4.77 -4.87 -39.77
CA ALA F 84 -5.92 -4.10 -39.31
C ALA F 84 -5.73 -3.60 -37.89
N ASP F 85 -5.04 -4.36 -37.04
CA ASP F 85 -4.83 -3.98 -35.65
C ASP F 85 -3.67 -2.98 -35.53
N ALA F 86 -3.47 -2.14 -36.53
CA ALA F 86 -2.33 -1.24 -36.58
C ALA F 86 -2.76 0.18 -36.24
N GLY F 87 -1.86 0.90 -35.57
CA GLY F 87 -2.14 2.25 -35.13
C GLY F 87 -1.16 2.65 -34.04
N THR F 88 -1.53 3.71 -33.32
CA THR F 88 -0.74 4.26 -32.24
C THR F 88 -1.40 3.90 -30.91
N TYR F 89 -0.63 3.29 -30.01
CA TYR F 89 -1.13 2.82 -28.74
C TYR F 89 -0.60 3.71 -27.62
N TYR F 90 -1.50 4.06 -26.69
CA TYR F 90 -1.18 4.98 -25.61
C TYR F 90 -1.28 4.27 -24.26
N CYS F 91 -0.29 4.52 -23.40
CA CYS F 91 -0.30 4.04 -22.04
C CYS F 91 -0.75 5.17 -21.13
N VAL F 92 -1.87 4.98 -20.44
CA VAL F 92 -2.51 6.02 -19.65
C VAL F 92 -2.57 5.58 -18.20
N LYS F 93 -2.11 6.44 -17.29
CA LYS F 93 -2.24 6.22 -15.86
C LYS F 93 -3.49 6.92 -15.36
N PHE F 94 -4.32 6.21 -14.61
CA PHE F 94 -5.58 6.74 -14.12
C PHE F 94 -5.48 7.10 -12.65
N ARG F 95 -6.24 8.12 -12.25
CA ARG F 95 -6.42 8.48 -10.85
C ARG F 95 -7.72 7.86 -10.34
N LYS F 96 -7.67 7.33 -9.13
CA LYS F 96 -8.84 6.70 -8.51
C LYS F 96 -9.95 7.72 -8.30
N GLY F 97 -11.19 7.29 -8.52
CA GLY F 97 -12.32 8.19 -8.45
C GLY F 97 -13.46 7.77 -7.54
N SER F 98 -14.40 8.70 -7.38
CA SER F 98 -15.54 8.57 -6.49
C SER F 98 -16.66 7.73 -7.09
N PRO F 99 -17.37 8.14 -8.13
CA PRO F 99 -17.74 7.12 -9.12
C PRO F 99 -16.58 6.96 -10.08
N ASP F 100 -15.98 5.77 -10.08
CA ASP F 100 -14.85 5.25 -10.86
C ASP F 100 -13.69 6.16 -11.25
N ASP F 101 -12.54 5.51 -11.47
CA ASP F 101 -11.26 6.15 -11.72
C ASP F 101 -11.33 7.15 -12.87
N VAL F 102 -10.43 8.15 -12.82
CA VAL F 102 -10.37 9.23 -13.79
C VAL F 102 -8.92 9.42 -14.23
N GLU F 103 -8.74 9.88 -15.46
CA GLU F 103 -7.42 10.05 -16.04
C GLU F 103 -6.55 10.99 -15.20
N PHE F 104 -5.24 10.75 -15.22
CA PHE F 104 -4.28 11.59 -14.52
C PHE F 104 -3.12 12.00 -15.42
N LYS F 105 -2.46 11.02 -16.03
CA LYS F 105 -1.37 11.28 -16.96
C LYS F 105 -1.52 10.37 -18.17
N SER F 106 -1.17 10.90 -19.35
CA SER F 106 -1.23 10.13 -20.60
C SER F 106 0.16 10.05 -21.21
N GLY F 107 0.50 8.87 -21.72
CA GLY F 107 1.78 8.67 -22.36
C GLY F 107 1.85 9.25 -23.77
N ALA F 108 3.06 9.39 -24.27
CA ALA F 108 3.27 9.92 -25.62
C ALA F 108 2.71 8.98 -26.68
N GLY F 109 3.07 7.71 -26.63
CA GLY F 109 2.57 6.72 -27.56
C GLY F 109 3.69 6.04 -28.32
N THR F 110 3.30 4.98 -29.03
CA THR F 110 4.20 4.22 -29.89
C THR F 110 3.47 3.89 -31.18
N GLU F 111 4.23 3.85 -32.28
CA GLU F 111 3.68 3.53 -33.58
C GLU F 111 3.87 2.05 -33.89
N LEU F 112 2.79 1.36 -34.21
CA LEU F 112 2.87 -0.02 -34.67
C LEU F 112 2.94 -0.06 -36.18
N SER F 113 3.81 -0.93 -36.70
CA SER F 113 3.99 -1.06 -38.14
C SER F 113 3.75 -2.50 -38.58
N GLU G 1 8.20 -46.82 -37.42
CA GLU G 1 8.59 -45.59 -36.74
C GLU G 1 10.01 -45.16 -37.03
N ILE G 2 10.38 -43.98 -36.53
CA ILE G 2 11.72 -43.44 -36.67
C ILE G 2 12.48 -43.64 -35.35
N VAL G 3 13.47 -44.52 -35.38
CA VAL G 3 14.33 -44.80 -34.23
C VAL G 3 15.62 -44.00 -34.38
N LEU G 4 16.13 -43.48 -33.26
CA LEU G 4 17.35 -42.69 -33.24
C LEU G 4 18.48 -43.48 -32.61
N THR G 5 19.62 -43.55 -33.30
CA THR G 5 20.81 -44.28 -32.85
C THR G 5 21.92 -43.27 -32.60
N GLN G 6 22.45 -43.25 -31.37
CA GLN G 6 23.50 -42.30 -31.00
C GLN G 6 24.78 -43.08 -30.73
N SER G 7 25.84 -42.75 -31.46
CA SER G 7 27.15 -43.34 -31.21
C SER G 7 28.21 -42.26 -31.14
N PRO G 8 29.27 -42.46 -30.33
CA PRO G 8 29.35 -43.56 -29.36
C PRO G 8 28.54 -43.30 -28.10
N ALA G 9 28.27 -44.36 -27.33
CA ALA G 9 27.52 -44.22 -26.09
C ALA G 9 28.29 -43.38 -25.08
N THR G 10 29.59 -43.60 -24.96
CA THR G 10 30.46 -42.80 -24.13
C THR G 10 31.57 -42.20 -24.97
N LEU G 11 31.88 -40.93 -24.71
CA LEU G 11 32.89 -40.20 -25.47
C LEU G 11 33.84 -39.53 -24.49
N SER G 12 35.11 -39.92 -24.55
CA SER G 12 36.12 -39.40 -23.64
C SER G 12 36.99 -38.40 -24.39
N VAL G 13 36.95 -37.14 -23.97
CA VAL G 13 37.70 -36.06 -24.60
C VAL G 13 38.37 -35.24 -23.51
N SER G 14 39.51 -34.67 -23.85
CA SER G 14 40.17 -33.82 -22.88
C SER G 14 39.47 -32.46 -22.81
N PRO G 15 39.49 -31.80 -21.65
CA PRO G 15 38.89 -30.46 -21.55
C PRO G 15 39.61 -29.48 -22.46
N GLY G 16 38.83 -28.63 -23.12
CA GLY G 16 39.38 -27.69 -24.07
C GLY G 16 39.57 -28.22 -25.49
N GLU G 17 39.26 -29.49 -25.74
CA GLU G 17 39.39 -30.10 -27.05
C GLU G 17 38.01 -30.46 -27.60
N ARG G 18 37.84 -30.32 -28.91
CA ARG G 18 36.55 -30.54 -29.52
C ARG G 18 36.04 -31.97 -29.30
N ALA G 19 34.72 -32.12 -29.35
CA ALA G 19 34.05 -33.40 -29.18
C ALA G 19 32.89 -33.47 -30.14
N THR G 20 32.79 -34.57 -30.89
CA THR G 20 31.72 -34.74 -31.88
C THR G 20 31.04 -36.08 -31.70
N PHE G 21 29.72 -36.05 -31.56
CA PHE G 21 28.90 -37.25 -31.52
C PHE G 21 27.72 -37.04 -32.46
N SER G 22 27.20 -38.14 -33.01
CA SER G 22 26.23 -38.08 -34.07
C SER G 22 24.93 -38.79 -33.68
N CYS G 23 23.84 -38.32 -34.27
CA CYS G 23 22.53 -38.95 -34.15
C CYS G 23 22.06 -39.32 -35.55
N ARG G 24 21.73 -40.59 -35.75
CA ARG G 24 21.34 -41.11 -37.05
C ARG G 24 19.92 -41.69 -36.96
N ALA G 25 19.02 -41.14 -37.77
CA ALA G 25 17.65 -41.62 -37.89
C ALA G 25 17.59 -42.85 -38.79
N SER G 26 16.48 -43.57 -38.71
CA SER G 26 16.27 -44.76 -39.52
C SER G 26 15.38 -44.52 -40.73
N GLN G 27 14.48 -43.54 -40.66
CA GLN G 27 13.58 -43.23 -41.76
C GLN G 27 13.44 -41.74 -42.03
N ASN G 28 13.86 -40.87 -41.11
CA ASN G 28 13.62 -39.44 -41.24
C ASN G 28 14.15 -38.92 -42.58
N VAL G 29 13.26 -38.20 -43.28
CA VAL G 29 13.59 -37.71 -44.61
C VAL G 29 14.39 -36.41 -44.52
N LYS G 30 14.09 -35.57 -43.54
CA LYS G 30 14.71 -34.26 -43.48
C LYS G 30 14.43 -33.61 -42.13
N ASN G 31 15.45 -32.93 -41.61
CA ASN G 31 15.32 -31.90 -40.57
C ASN G 31 14.62 -32.45 -39.33
N ASP G 32 13.99 -31.54 -38.58
CA ASP G 32 13.19 -31.84 -37.40
C ASP G 32 13.94 -32.71 -36.39
N LEU G 33 15.08 -32.19 -35.94
CA LEU G 33 15.89 -32.82 -34.91
C LEU G 33 16.25 -31.78 -33.87
N ALA G 34 16.21 -32.17 -32.60
CA ALA G 34 16.56 -31.30 -31.51
C ALA G 34 17.57 -32.00 -30.62
N TRP G 35 18.53 -31.24 -30.09
CA TRP G 35 19.55 -31.76 -29.20
C TRP G 35 19.29 -31.25 -27.78
N TYR G 36 19.59 -32.08 -26.79
CA TYR G 36 19.34 -31.78 -25.40
C TYR G 36 20.54 -32.14 -24.55
N GLN G 37 20.75 -31.37 -23.49
CA GLN G 37 21.80 -31.62 -22.52
C GLN G 37 21.16 -31.89 -21.18
N GLN G 38 21.56 -32.99 -20.54
CA GLN G 38 21.08 -33.32 -19.21
C GLN G 38 22.26 -33.65 -18.33
N ARG G 39 22.40 -32.93 -17.25
CA ARG G 39 23.42 -33.22 -16.26
C ARG G 39 22.84 -34.09 -15.15
N PRO G 40 23.70 -34.81 -14.42
CA PRO G 40 23.18 -35.72 -13.38
C PRO G 40 22.40 -34.97 -12.31
N GLY G 41 21.23 -35.51 -11.96
CA GLY G 41 20.39 -34.94 -10.94
C GLY G 41 19.56 -33.75 -11.36
N GLN G 42 19.64 -33.34 -12.63
CA GLN G 42 18.89 -32.19 -13.13
C GLN G 42 18.08 -32.59 -14.36
N ALA G 43 17.07 -31.78 -14.66
CA ALA G 43 16.28 -31.99 -15.87
C ALA G 43 17.10 -31.61 -17.10
N PRO G 44 16.80 -32.20 -18.25
CA PRO G 44 17.54 -31.83 -19.46
C PRO G 44 17.24 -30.41 -19.90
N ARG G 45 18.24 -29.78 -20.51
CA ARG G 45 18.12 -28.43 -21.04
C ARG G 45 18.29 -28.50 -22.54
N LEU G 46 17.42 -27.82 -23.28
CA LEU G 46 17.45 -27.93 -24.74
C LEU G 46 18.53 -27.02 -25.30
N LEU G 47 19.36 -27.59 -26.19
CA LEU G 47 20.47 -26.88 -26.80
C LEU G 47 20.19 -26.42 -28.23
N ILE G 48 19.81 -27.36 -29.10
CA ILE G 48 19.74 -27.11 -30.53
C ILE G 48 18.38 -27.53 -31.04
N TYR G 49 17.79 -26.72 -31.90
CA TYR G 49 16.57 -27.06 -32.62
C TYR G 49 16.78 -26.78 -34.10
N ALA G 50 15.96 -27.42 -34.93
CA ALA G 50 16.07 -27.31 -36.39
C ALA G 50 17.49 -27.64 -36.85
N ALA G 51 18.04 -28.73 -36.30
CA ALA G 51 19.32 -29.31 -36.68
C ALA G 51 20.51 -28.43 -36.30
N ARG G 52 20.47 -27.15 -36.67
CA ARG G 52 21.64 -26.29 -36.56
C ARG G 52 21.44 -25.03 -35.74
N ILE G 53 20.23 -24.77 -35.24
CA ILE G 53 19.92 -23.49 -34.60
C ILE G 53 20.11 -23.66 -33.09
N ARG G 54 20.93 -22.79 -32.51
CA ARG G 54 21.21 -22.82 -31.09
C ARG G 54 20.21 -21.95 -30.33
N GLU G 55 19.97 -22.31 -29.07
CA GLU G 55 18.97 -21.64 -28.26
C GLU G 55 19.56 -20.52 -27.43
N THR G 56 18.71 -19.57 -27.07
CA THR G 56 19.13 -18.45 -26.25
C THR G 56 19.61 -18.96 -24.90
N GLY G 57 20.68 -18.35 -24.39
CA GLY G 57 21.29 -18.76 -23.15
C GLY G 57 22.20 -19.97 -23.25
N ILE G 58 22.41 -20.50 -24.44
CA ILE G 58 23.29 -21.65 -24.66
C ILE G 58 24.60 -21.15 -25.24
N PRO G 59 25.76 -21.55 -24.71
CA PRO G 59 27.02 -21.02 -25.22
C PRO G 59 27.27 -21.43 -26.67
N GLU G 60 28.08 -20.61 -27.36
CA GLU G 60 28.33 -20.79 -28.78
C GLU G 60 29.20 -21.99 -29.10
N ARG G 61 29.77 -22.66 -28.10
CA ARG G 61 30.55 -23.87 -28.35
C ARG G 61 29.69 -24.93 -29.03
N PHE G 62 28.45 -25.08 -28.57
CA PHE G 62 27.55 -26.08 -29.11
C PHE G 62 27.12 -25.71 -30.53
N SER G 63 27.21 -26.68 -31.44
CA SER G 63 26.80 -26.45 -32.83
C SER G 63 26.26 -27.75 -33.39
N GLY G 64 25.12 -27.67 -34.07
CA GLY G 64 24.46 -28.82 -34.68
C GLY G 64 24.50 -28.72 -36.19
N SER G 65 24.51 -29.88 -36.85
CA SER G 65 24.57 -29.92 -38.31
C SER G 65 23.94 -31.22 -38.80
N GLY G 66 23.59 -31.22 -40.08
CA GLY G 66 23.05 -32.40 -40.73
C GLY G 66 21.62 -32.20 -41.20
N SER G 67 21.18 -33.16 -42.01
CA SER G 67 19.83 -33.18 -42.55
C SER G 67 19.49 -34.60 -42.97
N GLY G 68 18.20 -34.89 -43.01
CA GLY G 68 17.75 -36.21 -43.40
C GLY G 68 17.98 -37.26 -42.33
N THR G 69 18.94 -38.15 -42.58
CA THR G 69 19.24 -39.23 -41.67
C THR G 69 20.51 -39.00 -40.84
N GLU G 70 21.39 -38.11 -41.25
CA GLU G 70 22.67 -37.89 -40.57
C GLU G 70 22.69 -36.53 -39.89
N PHE G 71 23.01 -36.51 -38.60
CA PHE G 71 23.15 -35.28 -37.83
C PHE G 71 24.31 -35.38 -36.87
N THR G 72 24.80 -34.23 -36.43
CA THR G 72 25.99 -34.14 -35.59
C THR G 72 25.90 -32.90 -34.71
N LEU G 73 26.35 -33.03 -33.46
CA LEU G 73 26.47 -31.92 -32.53
C LEU G 73 27.90 -31.81 -32.05
N THR G 74 28.44 -30.60 -32.06
CA THR G 74 29.85 -30.36 -31.77
C THR G 74 29.99 -29.32 -30.67
N ILE G 75 30.97 -29.53 -29.79
CA ILE G 75 31.29 -28.55 -28.75
C ILE G 75 32.71 -28.05 -29.02
N THR G 76 32.83 -26.73 -29.22
CA THR G 76 34.08 -26.13 -29.63
C THR G 76 35.16 -26.33 -28.57
N SER G 77 34.95 -25.82 -27.37
CA SER G 77 35.94 -25.89 -26.29
C SER G 77 35.25 -26.42 -25.04
N LEU G 78 35.49 -27.69 -24.70
CA LEU G 78 34.80 -28.28 -23.55
C LEU G 78 35.25 -27.65 -22.24
N GLN G 79 34.26 -27.26 -21.44
CA GLN G 79 34.48 -26.84 -20.07
C GLN G 79 33.85 -27.88 -19.14
N SER G 80 34.09 -27.70 -17.85
CA SER G 80 33.62 -28.65 -16.85
C SER G 80 32.10 -28.81 -16.88
N GLU G 81 31.37 -27.75 -17.19
CA GLU G 81 29.91 -27.81 -17.21
C GLU G 81 29.39 -28.64 -18.38
N ASP G 82 30.14 -28.72 -19.48
CA ASP G 82 29.65 -29.41 -20.68
C ASP G 82 29.63 -30.93 -20.54
N PHE G 83 30.33 -31.49 -19.55
CA PHE G 83 30.39 -32.95 -19.40
C PHE G 83 29.06 -33.44 -18.85
N ALA G 84 28.25 -34.02 -19.73
CA ALA G 84 26.91 -34.48 -19.38
C ALA G 84 26.45 -35.47 -20.45
N VAL G 85 25.20 -35.89 -20.35
CA VAL G 85 24.59 -36.77 -21.34
C VAL G 85 23.81 -35.91 -22.33
N TYR G 86 23.92 -36.25 -23.61
CA TYR G 86 23.31 -35.47 -24.68
C TYR G 86 22.35 -36.36 -25.46
N TYR G 87 21.12 -35.89 -25.63
CA TYR G 87 20.09 -36.62 -26.34
C TYR G 87 19.67 -35.85 -27.58
N CYS G 88 19.33 -36.61 -28.63
CA CYS G 88 18.74 -36.07 -29.84
C CYS G 88 17.26 -36.46 -29.88
N GLN G 89 16.43 -35.54 -30.35
CA GLN G 89 14.99 -35.78 -30.43
C GLN G 89 14.51 -35.37 -31.81
N GLN G 90 13.77 -36.25 -32.47
CA GLN G 90 13.20 -35.95 -33.77
C GLN G 90 11.71 -35.67 -33.60
N TYR G 91 11.21 -34.68 -34.34
CA TYR G 91 9.80 -34.35 -34.33
C TYR G 91 9.26 -34.28 -35.76
N TYR G 92 9.86 -35.04 -36.67
CA TYR G 92 9.43 -34.99 -38.06
C TYR G 92 8.09 -35.67 -38.26
N ASP G 93 7.88 -36.82 -37.62
CA ASP G 93 6.72 -37.65 -37.91
C ASP G 93 6.04 -38.12 -36.63
N TRP G 94 4.72 -37.96 -36.59
CA TRP G 94 3.81 -38.81 -35.83
C TRP G 94 3.71 -38.47 -34.34
N PRO G 95 2.62 -38.87 -33.69
CA PRO G 95 2.47 -38.66 -32.24
C PRO G 95 3.62 -39.23 -31.42
N PRO G 96 4.22 -40.39 -31.78
CA PRO G 96 5.31 -40.88 -30.93
C PRO G 96 6.62 -40.13 -31.17
N PHE G 97 6.94 -39.24 -30.23
CA PHE G 97 8.24 -38.58 -30.18
C PHE G 97 9.29 -39.56 -29.68
N THR G 98 10.38 -39.69 -30.43
CA THR G 98 11.45 -40.61 -30.08
C THR G 98 12.71 -39.84 -29.71
N PHE G 99 13.45 -40.38 -28.74
CA PHE G 99 14.72 -39.83 -28.30
C PHE G 99 15.84 -40.81 -28.62
N GLY G 100 17.04 -40.28 -28.76
CA GLY G 100 18.19 -41.14 -28.98
C GLY G 100 18.62 -41.87 -27.73
N GLY G 101 19.45 -42.90 -27.93
CA GLY G 101 19.94 -43.68 -26.80
C GLY G 101 20.73 -42.86 -25.81
N GLY G 102 21.43 -41.84 -26.28
CA GLY G 102 22.20 -40.95 -25.42
C GLY G 102 23.70 -41.17 -25.57
N THR G 103 24.45 -40.08 -25.54
CA THR G 103 25.90 -40.11 -25.59
C THR G 103 26.45 -39.46 -24.33
N LYS G 104 27.34 -40.17 -23.64
CA LYS G 104 27.92 -39.70 -22.39
C LYS G 104 29.31 -39.11 -22.66
N VAL G 105 29.42 -37.80 -22.48
CA VAL G 105 30.70 -37.10 -22.62
C VAL G 105 31.41 -37.13 -21.26
N GLU G 106 32.58 -37.75 -21.22
CA GLU G 106 33.34 -37.84 -19.98
C GLU G 106 34.72 -37.21 -20.17
N ILE G 107 35.23 -36.59 -19.09
CA ILE G 107 36.57 -36.02 -19.12
C ILE G 107 37.58 -37.15 -19.30
N LYS G 108 38.52 -36.95 -20.21
CA LYS G 108 39.53 -37.96 -20.53
C LYS G 108 40.73 -37.77 -19.61
N ARG G 109 41.23 -38.87 -19.05
CA ARG G 109 42.24 -38.81 -18.03
C ARG G 109 43.30 -39.88 -18.27
N THR G 110 44.40 -39.78 -17.52
CA THR G 110 45.46 -40.78 -17.59
C THR G 110 44.98 -42.09 -16.99
N VAL G 111 45.60 -43.19 -17.42
CA VAL G 111 45.21 -44.50 -16.94
C VAL G 111 45.52 -44.59 -15.45
N ALA G 112 44.58 -45.14 -14.69
CA ALA G 112 44.74 -45.31 -13.25
C ALA G 112 44.33 -46.73 -12.88
N ALA G 113 45.22 -47.45 -12.22
CA ALA G 113 44.90 -48.80 -11.77
C ALA G 113 44.00 -48.74 -10.55
N PRO G 114 43.01 -49.63 -10.45
CA PRO G 114 42.11 -49.60 -9.29
C PRO G 114 42.77 -50.14 -8.03
N SER G 115 42.33 -49.61 -6.90
CA SER G 115 42.69 -50.14 -5.60
C SER G 115 41.60 -51.11 -5.15
N VAL G 116 41.96 -52.38 -4.98
CA VAL G 116 41.00 -53.44 -4.72
C VAL G 116 40.93 -53.70 -3.22
N PHE G 117 39.70 -53.77 -2.71
CA PHE G 117 39.45 -54.06 -1.31
C PHE G 117 38.33 -55.07 -1.20
N ILE G 118 38.40 -55.90 -0.16
CA ILE G 118 37.44 -56.95 0.09
C ILE G 118 36.79 -56.74 1.45
N PHE G 119 35.52 -57.10 1.55
CA PHE G 119 34.83 -56.95 2.82
C PHE G 119 34.08 -58.24 3.13
N PRO G 120 34.40 -58.93 4.22
CA PRO G 120 33.63 -60.13 4.60
C PRO G 120 32.30 -59.75 5.22
N PRO G 121 31.35 -60.67 5.26
CA PRO G 121 30.08 -60.38 5.94
C PRO G 121 30.31 -60.15 7.43
N SER G 122 29.61 -59.17 7.98
CA SER G 122 29.75 -58.89 9.40
C SER G 122 29.12 -60.00 10.23
N ASP G 123 29.59 -60.12 11.47
CA ASP G 123 29.04 -61.14 12.38
C ASP G 123 27.55 -60.90 12.59
N GLU G 124 27.16 -59.63 12.65
CA GLU G 124 25.79 -59.20 12.88
C GLU G 124 24.89 -59.42 11.66
N GLN G 125 25.40 -59.24 10.44
CA GLN G 125 24.57 -59.56 9.27
C GLN G 125 24.32 -61.06 9.18
N LEU G 126 25.31 -61.87 9.56
CA LEU G 126 25.14 -63.32 9.53
C LEU G 126 24.05 -63.77 10.49
N LYS G 127 23.89 -63.06 11.62
CA LYS G 127 22.80 -63.37 12.54
C LYS G 127 21.43 -63.20 11.86
N SER G 128 21.33 -62.29 10.90
CA SER G 128 20.06 -62.04 10.23
C SER G 128 19.69 -63.16 9.26
N GLY G 129 20.66 -63.94 8.78
CA GLY G 129 20.40 -65.03 7.86
C GLY G 129 20.85 -64.79 6.43
N THR G 130 21.49 -63.66 6.13
CA THR G 130 21.98 -63.36 4.80
C THR G 130 23.45 -62.95 4.89
N ALA G 131 24.22 -63.33 3.88
CA ALA G 131 25.64 -63.02 3.83
C ALA G 131 25.93 -62.15 2.61
N SER G 132 26.50 -60.97 2.84
CA SER G 132 26.88 -60.05 1.78
C SER G 132 28.38 -59.89 1.72
N VAL G 133 28.97 -60.12 0.55
CA VAL G 133 30.40 -59.96 0.32
C VAL G 133 30.59 -58.80 -0.65
N VAL G 134 31.33 -57.78 -0.22
CA VAL G 134 31.53 -56.56 -1.00
C VAL G 134 32.98 -56.45 -1.43
N CYS G 135 33.21 -56.16 -2.71
CA CYS G 135 34.52 -55.86 -3.25
C CYS G 135 34.47 -54.50 -3.94
N LEU G 136 35.47 -53.66 -3.66
CA LEU G 136 35.49 -52.27 -4.08
C LEU G 136 36.69 -51.99 -4.96
N LEU G 137 36.44 -51.33 -6.09
CA LEU G 137 37.48 -50.80 -6.97
C LEU G 137 37.44 -49.29 -6.81
N ASN G 138 38.55 -48.68 -6.41
CA ASN G 138 38.56 -47.30 -5.97
C ASN G 138 39.51 -46.47 -6.82
N ASN G 139 38.99 -45.36 -7.35
CA ASN G 139 39.76 -44.33 -8.05
C ASN G 139 40.60 -44.95 -9.17
N PHE G 140 39.90 -45.36 -10.23
CA PHE G 140 40.52 -45.95 -11.40
C PHE G 140 39.97 -45.31 -12.65
N TYR G 141 40.82 -45.25 -13.69
CA TYR G 141 40.45 -44.76 -15.00
C TYR G 141 41.16 -45.62 -16.02
N PRO G 142 40.49 -45.99 -17.12
CA PRO G 142 39.12 -45.65 -17.49
C PRO G 142 38.03 -46.51 -16.84
N ARG G 143 36.83 -46.41 -17.40
CA ARG G 143 35.64 -47.03 -16.80
C ARG G 143 35.60 -48.55 -17.01
N GLU G 144 36.11 -49.04 -18.13
CA GLU G 144 36.02 -50.47 -18.44
C GLU G 144 36.69 -51.28 -17.35
N ALA G 145 35.92 -52.15 -16.69
CA ALA G 145 36.44 -52.97 -15.61
C ALA G 145 35.68 -54.29 -15.57
N LYS G 146 36.35 -55.33 -15.07
CA LYS G 146 35.79 -56.67 -15.02
C LYS G 146 36.11 -57.27 -13.66
N VAL G 147 35.08 -57.66 -12.91
CA VAL G 147 35.24 -58.27 -11.61
C VAL G 147 34.70 -59.69 -11.65
N GLN G 148 35.35 -60.59 -10.92
CA GLN G 148 34.97 -61.99 -10.91
C GLN G 148 34.96 -62.49 -9.48
N TRP G 149 33.90 -63.21 -9.10
CA TRP G 149 33.76 -63.73 -7.75
C TRP G 149 34.02 -65.23 -7.76
N LYS G 150 34.91 -65.67 -6.86
CA LYS G 150 35.18 -67.09 -6.70
C LYS G 150 35.02 -67.45 -5.24
N VAL G 151 34.26 -68.50 -4.98
CA VAL G 151 34.08 -69.02 -3.63
C VAL G 151 34.71 -70.41 -3.61
N ASP G 152 35.83 -70.54 -2.92
CA ASP G 152 36.62 -71.76 -2.94
C ASP G 152 36.95 -72.18 -4.37
N ASN G 153 37.53 -71.24 -5.12
CA ASN G 153 37.92 -71.43 -6.53
C ASN G 153 36.73 -71.81 -7.42
N ALA G 154 35.51 -71.44 -7.02
CA ALA G 154 34.33 -71.65 -7.86
C ALA G 154 33.73 -70.29 -8.21
N LEU G 155 33.72 -69.98 -9.50
CA LEU G 155 33.23 -68.68 -9.95
C LEU G 155 31.73 -68.54 -9.67
N GLN G 156 31.32 -67.37 -9.23
CA GLN G 156 29.92 -67.09 -8.92
C GLN G 156 29.28 -66.27 -10.04
N SER G 157 28.08 -66.68 -10.46
CA SER G 157 27.37 -66.03 -11.55
C SER G 157 25.92 -65.80 -11.15
N GLY G 158 25.42 -64.58 -11.39
CA GLY G 158 24.04 -64.24 -11.17
C GLY G 158 23.69 -63.81 -9.76
N ASN G 159 24.66 -63.76 -8.84
CA ASN G 159 24.42 -63.38 -7.46
C ASN G 159 25.25 -62.16 -7.06
N SER G 160 25.68 -61.36 -8.05
CA SER G 160 26.49 -60.17 -7.80
C SER G 160 25.94 -59.01 -8.60
N GLN G 161 25.88 -57.85 -7.95
CA GLN G 161 25.42 -56.61 -8.57
C GLN G 161 26.50 -55.56 -8.46
N GLU G 162 26.67 -54.78 -9.53
CA GLU G 162 27.72 -53.78 -9.61
C GLU G 162 27.12 -52.38 -9.53
N SER G 163 27.81 -51.49 -8.83
CA SER G 163 27.43 -50.09 -8.75
C SER G 163 28.65 -49.24 -9.06
N VAL G 164 28.45 -48.14 -9.78
CA VAL G 164 29.54 -47.31 -10.26
C VAL G 164 29.37 -45.90 -9.73
N THR G 165 30.47 -45.32 -9.25
CA THR G 165 30.47 -43.94 -8.80
C THR G 165 30.60 -42.99 -9.99
N GLU G 166 29.79 -41.94 -9.97
CA GLU G 166 29.93 -40.89 -10.98
C GLU G 166 31.33 -40.28 -10.89
N GLN G 167 31.81 -39.80 -12.03
CA GLN G 167 33.20 -39.38 -12.13
C GLN G 167 33.52 -38.25 -11.14
N ASP G 168 34.62 -38.42 -10.41
CA ASP G 168 34.99 -37.53 -9.34
C ASP G 168 35.29 -36.13 -9.86
N SER G 169 34.93 -35.13 -9.05
CA SER G 169 35.07 -33.73 -9.46
C SER G 169 36.53 -33.32 -9.57
N LYS G 170 37.38 -33.80 -8.67
CA LYS G 170 38.73 -33.25 -8.56
C LYS G 170 39.78 -34.04 -9.34
N ASP G 171 39.64 -35.37 -9.47
CA ASP G 171 40.63 -36.16 -10.21
C ASP G 171 40.01 -36.99 -11.33
N SER G 172 38.70 -36.94 -11.53
CA SER G 172 38.03 -37.55 -12.69
C SER G 172 38.22 -39.06 -12.75
N THR G 173 38.20 -39.73 -11.60
CA THR G 173 38.34 -41.17 -11.53
C THR G 173 36.98 -41.82 -11.28
N TYR G 174 36.93 -43.14 -11.39
CA TYR G 174 35.74 -43.92 -11.11
C TYR G 174 35.95 -44.79 -9.87
N SER G 175 34.85 -45.24 -9.28
CA SER G 175 34.86 -46.18 -8.17
C SER G 175 33.78 -47.21 -8.41
N LEU G 176 34.11 -48.48 -8.18
CA LEU G 176 33.21 -49.60 -8.47
C LEU G 176 32.99 -50.42 -7.22
N SER G 177 31.74 -50.83 -7.00
CA SER G 177 31.37 -51.70 -5.89
C SER G 177 30.64 -52.91 -6.42
N SER G 178 31.15 -54.09 -6.11
CA SER G 178 30.52 -55.36 -6.46
C SER G 178 30.07 -56.05 -5.18
N THR G 179 28.76 -56.25 -5.05
CA THR G 179 28.17 -56.86 -3.85
C THR G 179 27.73 -58.29 -4.17
N LEU G 180 28.34 -59.25 -3.49
CA LEU G 180 28.00 -60.66 -3.65
C LEU G 180 27.08 -61.06 -2.49
N THR G 181 25.89 -61.54 -2.82
CA THR G 181 24.90 -61.91 -1.82
C THR G 181 24.77 -63.42 -1.79
N LEU G 182 25.03 -64.01 -0.61
CA LEU G 182 24.95 -65.44 -0.41
C LEU G 182 24.06 -65.73 0.79
N SER G 183 23.58 -66.97 0.86
CA SER G 183 22.84 -67.41 2.03
C SER G 183 23.78 -67.68 3.20
N LYS G 184 23.22 -67.64 4.41
CA LYS G 184 24.00 -67.92 5.61
C LYS G 184 24.58 -69.34 5.57
N ALA G 185 23.75 -70.32 5.17
CA ALA G 185 24.23 -71.69 5.09
C ALA G 185 25.33 -71.85 4.05
N ASP G 186 25.18 -71.23 2.88
CA ASP G 186 26.20 -71.31 1.85
C ASP G 186 27.50 -70.65 2.29
N TYR G 187 27.42 -69.57 3.06
CA TYR G 187 28.63 -68.89 3.49
C TYR G 187 29.43 -69.73 4.46
N GLU G 188 28.76 -70.47 5.34
CA GLU G 188 29.47 -71.24 6.36
C GLU G 188 30.06 -72.53 5.82
N LYS G 189 29.56 -73.03 4.69
CA LYS G 189 30.09 -74.23 4.07
C LYS G 189 31.27 -73.95 3.15
N HIS G 190 31.80 -72.74 3.16
CA HIS G 190 32.95 -72.42 2.32
C HIS G 190 33.96 -71.63 3.15
N LYS G 191 35.21 -71.61 2.68
CA LYS G 191 36.32 -71.05 3.42
C LYS G 191 36.88 -69.78 2.78
N VAL G 192 37.28 -69.84 1.52
CA VAL G 192 38.00 -68.75 0.86
C VAL G 192 37.06 -67.99 -0.05
N TYR G 193 37.14 -66.67 0.01
CA TYR G 193 36.30 -65.79 -0.80
C TYR G 193 37.20 -64.76 -1.47
N ALA G 194 37.20 -64.75 -2.80
CA ALA G 194 38.13 -63.93 -3.57
C ALA G 194 37.39 -63.05 -4.56
N CYS G 195 37.89 -61.83 -4.75
CA CYS G 195 37.40 -60.90 -5.76
C CYS G 195 38.52 -60.68 -6.76
N GLU G 196 38.35 -61.19 -7.98
CA GLU G 196 39.35 -61.03 -9.03
C GLU G 196 38.97 -59.84 -9.90
N VAL G 197 39.92 -58.94 -10.12
CA VAL G 197 39.69 -57.70 -10.84
C VAL G 197 40.67 -57.62 -12.00
N THR G 198 40.15 -57.37 -13.19
CA THR G 198 40.96 -57.17 -14.39
C THR G 198 40.69 -55.76 -14.90
N HIS G 199 41.75 -54.99 -15.10
CA HIS G 199 41.61 -53.60 -15.50
C HIS G 199 42.77 -53.21 -16.41
N GLN G 200 42.52 -52.17 -17.22
CA GLN G 200 43.52 -51.70 -18.17
C GLN G 200 44.77 -51.18 -17.46
N GLY G 201 44.63 -50.66 -16.25
CA GLY G 201 45.77 -50.16 -15.50
C GLY G 201 46.67 -51.22 -14.89
N LEU G 202 46.20 -52.46 -14.81
CA LEU G 202 46.95 -53.55 -14.21
C LEU G 202 47.61 -54.42 -15.26
N SER G 203 48.87 -54.79 -15.01
CA SER G 203 49.55 -55.73 -15.88
C SER G 203 48.89 -57.10 -15.82
N SER G 204 48.56 -57.57 -14.62
CA SER G 204 47.83 -58.80 -14.39
C SER G 204 46.66 -58.54 -13.47
N PRO G 205 45.60 -59.35 -13.56
CA PRO G 205 44.46 -59.18 -12.64
C PRO G 205 44.87 -59.28 -11.18
N VAL G 206 44.26 -58.45 -10.36
CA VAL G 206 44.53 -58.44 -8.92
C VAL G 206 43.40 -59.14 -8.21
N THR G 207 43.75 -60.05 -7.30
CA THR G 207 42.80 -60.81 -6.51
C THR G 207 42.95 -60.45 -5.05
N LYS G 208 41.84 -60.22 -4.37
CA LYS G 208 41.81 -60.00 -2.93
C LYS G 208 41.01 -61.14 -2.33
N SER G 209 41.63 -61.95 -1.47
CA SER G 209 40.99 -63.13 -0.89
C SER G 209 41.12 -63.05 0.62
N PHE G 210 40.14 -63.64 1.33
CA PHE G 210 40.16 -63.73 2.78
C PHE G 210 39.66 -65.09 3.23
N ASN G 211 40.16 -65.54 4.38
CA ASN G 211 39.67 -66.75 5.02
C ASN G 211 38.53 -66.41 5.97
N ARG G 212 37.51 -67.27 6.00
CA ARG G 212 36.31 -67.06 6.80
C ARG G 212 36.62 -67.22 8.29
N GLY G 213 36.84 -66.08 8.96
CA GLY G 213 37.14 -66.04 10.38
C GLY G 213 37.22 -64.60 10.87
N GLU G 214 38.12 -64.32 11.82
CA GLU G 214 38.25 -62.97 12.34
C GLU G 214 39.70 -62.67 12.73
N ASP H 1 10.77 -15.70 -13.46
CA ASP H 1 10.94 -16.04 -14.86
C ASP H 1 9.90 -17.07 -15.29
N VAL H 2 10.24 -17.89 -16.28
CA VAL H 2 9.38 -19.00 -16.67
C VAL H 2 9.87 -20.24 -15.94
N GLN H 3 8.98 -20.88 -15.19
CA GLN H 3 9.34 -22.06 -14.42
C GLN H 3 8.13 -22.98 -14.31
N LEU H 4 8.38 -24.29 -14.39
CA LEU H 4 7.38 -25.32 -14.20
C LEU H 4 7.86 -26.30 -13.13
N LEU H 5 7.03 -26.52 -12.10
CA LEU H 5 7.40 -27.35 -10.96
C LEU H 5 6.41 -28.51 -10.86
N GLU H 6 6.91 -29.73 -10.99
CA GLU H 6 6.07 -30.92 -10.97
C GLU H 6 5.80 -31.34 -9.53
N SER H 7 4.67 -32.00 -9.32
CA SER H 7 4.25 -32.35 -7.98
C SER H 7 3.32 -33.55 -8.02
N GLY H 8 3.27 -34.26 -6.89
CA GLY H 8 2.32 -35.33 -6.70
C GLY H 8 2.80 -36.72 -7.01
N GLY H 9 4.10 -36.94 -7.16
CA GLY H 9 4.63 -38.26 -7.44
C GLY H 9 5.25 -38.90 -6.22
N GLY H 10 4.75 -40.09 -5.86
CA GLY H 10 5.39 -40.86 -4.84
C GLY H 10 5.42 -42.35 -5.15
N VAL H 11 5.05 -43.16 -4.17
CA VAL H 11 5.07 -44.61 -4.28
C VAL H 11 3.63 -45.07 -4.39
N VAL H 12 3.36 -45.95 -5.36
CA VAL H 12 2.01 -46.46 -5.60
C VAL H 12 2.09 -47.97 -5.76
N GLN H 13 1.10 -48.66 -5.20
CA GLN H 13 1.02 -50.11 -5.34
C GLN H 13 0.77 -50.48 -6.80
N PRO H 14 1.20 -51.65 -7.23
CA PRO H 14 0.93 -52.09 -8.60
C PRO H 14 -0.57 -52.11 -8.87
N GLY H 15 -0.96 -51.60 -10.04
CA GLY H 15 -2.35 -51.44 -10.36
C GLY H 15 -3.01 -50.21 -9.77
N GLY H 16 -2.29 -49.45 -8.94
CA GLY H 16 -2.84 -48.25 -8.35
C GLY H 16 -2.86 -47.07 -9.32
N SER H 17 -3.29 -45.93 -8.81
CA SER H 17 -3.41 -44.71 -9.60
C SER H 17 -2.71 -43.54 -8.93
N LEU H 18 -2.32 -42.57 -9.75
CA LEU H 18 -1.68 -41.36 -9.24
C LEU H 18 -1.86 -40.24 -10.26
N ARG H 19 -1.92 -39.01 -9.75
CA ARG H 19 -2.07 -37.82 -10.59
C ARG H 19 -0.91 -36.86 -10.33
N LEU H 20 -0.22 -36.49 -11.40
CA LEU H 20 0.88 -35.53 -11.33
C LEU H 20 0.47 -34.18 -11.90
N SER H 21 1.01 -33.13 -11.31
CA SER H 21 0.73 -31.75 -11.68
C SER H 21 2.01 -30.94 -11.72
N CYS H 22 2.12 -30.08 -12.73
CA CYS H 22 3.24 -29.16 -12.83
C CYS H 22 2.63 -27.82 -13.23
N ALA H 23 2.68 -26.86 -12.32
CA ALA H 23 2.06 -25.55 -12.51
C ALA H 23 2.96 -24.65 -13.35
N ALA H 24 2.42 -24.17 -14.47
CA ALA H 24 3.18 -23.33 -15.38
C ALA H 24 3.14 -21.87 -14.95
N SER H 25 4.23 -21.16 -15.25
CA SER H 25 4.35 -19.76 -14.89
C SER H 25 5.28 -19.06 -15.87
N GLY H 26 5.04 -17.75 -16.05
CA GLY H 26 5.90 -16.91 -16.85
C GLY H 26 5.59 -16.82 -18.33
N PHE H 27 4.58 -17.53 -18.82
CA PHE H 27 4.25 -17.47 -20.24
C PHE H 27 2.77 -17.78 -20.43
N SER H 28 2.27 -17.49 -21.61
CA SER H 28 0.87 -17.75 -21.93
C SER H 28 0.68 -19.25 -22.06
N PHE H 29 0.25 -19.89 -20.97
CA PHE H 29 0.06 -21.34 -20.94
C PHE H 29 -1.01 -21.81 -21.89
N SER H 30 -1.95 -20.94 -22.25
CA SER H 30 -3.10 -21.37 -23.05
C SER H 30 -2.73 -21.68 -24.49
N ASN H 31 -1.71 -21.01 -25.03
CA ASN H 31 -1.39 -21.09 -26.45
C ASN H 31 -0.14 -21.92 -26.74
N PHE H 32 0.26 -22.78 -25.81
CA PHE H 32 1.37 -23.70 -26.01
C PHE H 32 0.94 -25.13 -25.73
N ALA H 33 1.52 -26.06 -26.47
CA ALA H 33 1.36 -27.47 -26.18
C ALA H 33 2.25 -27.89 -25.01
N MET H 34 1.80 -28.88 -24.27
CA MET H 34 2.52 -29.36 -23.10
C MET H 34 2.76 -30.86 -23.23
N THR H 35 3.89 -31.29 -22.69
CA THR H 35 4.36 -32.65 -22.90
C THR H 35 4.86 -33.22 -21.58
N TRP H 36 4.74 -34.54 -21.45
CA TRP H 36 5.36 -35.30 -20.37
C TRP H 36 6.45 -36.17 -20.98
N VAL H 37 7.63 -36.18 -20.36
CA VAL H 37 8.76 -36.95 -20.82
C VAL H 37 9.30 -37.75 -19.64
N ARG H 38 9.56 -39.04 -19.88
CA ARG H 38 9.87 -40.00 -18.84
C ARG H 38 11.35 -40.40 -18.85
N GLN H 39 11.86 -40.74 -17.67
CA GLN H 39 13.24 -41.23 -17.56
C GLN H 39 13.29 -42.22 -16.38
N ALA H 40 13.36 -43.51 -16.70
CA ALA H 40 13.52 -44.53 -15.67
C ALA H 40 14.94 -44.46 -15.10
N PRO H 41 15.14 -44.95 -13.87
CA PRO H 41 16.47 -44.87 -13.26
C PRO H 41 17.54 -45.57 -14.10
N GLY H 42 18.61 -44.83 -14.39
CA GLY H 42 19.71 -45.34 -15.18
C GLY H 42 19.44 -45.51 -16.65
N GLU H 43 18.41 -44.85 -17.18
CA GLU H 43 18.04 -44.99 -18.59
C GLU H 43 17.77 -43.61 -19.17
N GLY H 44 17.43 -43.58 -20.47
CA GLY H 44 17.26 -42.34 -21.20
C GLY H 44 15.84 -41.79 -21.16
N LEU H 45 15.61 -40.77 -21.98
CA LEU H 45 14.33 -40.09 -22.07
C LEU H 45 13.38 -40.81 -23.02
N GLU H 46 12.09 -40.82 -22.66
CA GLU H 46 11.05 -41.37 -23.52
C GLU H 46 9.80 -40.50 -23.40
N TRP H 47 9.21 -40.16 -24.54
CA TRP H 47 8.02 -39.31 -24.55
C TRP H 47 6.80 -40.08 -24.06
N VAL H 48 5.94 -39.38 -23.30
CA VAL H 48 4.76 -40.00 -22.71
C VAL H 48 3.50 -39.51 -23.42
N SER H 49 3.14 -38.25 -23.20
CA SER H 49 1.89 -37.72 -23.72
C SER H 49 2.04 -36.25 -24.07
N THR H 50 1.21 -35.79 -25.00
CA THR H 50 1.20 -34.40 -25.43
C THR H 50 -0.25 -33.97 -25.63
N ILE H 51 -0.59 -32.78 -25.14
CA ILE H 51 -1.94 -32.26 -25.25
C ILE H 51 -1.89 -30.85 -25.81
N GLY H 52 -2.92 -30.53 -26.60
CA GLY H 52 -3.10 -29.18 -27.08
C GLY H 52 -4.37 -28.57 -26.53
N SER H 53 -5.44 -28.60 -27.31
CA SER H 53 -6.77 -28.14 -26.90
C SER H 53 -7.76 -29.23 -27.29
N GLY H 54 -7.87 -30.24 -26.44
CA GLY H 54 -8.71 -31.40 -26.71
C GLY H 54 -8.06 -32.47 -27.56
N ASP H 55 -6.99 -32.16 -28.28
CA ASP H 55 -6.26 -33.16 -29.05
C ASP H 55 -5.16 -33.73 -28.16
N THR H 56 -5.20 -35.04 -27.94
CA THR H 56 -4.25 -35.71 -27.08
C THR H 56 -3.54 -36.83 -27.83
N TYR H 57 -2.30 -37.10 -27.43
CA TYR H 57 -1.49 -38.15 -28.02
C TYR H 57 -0.81 -38.91 -26.89
N TYR H 58 -0.72 -40.23 -27.04
CA TYR H 58 -0.15 -41.10 -26.02
C TYR H 58 0.82 -42.09 -26.65
N ALA H 59 1.84 -42.47 -25.88
CA ALA H 59 2.76 -43.51 -26.30
C ALA H 59 2.08 -44.88 -26.29
N ASP H 60 2.68 -45.83 -27.01
CA ASP H 60 2.08 -47.15 -27.13
C ASP H 60 1.99 -47.86 -25.77
N SER H 61 3.05 -47.78 -24.97
CA SER H 61 3.03 -48.41 -23.65
C SER H 61 1.99 -47.75 -22.75
N VAL H 62 1.97 -46.42 -22.73
CA VAL H 62 0.92 -45.68 -22.04
C VAL H 62 -0.44 -45.94 -22.71
N LYS H 63 -0.59 -45.45 -23.93
CA LYS H 63 -1.84 -45.44 -24.70
C LYS H 63 -3.07 -45.18 -23.84
N GLY H 64 -3.81 -46.23 -23.48
CA GLY H 64 -5.09 -46.07 -22.81
C GLY H 64 -5.05 -45.92 -21.30
N ARG H 65 -3.92 -46.19 -20.67
CA ARG H 65 -3.88 -46.24 -19.21
C ARG H 65 -3.74 -44.86 -18.59
N PHE H 66 -3.01 -43.96 -19.23
CA PHE H 66 -2.80 -42.64 -18.68
C PHE H 66 -3.73 -41.66 -19.39
N THR H 67 -4.07 -40.58 -18.71
CA THR H 67 -4.89 -39.51 -19.29
C THR H 67 -4.23 -38.18 -18.97
N ILE H 68 -3.92 -37.42 -20.01
CA ILE H 68 -3.34 -36.09 -19.86
C ILE H 68 -4.47 -35.08 -19.78
N SER H 69 -4.33 -34.12 -18.87
CA SER H 69 -5.35 -33.11 -18.64
C SER H 69 -4.68 -31.75 -18.49
N ARG H 70 -5.41 -30.71 -18.90
CA ARG H 70 -4.95 -29.33 -18.85
C ARG H 70 -6.07 -28.46 -18.30
N ASP H 71 -5.83 -27.84 -17.14
CA ASP H 71 -6.75 -26.87 -16.56
C ASP H 71 -6.23 -25.47 -16.90
N ASN H 72 -7.06 -24.67 -17.56
CA ASN H 72 -6.63 -23.33 -17.98
C ASN H 72 -6.98 -22.25 -16.96
N SER H 73 -7.52 -22.62 -15.80
CA SER H 73 -7.80 -21.66 -14.74
C SER H 73 -6.61 -21.44 -13.82
N LYS H 74 -5.79 -22.46 -13.60
CA LYS H 74 -4.65 -22.36 -12.69
C LYS H 74 -3.30 -22.54 -13.39
N ASN H 75 -3.29 -22.56 -14.72
CA ASN H 75 -2.05 -22.73 -15.50
C ASN H 75 -1.34 -24.03 -15.12
N THR H 76 -2.13 -25.11 -14.98
CA THR H 76 -1.64 -26.41 -14.55
C THR H 76 -1.94 -27.48 -15.60
N LEU H 77 -0.98 -28.39 -15.79
CA LEU H 77 -1.11 -29.56 -16.64
C LEU H 77 -1.13 -30.82 -15.77
N TYR H 78 -2.03 -31.76 -16.09
CA TYR H 78 -2.18 -32.97 -15.31
C TYR H 78 -1.83 -34.20 -16.13
N LEU H 79 -1.48 -35.28 -15.42
CA LEU H 79 -1.30 -36.60 -16.04
C LEU H 79 -1.93 -37.62 -15.09
N GLN H 80 -3.11 -38.09 -15.46
CA GLN H 80 -3.84 -39.10 -14.69
C GLN H 80 -3.38 -40.47 -15.14
N MET H 81 -2.82 -41.24 -14.19
CA MET H 81 -2.22 -42.54 -14.47
C MET H 81 -2.99 -43.62 -13.74
N ASN H 82 -3.50 -44.60 -14.48
CA ASN H 82 -4.26 -45.71 -13.90
C ASN H 82 -3.58 -47.03 -14.23
N SER H 83 -3.84 -48.02 -13.38
CA SER H 83 -3.32 -49.39 -13.55
C SER H 83 -1.81 -49.39 -13.73
N LEU H 84 -1.11 -48.81 -12.76
CA LEU H 84 0.33 -48.65 -12.86
C LEU H 84 1.02 -50.02 -12.84
N ARG H 85 2.14 -50.09 -13.57
CA ARG H 85 2.95 -51.30 -13.62
C ARG H 85 4.40 -50.93 -13.29
N ALA H 86 5.18 -51.96 -12.94
CA ALA H 86 6.54 -51.73 -12.46
C ALA H 86 7.40 -51.01 -13.49
N GLU H 87 7.08 -51.14 -14.77
CA GLU H 87 7.84 -50.46 -15.81
C GLU H 87 7.63 -48.95 -15.81
N ASP H 88 6.67 -48.44 -15.06
CA ASP H 88 6.38 -47.02 -15.03
C ASP H 88 7.20 -46.25 -13.99
N THR H 89 8.03 -46.94 -13.21
CA THR H 89 8.86 -46.26 -12.23
C THR H 89 9.89 -45.42 -12.97
N ALA H 90 9.83 -44.10 -12.78
CA ALA H 90 10.67 -43.18 -13.51
C ALA H 90 10.49 -41.79 -12.93
N VAL H 91 11.34 -40.87 -13.37
CA VAL H 91 11.17 -39.45 -13.10
C VAL H 91 10.38 -38.84 -14.26
N TYR H 92 9.20 -38.33 -13.90
CA TYR H 92 8.23 -37.72 -14.83
C TYR H 92 8.49 -36.25 -14.98
N TYR H 93 8.95 -35.85 -16.15
CA TYR H 93 9.33 -34.45 -16.40
C TYR H 93 8.21 -33.72 -17.12
N CYS H 94 8.06 -32.44 -16.82
CA CYS H 94 7.08 -31.62 -17.55
C CYS H 94 7.83 -30.63 -18.42
N ALA H 95 7.39 -30.52 -19.68
CA ALA H 95 8.03 -29.63 -20.63
C ALA H 95 6.98 -28.83 -21.40
N LYS H 96 7.41 -27.67 -21.88
CA LYS H 96 6.63 -26.80 -22.74
C LYS H 96 7.13 -26.93 -24.18
N ASP H 97 6.20 -27.02 -25.12
CA ASP H 97 6.55 -27.19 -26.52
C ASP H 97 6.73 -25.86 -27.23
N SER H 98 7.44 -25.89 -28.35
CA SER H 98 7.69 -24.71 -29.15
C SER H 98 7.93 -25.12 -30.60
N THR H 99 7.73 -24.17 -31.51
CA THR H 99 7.88 -24.39 -32.94
C THR H 99 8.82 -23.34 -33.52
N VAL H 100 9.50 -23.69 -34.61
CA VAL H 100 10.34 -22.74 -35.32
C VAL H 100 9.47 -21.94 -36.29
N SER H 101 9.20 -22.53 -37.44
CA SER H 101 8.34 -21.91 -38.44
C SER H 101 7.19 -22.84 -38.76
N TRP H 102 7.48 -23.85 -39.58
CA TRP H 102 6.49 -24.83 -40.00
C TRP H 102 6.75 -26.20 -39.40
N SER H 103 7.83 -26.36 -38.65
CA SER H 103 8.19 -27.59 -37.98
C SER H 103 7.58 -27.57 -36.59
N GLY H 104 7.42 -28.75 -35.99
CA GLY H 104 6.62 -28.72 -34.79
C GLY H 104 7.10 -29.49 -33.58
N ASP H 105 7.13 -28.73 -32.48
CA ASP H 105 7.14 -29.23 -31.11
C ASP H 105 8.47 -29.85 -30.69
N PHE H 106 9.41 -29.01 -30.29
CA PHE H 106 10.54 -29.40 -29.45
C PHE H 106 10.29 -28.82 -28.06
N PHE H 107 11.16 -29.13 -27.12
CA PHE H 107 10.90 -28.79 -25.72
C PHE H 107 11.93 -27.79 -25.21
N ASP H 108 11.53 -26.53 -25.05
CA ASP H 108 12.47 -25.48 -24.66
C ASP H 108 12.62 -25.34 -23.16
N TYR H 109 11.53 -25.46 -22.40
CA TYR H 109 11.57 -25.30 -20.95
C TYR H 109 11.03 -26.55 -20.29
N TRP H 110 11.78 -27.05 -19.31
CA TRP H 110 11.47 -28.30 -18.62
C TRP H 110 11.30 -28.07 -17.13
N GLY H 111 10.39 -28.81 -16.52
CA GLY H 111 10.36 -28.86 -15.08
C GLY H 111 11.39 -29.87 -14.57
N GLN H 112 11.73 -29.77 -13.29
CA GLN H 112 12.75 -30.68 -12.76
C GLN H 112 12.24 -32.10 -12.56
N GLY H 113 10.93 -32.32 -12.49
CA GLY H 113 10.51 -33.70 -12.46
C GLY H 113 10.26 -34.22 -11.06
N THR H 114 9.34 -35.17 -10.97
CA THR H 114 9.02 -35.89 -9.74
C THR H 114 9.13 -37.38 -9.96
N LEU H 115 9.73 -38.08 -8.99
CA LEU H 115 9.98 -39.51 -9.09
C LEU H 115 8.79 -40.28 -8.55
N VAL H 116 8.28 -41.22 -9.36
CA VAL H 116 7.23 -42.13 -8.94
C VAL H 116 7.80 -43.54 -8.91
N THR H 117 7.50 -44.27 -7.84
CA THR H 117 7.98 -45.64 -7.66
C THR H 117 6.77 -46.55 -7.54
N VAL H 118 6.52 -47.36 -8.56
CA VAL H 118 5.42 -48.32 -8.55
C VAL H 118 5.97 -49.65 -8.03
N SER H 119 5.64 -49.99 -6.79
CA SER H 119 6.12 -51.22 -6.20
C SER H 119 5.17 -51.67 -5.10
N SER H 120 5.12 -52.99 -4.88
CA SER H 120 4.35 -53.59 -3.81
C SER H 120 5.10 -53.63 -2.48
N ALA H 121 6.33 -53.13 -2.44
CA ALA H 121 7.15 -53.25 -1.25
C ALA H 121 6.62 -52.37 -0.12
N SER H 122 6.88 -52.81 1.10
CA SER H 122 6.49 -52.06 2.30
C SER H 122 7.65 -51.21 2.81
N THR H 123 7.29 -50.13 3.50
CA THR H 123 8.28 -49.24 4.10
C THR H 123 9.12 -49.96 5.13
N LYS H 124 10.45 -49.85 5.01
CA LYS H 124 11.41 -50.46 5.92
C LYS H 124 12.58 -49.52 6.16
N GLY H 125 13.08 -49.53 7.39
CA GLY H 125 14.29 -48.82 7.71
C GLY H 125 15.49 -49.67 7.33
N PRO H 126 16.59 -49.04 6.93
CA PRO H 126 17.75 -49.80 6.47
C PRO H 126 18.52 -50.42 7.62
N SER H 127 19.03 -51.62 7.37
CA SER H 127 20.02 -52.25 8.25
C SER H 127 21.40 -52.02 7.63
N VAL H 128 22.29 -51.42 8.40
CA VAL H 128 23.60 -51.00 7.90
C VAL H 128 24.67 -51.86 8.54
N PHE H 129 25.53 -52.42 7.70
CA PHE H 129 26.59 -53.33 8.14
C PHE H 129 27.95 -52.69 7.94
N PRO H 130 28.88 -52.86 8.86
CA PRO H 130 30.20 -52.23 8.70
C PRO H 130 31.06 -52.99 7.70
N LEU H 131 31.92 -52.23 7.03
CA LEU H 131 32.87 -52.77 6.07
C LEU H 131 34.27 -52.55 6.64
N ALA H 132 34.86 -53.63 7.16
CA ALA H 132 36.11 -53.60 7.92
C ALA H 132 37.30 -53.82 7.00
N PRO H 133 38.41 -53.12 7.24
CA PRO H 133 39.58 -53.21 6.35
C PRO H 133 40.37 -54.49 6.59
N SER H 134 41.39 -54.67 5.75
CA SER H 134 42.30 -55.81 5.87
C SER H 134 43.72 -55.33 5.65
N SER H 135 44.66 -56.25 5.77
CA SER H 135 46.08 -55.94 5.60
C SER H 135 46.60 -56.49 4.28
N GLY H 141 49.82 -47.89 2.90
CA GLY H 141 49.50 -46.59 2.34
C GLY H 141 48.17 -46.04 2.83
N THR H 142 47.09 -46.48 2.20
CA THR H 142 45.74 -46.08 2.58
C THR H 142 44.85 -47.31 2.67
N ALA H 143 43.99 -47.32 3.68
CA ALA H 143 43.06 -48.41 3.92
C ALA H 143 41.64 -47.93 3.64
N ALA H 144 40.80 -48.84 3.18
CA ALA H 144 39.42 -48.53 2.83
C ALA H 144 38.46 -49.19 3.81
N LEU H 145 37.54 -48.39 4.33
CA LEU H 145 36.46 -48.87 5.18
C LEU H 145 35.16 -48.25 4.69
N GLY H 146 34.04 -48.80 5.14
CA GLY H 146 32.77 -48.30 4.67
C GLY H 146 31.61 -48.90 5.43
N CYS H 147 30.42 -48.63 4.91
CA CYS H 147 29.18 -49.13 5.50
C CYS H 147 28.26 -49.63 4.40
N LEU H 148 27.66 -50.80 4.63
CA LEU H 148 26.75 -51.41 3.67
C LEU H 148 25.33 -51.16 4.16
N VAL H 149 24.56 -50.41 3.38
CA VAL H 149 23.19 -50.06 3.73
C VAL H 149 22.26 -50.92 2.90
N LYS H 150 21.55 -51.84 3.55
CA LYS H 150 20.80 -52.88 2.88
C LYS H 150 19.36 -52.93 3.38
N ASP H 151 18.45 -53.28 2.47
CA ASP H 151 17.04 -53.48 2.78
C ASP H 151 16.43 -52.23 3.37
N TYR H 152 16.21 -51.23 2.51
CA TYR H 152 15.46 -50.02 2.85
C TYR H 152 14.56 -49.69 1.67
N PHE H 153 13.50 -48.95 1.94
CA PHE H 153 12.62 -48.64 0.83
C PHE H 153 12.49 -47.12 0.66
N PRO H 154 11.30 -46.55 0.42
CA PRO H 154 11.18 -45.40 -0.51
C PRO H 154 12.37 -45.02 -1.40
N GLU H 155 13.64 -45.25 -0.97
CA GLU H 155 14.93 -45.01 -1.63
C GLU H 155 15.73 -43.74 -1.27
N PRO H 156 15.14 -42.63 -0.77
CA PRO H 156 16.01 -41.52 -0.38
C PRO H 156 16.64 -41.73 0.99
N VAL H 157 17.89 -42.22 1.01
CA VAL H 157 18.62 -42.45 2.25
C VAL H 157 19.89 -41.61 2.20
N THR H 158 20.28 -41.08 3.36
CA THR H 158 21.40 -40.16 3.47
C THR H 158 22.51 -40.79 4.31
N VAL H 159 23.74 -40.71 3.80
CA VAL H 159 24.92 -41.25 4.47
C VAL H 159 25.90 -40.10 4.69
N SER H 160 26.47 -40.05 5.88
CA SER H 160 27.51 -39.09 6.20
C SER H 160 28.55 -39.76 7.10
N TRP H 161 29.73 -39.17 7.14
CA TRP H 161 30.85 -39.74 7.88
C TRP H 161 31.32 -38.73 8.92
N ASN H 162 31.31 -39.18 10.19
CA ASN H 162 31.71 -38.34 11.32
C ASN H 162 30.94 -37.03 11.37
N SER H 163 29.66 -37.10 10.98
CA SER H 163 28.76 -35.94 11.00
C SER H 163 29.36 -34.76 10.21
N GLY H 164 29.86 -35.05 9.02
CA GLY H 164 30.37 -34.02 8.16
C GLY H 164 31.82 -33.65 8.36
N ALA H 165 32.56 -34.34 9.22
CA ALA H 165 33.94 -33.94 9.48
C ALA H 165 34.85 -34.28 8.31
N LEU H 166 34.60 -35.38 7.60
CA LEU H 166 35.44 -35.79 6.48
C LEU H 166 34.65 -35.65 5.17
N THR H 167 35.26 -34.99 4.19
CA THR H 167 34.61 -34.76 2.90
C THR H 167 35.40 -35.25 1.70
N SER H 168 36.67 -35.61 1.87
CA SER H 168 37.51 -36.07 0.78
C SER H 168 37.69 -37.58 0.84
N GLY H 169 37.65 -38.22 -0.32
CA GLY H 169 37.79 -39.66 -0.42
C GLY H 169 36.55 -40.45 -0.06
N VAL H 170 35.41 -39.80 0.14
CA VAL H 170 34.16 -40.47 0.46
C VAL H 170 33.48 -40.86 -0.85
N HIS H 171 33.04 -42.11 -0.96
CA HIS H 171 32.38 -42.60 -2.16
C HIS H 171 31.08 -43.30 -1.78
N THR H 172 29.95 -42.68 -2.08
CA THR H 172 28.63 -43.27 -1.85
C THR H 172 28.03 -43.67 -3.20
N PHE H 173 27.80 -44.98 -3.37
CA PHE H 173 27.37 -45.59 -4.62
C PHE H 173 25.87 -45.42 -4.86
N PRO H 174 25.44 -45.43 -6.13
CA PRO H 174 24.02 -45.37 -6.44
C PRO H 174 23.27 -46.59 -5.92
N ALA H 175 21.99 -46.38 -5.59
CA ALA H 175 21.17 -47.43 -5.02
C ALA H 175 20.89 -48.52 -6.04
N VAL H 176 20.89 -49.77 -5.58
CA VAL H 176 20.56 -50.92 -6.41
C VAL H 176 19.22 -51.49 -5.98
N LEU H 177 18.35 -51.74 -6.96
CA LEU H 177 17.11 -52.44 -6.69
C LEU H 177 17.45 -53.92 -6.70
N GLN H 178 17.13 -54.59 -5.61
CA GLN H 178 17.53 -55.98 -5.40
C GLN H 178 16.46 -56.94 -5.91
N SER H 179 16.78 -58.23 -5.88
CA SER H 179 15.83 -59.24 -6.36
C SER H 179 14.62 -59.34 -5.44
N SER H 180 14.77 -59.04 -4.15
CA SER H 180 13.66 -59.07 -3.20
C SER H 180 12.73 -57.87 -3.34
N GLY H 181 13.07 -56.88 -4.17
CA GLY H 181 12.25 -55.70 -4.31
C GLY H 181 12.58 -54.53 -3.42
N LEU H 182 13.69 -54.59 -2.68
CA LEU H 182 14.11 -53.51 -1.79
C LEU H 182 15.44 -52.94 -2.28
N TYR H 183 15.75 -51.73 -1.81
CA TYR H 183 16.93 -51.02 -2.29
C TYR H 183 18.13 -51.28 -1.37
N SER H 184 19.31 -51.31 -1.98
CA SER H 184 20.57 -51.48 -1.26
C SER H 184 21.55 -50.39 -1.67
N LEU H 185 22.51 -50.14 -0.78
CA LEU H 185 23.45 -49.04 -0.93
C LEU H 185 24.72 -49.37 -0.17
N SER H 186 25.85 -48.89 -0.68
CA SER H 186 27.11 -49.00 0.02
C SER H 186 27.84 -47.68 -0.08
N SER H 187 28.43 -47.25 1.03
CA SER H 187 29.24 -46.04 1.06
C SER H 187 30.58 -46.34 1.72
N VAL H 188 31.67 -45.93 1.07
CA VAL H 188 33.01 -46.23 1.53
C VAL H 188 33.80 -44.93 1.61
N VAL H 189 34.87 -44.96 2.40
CA VAL H 189 35.77 -43.82 2.54
C VAL H 189 37.19 -44.36 2.67
N THR H 190 38.12 -43.76 1.92
CA THR H 190 39.53 -44.13 1.99
C THR H 190 40.29 -43.19 2.92
N VAL H 191 40.97 -43.77 3.90
CA VAL H 191 41.68 -43.00 4.93
C VAL H 191 43.04 -43.61 5.15
N PRO H 192 44.03 -42.81 5.59
CA PRO H 192 45.34 -43.35 5.89
C PRO H 192 45.26 -44.51 6.88
N SER H 193 46.07 -45.54 6.61
CA SER H 193 46.00 -46.79 7.36
C SER H 193 46.38 -46.63 8.82
N SER H 194 47.36 -45.77 9.12
CA SER H 194 47.76 -45.58 10.51
C SER H 194 46.69 -44.84 11.31
N SER H 195 45.75 -44.18 10.64
CA SER H 195 44.67 -43.46 11.31
C SER H 195 43.55 -44.39 11.76
N LEU H 196 43.69 -45.69 11.53
CA LEU H 196 42.64 -46.63 11.92
C LEU H 196 42.57 -46.76 13.43
N GLY H 197 43.72 -46.94 14.09
CA GLY H 197 43.73 -47.04 15.53
C GLY H 197 43.64 -45.73 16.29
N THR H 198 44.10 -44.64 15.69
CA THR H 198 44.14 -43.34 16.37
C THR H 198 42.78 -42.65 16.36
N GLN H 199 42.04 -42.83 15.27
CA GLN H 199 40.80 -42.18 14.88
C GLN H 199 39.62 -43.14 14.90
N THR H 200 38.44 -42.58 15.14
CA THR H 200 37.20 -43.34 15.10
C THR H 200 36.37 -42.90 13.89
N TYR H 201 35.82 -43.87 13.18
CA TYR H 201 35.03 -43.59 11.99
C TYR H 201 33.63 -44.18 12.16
N ILE H 202 32.63 -43.31 12.05
CA ILE H 202 31.24 -43.68 12.20
C ILE H 202 30.47 -43.17 11.01
N CYS H 203 29.65 -44.04 10.42
CA CYS H 203 28.83 -43.71 9.26
C CYS H 203 27.41 -43.40 9.73
N ASN H 204 26.86 -42.28 9.27
CA ASN H 204 25.55 -41.81 9.72
C ASN H 204 24.56 -42.01 8.59
N VAL H 205 23.65 -42.97 8.76
CA VAL H 205 22.64 -43.29 7.76
C VAL H 205 21.31 -42.72 8.21
N ASN H 206 20.63 -42.01 7.30
CA ASN H 206 19.37 -41.36 7.59
C ASN H 206 18.30 -41.82 6.61
N HIS H 207 17.18 -42.32 7.14
CA HIS H 207 16.03 -42.71 6.34
C HIS H 207 14.82 -41.99 6.92
N LYS H 208 14.53 -40.81 6.39
CA LYS H 208 13.36 -40.05 6.82
C LYS H 208 12.03 -40.81 6.63
N PRO H 209 11.79 -41.53 5.54
CA PRO H 209 10.47 -42.17 5.39
C PRO H 209 10.15 -43.21 6.46
N SER H 210 11.16 -43.88 7.02
CA SER H 210 10.94 -44.87 8.07
C SER H 210 11.22 -44.30 9.46
N ASN H 211 11.58 -43.02 9.54
CA ASN H 211 11.87 -42.35 10.81
C ASN H 211 12.98 -43.05 11.58
N THR H 212 14.05 -43.43 10.87
CA THR H 212 15.16 -44.17 11.47
C THR H 212 16.47 -43.50 11.09
N LYS H 213 17.31 -43.24 12.10
CA LYS H 213 18.65 -42.71 11.86
C LYS H 213 19.64 -43.50 12.70
N VAL H 214 20.60 -44.15 12.04
CA VAL H 214 21.48 -45.11 12.70
C VAL H 214 22.93 -44.86 12.29
N ASP H 215 23.83 -45.02 13.26
CA ASP H 215 25.29 -44.97 13.15
C ASP H 215 25.94 -46.25 13.63
N LYS H 216 26.57 -46.94 12.70
CA LYS H 216 27.41 -48.09 12.99
C LYS H 216 28.86 -47.59 12.96
N LYS H 217 29.61 -47.90 14.01
CA LYS H 217 31.01 -47.55 14.12
C LYS H 217 31.83 -48.67 13.47
N VAL H 218 32.79 -48.30 12.62
CA VAL H 218 33.52 -49.28 11.83
C VAL H 218 34.96 -49.34 12.31
N GLU H 219 35.33 -50.49 12.85
CA GLU H 219 36.69 -50.82 13.23
C GLU H 219 36.82 -52.33 13.17
N PRO H 220 38.01 -52.87 12.84
CA PRO H 220 38.15 -54.32 12.70
C PRO H 220 38.05 -55.05 14.05
N GLU I 3 -11.82 -19.75 -30.04
CA GLU I 3 -10.87 -20.73 -30.53
C GLU I 3 -9.64 -20.06 -31.14
N LEU I 4 -9.14 -20.64 -32.22
CA LEU I 4 -8.11 -20.03 -33.05
C LEU I 4 -8.74 -19.64 -34.38
N GLN I 5 -8.20 -18.57 -34.96
CA GLN I 5 -8.75 -18.00 -36.18
C GLN I 5 -7.65 -17.92 -37.23
N VAL I 6 -7.96 -18.36 -38.45
CA VAL I 6 -7.05 -18.27 -39.58
C VAL I 6 -7.51 -17.13 -40.48
N ILE I 7 -6.67 -16.11 -40.60
CA ILE I 7 -7.06 -14.84 -41.21
C ILE I 7 -6.12 -14.57 -42.39
N GLN I 8 -6.71 -14.35 -43.56
CA GLN I 8 -6.00 -13.91 -44.76
C GLN I 8 -6.34 -12.46 -45.01
N PRO I 9 -5.44 -11.51 -44.74
CA PRO I 9 -5.85 -10.09 -44.77
C PRO I 9 -6.15 -9.53 -46.17
N ASP I 10 -5.54 -10.00 -47.24
CA ASP I 10 -5.91 -9.46 -48.55
C ASP I 10 -7.13 -10.23 -49.01
N LYS I 11 -8.28 -9.57 -49.11
CA LYS I 11 -9.41 -10.20 -49.81
C LYS I 11 -9.09 -10.42 -51.30
N SER I 12 -8.25 -9.55 -51.87
CA SER I 12 -7.83 -9.65 -53.26
C SER I 12 -6.44 -9.07 -53.39
N VAL I 13 -5.57 -9.77 -54.11
CA VAL I 13 -4.17 -9.39 -54.27
C VAL I 13 -3.94 -9.12 -55.75
N LEU I 14 -3.08 -8.15 -56.05
CA LEU I 14 -2.76 -7.80 -57.42
C LEU I 14 -1.31 -8.19 -57.71
N VAL I 15 -1.11 -8.93 -58.78
CA VAL I 15 0.21 -9.41 -59.16
C VAL I 15 0.27 -9.48 -60.69
N ALA I 16 1.35 -8.95 -61.26
CA ALA I 16 1.54 -8.99 -62.70
C ALA I 16 2.55 -10.07 -63.07
N ALA I 17 2.59 -10.41 -64.36
CA ALA I 17 3.49 -11.46 -64.84
C ALA I 17 4.94 -11.09 -64.57
N GLY I 18 5.74 -12.10 -64.22
CA GLY I 18 7.13 -11.90 -63.86
C GLY I 18 7.38 -11.43 -62.45
N GLU I 19 6.32 -11.19 -61.67
CA GLU I 19 6.38 -10.84 -60.25
C GLU I 19 6.09 -12.07 -59.39
N THR I 20 6.38 -11.91 -58.10
CA THR I 20 6.14 -12.91 -57.07
C THR I 20 4.96 -12.46 -56.22
N ALA I 21 3.97 -13.33 -56.06
CA ALA I 21 2.78 -13.03 -55.28
C ALA I 21 2.87 -13.60 -53.88
N THR I 22 2.42 -12.82 -52.90
CA THR I 22 2.42 -13.21 -51.49
C THR I 22 0.99 -13.40 -51.00
N LEU I 23 0.70 -14.59 -50.47
CA LEU I 23 -0.61 -14.97 -49.97
C LEU I 23 -0.48 -15.07 -48.45
N ARG I 24 -1.12 -14.17 -47.71
CA ARG I 24 -0.80 -14.12 -46.29
C ARG I 24 -1.76 -14.99 -45.49
N CYS I 25 -1.26 -15.50 -44.35
CA CYS I 25 -2.05 -16.31 -43.43
C CYS I 25 -1.50 -16.22 -42.02
N THR I 26 -2.39 -16.04 -41.03
CA THR I 26 -1.98 -16.06 -39.64
C THR I 26 -3.04 -16.79 -38.81
N ALA I 27 -2.58 -17.66 -37.92
CA ALA I 27 -3.47 -18.37 -37.01
C ALA I 27 -3.42 -17.71 -35.63
N THR I 28 -4.59 -17.61 -34.99
CA THR I 28 -4.65 -16.98 -33.67
C THR I 28 -3.83 -17.75 -32.65
N SER I 29 -3.78 -19.07 -32.79
CA SER I 29 -2.89 -19.91 -32.01
C SER I 29 -2.54 -21.11 -32.87
N LEU I 30 -1.46 -21.78 -32.50
CA LEU I 30 -1.03 -22.97 -33.22
C LEU I 30 -1.76 -24.21 -32.73
N ILE I 31 -2.35 -24.14 -31.54
CA ILE I 31 -3.05 -25.27 -30.91
C ILE I 31 -4.53 -25.15 -31.23
N PRO I 32 -5.23 -26.24 -31.57
CA PRO I 32 -4.84 -27.66 -31.70
C PRO I 32 -3.68 -27.93 -32.67
N VAL I 33 -2.82 -28.88 -32.32
CA VAL I 33 -1.64 -29.17 -33.13
C VAL I 33 -2.06 -29.71 -34.49
N GLY I 34 -1.44 -29.18 -35.54
CA GLY I 34 -1.66 -29.61 -36.90
C GLY I 34 -0.91 -28.75 -37.90
N PRO I 35 -0.69 -29.28 -39.10
CA PRO I 35 0.02 -28.51 -40.13
C PRO I 35 -0.90 -27.51 -40.81
N ILE I 36 -0.28 -26.51 -41.42
CA ILE I 36 -0.99 -25.50 -42.20
C ILE I 36 -0.78 -25.83 -43.66
N GLN I 37 -1.88 -25.95 -44.41
CA GLN I 37 -1.85 -26.30 -45.81
C GLN I 37 -2.56 -25.23 -46.63
N TRP I 38 -2.08 -25.06 -47.86
CA TRP I 38 -2.64 -24.09 -48.79
C TRP I 38 -3.26 -24.82 -49.97
N PHE I 39 -4.48 -24.44 -50.32
CA PHE I 39 -5.20 -24.99 -51.44
C PHE I 39 -5.65 -23.85 -52.35
N ARG I 40 -5.91 -24.22 -53.60
CA ARG I 40 -6.38 -23.28 -54.61
C ARG I 40 -7.89 -23.37 -54.85
N GLY I 41 -8.58 -24.25 -54.13
CA GLY I 41 -10.00 -24.44 -54.33
C GLY I 41 -10.75 -24.51 -53.01
N ALA I 42 -12.07 -24.40 -53.12
CA ALA I 42 -12.97 -24.53 -51.97
C ALA I 42 -13.73 -25.84 -51.95
N GLY I 43 -13.73 -26.59 -53.05
CA GLY I 43 -14.53 -27.79 -53.16
C GLY I 43 -13.71 -28.98 -53.61
N PRO I 44 -14.13 -29.61 -54.71
CA PRO I 44 -13.44 -30.82 -55.18
C PRO I 44 -11.98 -30.60 -55.58
N GLY I 45 -11.76 -30.19 -56.83
CA GLY I 45 -10.43 -30.06 -57.38
C GLY I 45 -9.57 -28.92 -56.88
N ARG I 46 -9.35 -28.85 -55.57
CA ARG I 46 -8.42 -27.86 -55.03
C ARG I 46 -6.99 -28.29 -55.30
N GLU I 47 -6.21 -27.40 -55.89
CA GLU I 47 -4.79 -27.65 -56.14
C GLU I 47 -4.01 -27.32 -54.88
N LEU I 48 -3.43 -28.36 -54.26
CA LEU I 48 -2.60 -28.16 -53.06
C LEU I 48 -1.38 -27.32 -53.41
N ILE I 49 -1.34 -26.08 -52.93
CA ILE I 49 -0.30 -25.16 -53.37
C ILE I 49 0.98 -25.35 -52.57
N TYR I 50 0.87 -25.54 -51.26
CA TYR I 50 2.07 -25.80 -50.48
C TYR I 50 1.73 -26.62 -49.24
N ASN I 51 2.58 -27.60 -48.98
CA ASN I 51 2.54 -28.46 -47.81
C ASN I 51 3.98 -28.69 -47.39
N GLN I 52 4.20 -28.87 -46.08
CA GLN I 52 5.56 -28.87 -45.59
C GLN I 52 6.27 -30.19 -45.83
N LYS I 53 5.55 -31.31 -45.71
CA LYS I 53 6.19 -32.62 -45.81
C LYS I 53 5.77 -33.43 -47.01
N GLU I 54 4.54 -33.27 -47.52
CA GLU I 54 4.13 -33.97 -48.73
C GLU I 54 4.09 -33.00 -49.90
N GLY I 55 4.48 -33.51 -51.07
CA GLY I 55 4.49 -32.74 -52.29
C GLY I 55 5.73 -31.89 -52.46
N HIS I 56 6.13 -31.67 -53.70
CA HIS I 56 7.18 -30.73 -54.07
C HIS I 56 6.54 -29.62 -54.87
N PHE I 57 6.79 -28.38 -54.47
CA PHE I 57 6.18 -27.22 -55.11
C PHE I 57 7.22 -26.22 -55.59
N PRO I 58 7.54 -26.21 -56.88
CA PRO I 58 8.58 -25.31 -57.37
C PRO I 58 8.09 -23.90 -57.31
N ARG I 59 9.10 -23.04 -57.21
CA ARG I 59 9.01 -21.61 -56.94
C ARG I 59 7.75 -21.31 -56.09
N VAL I 60 7.69 -22.05 -54.97
CA VAL I 60 6.87 -21.77 -53.79
C VAL I 60 7.84 -21.64 -52.60
N THR I 61 7.77 -20.53 -51.87
CA THR I 61 8.59 -20.34 -50.67
C THR I 61 7.76 -19.76 -49.54
N THR I 62 8.04 -20.20 -48.31
CA THR I 62 7.38 -19.68 -47.12
C THR I 62 8.04 -18.38 -46.69
N VAL I 63 7.22 -17.39 -46.33
CA VAL I 63 7.75 -16.09 -45.92
C VAL I 63 8.50 -16.20 -44.60
N SER I 64 7.87 -16.78 -43.58
CA SER I 64 8.47 -16.86 -42.26
C SER I 64 9.46 -18.02 -42.24
N ASP I 65 10.73 -17.70 -42.01
CA ASP I 65 11.76 -18.73 -42.09
C ASP I 65 12.16 -19.21 -40.70
N LEU I 66 13.40 -19.66 -40.59
CA LEU I 66 13.94 -20.19 -39.36
C LEU I 66 14.10 -19.08 -38.32
N THR I 67 14.28 -19.47 -37.06
CA THR I 67 14.38 -18.53 -35.94
C THR I 67 13.21 -17.55 -35.93
N LYS I 68 12.02 -18.08 -36.22
CA LYS I 68 10.78 -17.33 -36.05
C LYS I 68 9.94 -17.99 -34.96
N ARG I 69 10.55 -18.18 -33.80
CA ARG I 69 10.07 -19.10 -32.78
C ARG I 69 8.57 -18.95 -32.54
N ASN I 70 7.89 -20.09 -32.38
CA ASN I 70 6.45 -20.09 -32.16
C ASN I 70 5.70 -19.38 -33.30
N ASN I 71 6.18 -19.55 -34.53
CA ASN I 71 5.65 -18.80 -35.66
C ASN I 71 4.19 -19.13 -35.94
N MET I 72 3.40 -18.09 -36.19
CA MET I 72 2.03 -18.24 -36.66
C MET I 72 1.83 -17.53 -38.00
N ASP I 73 2.91 -17.26 -38.73
CA ASP I 73 2.86 -16.61 -40.03
C ASP I 73 3.03 -17.68 -41.10
N PHE I 74 1.96 -17.98 -41.82
CA PHE I 74 1.98 -19.03 -42.83
C PHE I 74 1.67 -18.47 -44.21
N SER I 75 2.20 -17.29 -44.50
CA SER I 75 2.05 -16.71 -45.83
C SER I 75 2.91 -17.47 -46.84
N ILE I 76 2.44 -17.56 -48.08
CA ILE I 76 3.18 -18.25 -49.12
C ILE I 76 3.46 -17.27 -50.25
N ARG I 77 4.54 -17.53 -50.99
CA ARG I 77 5.00 -16.70 -52.10
C ARG I 77 5.43 -17.55 -53.29
N ILE I 78 4.87 -17.19 -54.45
CA ILE I 78 4.98 -17.86 -55.75
C ILE I 78 5.70 -16.92 -56.72
N GLY I 79 6.85 -17.37 -57.27
CA GLY I 79 7.89 -16.74 -58.12
C GLY I 79 7.67 -15.59 -59.09
N ALA I 80 7.32 -15.97 -60.25
CA ALA I 80 6.86 -15.11 -61.32
C ALA I 80 5.60 -15.70 -61.88
N ILE I 81 4.48 -15.11 -61.48
CA ILE I 81 3.18 -15.68 -61.73
C ILE I 81 2.83 -15.69 -63.23
N THR I 82 2.10 -16.72 -63.67
CA THR I 82 1.48 -16.75 -64.98
C THR I 82 -0.03 -16.70 -64.78
N PRO I 83 -0.80 -16.25 -65.78
CA PRO I 83 -2.26 -16.22 -65.62
C PRO I 83 -2.90 -17.56 -65.32
N ALA I 84 -2.27 -18.68 -65.68
CA ALA I 84 -2.89 -19.98 -65.40
C ALA I 84 -2.95 -20.25 -63.89
N ASP I 85 -1.97 -19.78 -63.13
CA ASP I 85 -1.92 -19.99 -61.68
C ASP I 85 -2.81 -19.02 -60.91
N ALA I 86 -3.98 -18.71 -61.47
CA ALA I 86 -4.94 -17.76 -60.91
C ALA I 86 -6.12 -18.51 -60.30
N GLY I 87 -6.68 -17.93 -59.25
CA GLY I 87 -7.81 -18.54 -58.58
C GLY I 87 -8.00 -17.94 -57.19
N THR I 88 -8.81 -18.62 -56.39
CA THR I 88 -9.10 -18.20 -55.03
C THR I 88 -8.40 -19.16 -54.09
N TYR I 89 -7.54 -18.62 -53.23
CA TYR I 89 -6.68 -19.43 -52.37
C TYR I 89 -7.10 -19.25 -50.92
N TYR I 90 -7.34 -20.37 -50.24
CA TYR I 90 -7.69 -20.35 -48.83
C TYR I 90 -6.63 -21.08 -48.03
N CYS I 91 -6.07 -20.39 -47.05
CA CYS I 91 -5.20 -21.02 -46.07
C CYS I 91 -6.04 -21.88 -45.11
N VAL I 92 -5.77 -23.18 -45.08
CA VAL I 92 -6.54 -24.15 -44.30
C VAL I 92 -5.63 -24.75 -43.23
N LYS I 93 -6.11 -24.77 -42.00
CA LYS I 93 -5.48 -25.49 -40.90
C LYS I 93 -6.02 -26.91 -40.82
N PHE I 94 -5.20 -27.80 -40.27
CA PHE I 94 -5.59 -29.19 -40.07
C PHE I 94 -5.40 -29.58 -38.61
N ARG I 95 -6.26 -30.48 -38.14
CA ARG I 95 -6.08 -31.12 -36.84
C ARG I 95 -5.39 -32.46 -37.06
N LYS I 96 -4.41 -32.75 -36.20
CA LYS I 96 -3.64 -33.98 -36.36
C LYS I 96 -4.51 -35.21 -36.19
N GLY I 97 -4.42 -36.15 -37.14
CA GLY I 97 -5.20 -37.36 -37.05
C GLY I 97 -4.53 -38.61 -37.62
N SER I 98 -4.72 -39.74 -36.95
CA SER I 98 -4.33 -41.05 -37.49
C SER I 98 -5.51 -41.65 -38.25
N PRO I 99 -5.32 -42.13 -39.48
CA PRO I 99 -4.08 -42.08 -40.27
C PRO I 99 -3.93 -40.84 -41.16
N ASP I 100 -4.72 -39.78 -40.95
CA ASP I 100 -4.63 -38.63 -41.85
C ASP I 100 -5.08 -37.36 -41.16
N ASP I 101 -4.34 -36.28 -41.41
CA ASP I 101 -4.67 -34.97 -40.87
C ASP I 101 -6.06 -34.54 -41.35
N VAL I 102 -6.89 -34.09 -40.42
CA VAL I 102 -8.26 -33.70 -40.73
C VAL I 102 -8.34 -32.18 -40.80
N GLU I 103 -9.07 -31.67 -41.79
CA GLU I 103 -9.28 -30.23 -41.89
C GLU I 103 -10.10 -29.75 -40.70
N PHE I 104 -9.63 -28.66 -40.08
CA PHE I 104 -10.24 -28.11 -38.88
C PHE I 104 -10.87 -26.75 -39.11
N LYS I 105 -10.10 -25.77 -39.55
CA LYS I 105 -10.60 -24.43 -39.81
C LYS I 105 -10.01 -23.90 -41.10
N SER I 106 -10.81 -23.13 -41.83
CA SER I 106 -10.42 -22.59 -43.12
C SER I 106 -10.48 -21.07 -43.09
N GLY I 107 -9.50 -20.43 -43.74
CA GLY I 107 -9.49 -18.99 -43.82
C GLY I 107 -10.55 -18.46 -44.76
N ALA I 108 -10.80 -17.15 -44.65
CA ALA I 108 -11.80 -16.52 -45.50
C ALA I 108 -11.43 -16.64 -46.96
N GLY I 109 -10.19 -16.32 -47.31
CA GLY I 109 -9.72 -16.48 -48.67
C GLY I 109 -9.15 -15.24 -49.33
N THR I 110 -8.27 -15.45 -50.29
CA THR I 110 -7.67 -14.39 -51.07
C THR I 110 -8.09 -14.53 -52.53
N GLU I 111 -8.06 -13.41 -53.25
CA GLU I 111 -8.42 -13.38 -54.67
C GLU I 111 -7.20 -12.91 -55.46
N LEU I 112 -6.66 -13.81 -56.27
CA LEU I 112 -5.45 -13.56 -57.05
C LEU I 112 -5.79 -12.76 -58.32
N SER I 113 -4.85 -11.94 -58.76
CA SER I 113 -5.04 -11.12 -59.95
C SER I 113 -3.98 -11.47 -61.00
N VAL I 114 -4.37 -11.33 -62.26
CA VAL I 114 -3.52 -11.64 -63.40
C VAL I 114 -2.44 -10.58 -63.58
N GLU J 1 -32.93 35.91 18.21
CA GLU J 1 -32.73 35.16 16.97
C GLU J 1 -31.65 34.09 17.15
N ILE J 2 -32.01 32.85 16.86
CA ILE J 2 -31.09 31.72 16.87
C ILE J 2 -30.70 31.43 15.43
N VAL J 3 -29.44 31.60 15.08
CA VAL J 3 -29.00 31.40 13.71
C VAL J 3 -28.54 29.95 13.53
N LEU J 4 -29.00 29.35 12.43
CA LEU J 4 -28.66 27.99 12.06
C LEU J 4 -27.81 28.03 10.80
N THR J 5 -26.69 27.33 10.82
CA THR J 5 -25.79 27.27 9.68
C THR J 5 -25.79 25.86 9.13
N GLN J 6 -26.08 25.73 7.85
CA GLN J 6 -26.16 24.44 7.17
C GLN J 6 -24.96 24.31 6.25
N SER J 7 -24.19 23.25 6.45
CA SER J 7 -23.03 22.98 5.62
C SER J 7 -23.01 21.53 5.17
N PRO J 8 -22.58 21.27 3.93
CA PRO J 8 -22.36 22.30 2.90
C PRO J 8 -23.66 22.78 2.22
N ALA J 9 -23.58 23.92 1.56
CA ALA J 9 -24.73 24.43 0.81
C ALA J 9 -25.11 23.47 -0.31
N THR J 10 -24.12 22.92 -1.01
CA THR J 10 -24.32 21.90 -2.01
C THR J 10 -23.54 20.64 -1.63
N LEU J 11 -24.18 19.49 -1.78
CA LEU J 11 -23.58 18.21 -1.44
C LEU J 11 -23.82 17.26 -2.62
N SER J 12 -22.74 16.79 -3.23
CA SER J 12 -22.82 15.92 -4.39
C SER J 12 -22.54 14.49 -3.97
N VAL J 13 -23.53 13.62 -4.14
CA VAL J 13 -23.41 12.23 -3.73
C VAL J 13 -23.89 11.36 -4.88
N SER J 14 -23.31 10.17 -5.01
CA SER J 14 -23.77 9.26 -6.04
C SER J 14 -25.04 8.56 -5.59
N PRO J 15 -25.91 8.17 -6.53
CA PRO J 15 -27.13 7.47 -6.14
C PRO J 15 -26.82 6.14 -5.49
N GLY J 16 -27.59 5.81 -4.45
CA GLY J 16 -27.37 4.61 -3.67
C GLY J 16 -26.35 4.75 -2.55
N GLU J 17 -25.79 5.94 -2.35
CA GLU J 17 -24.75 6.15 -1.37
C GLU J 17 -25.25 7.03 -0.22
N ARG J 18 -24.39 7.18 0.79
CA ARG J 18 -24.71 7.98 1.96
C ARG J 18 -24.53 9.46 1.66
N ALA J 19 -25.50 10.27 2.10
CA ALA J 19 -25.41 11.73 2.01
C ALA J 19 -25.55 12.30 3.41
N THR J 20 -24.62 13.18 3.79
CA THR J 20 -24.63 13.77 5.12
C THR J 20 -24.47 15.28 5.06
N PHE J 21 -25.40 16.00 5.68
CA PHE J 21 -25.31 17.44 5.85
C PHE J 21 -25.67 17.76 7.30
N SER J 22 -25.14 18.87 7.80
CA SER J 22 -25.26 19.22 9.20
C SER J 22 -25.94 20.56 9.36
N CYS J 23 -26.62 20.74 10.49
CA CYS J 23 -27.22 22.01 10.86
C CYS J 23 -26.62 22.43 12.20
N ARG J 24 -25.87 23.53 12.17
CA ARG J 24 -25.13 24.02 13.33
C ARG J 24 -25.90 25.17 13.96
N ALA J 25 -26.04 25.14 15.29
CA ALA J 25 -26.84 26.13 16.00
C ALA J 25 -25.96 27.06 16.82
N SER J 26 -26.51 28.24 17.09
CA SER J 26 -25.89 29.24 17.95
C SER J 26 -26.67 29.30 19.26
N GLN J 27 -25.97 29.08 20.38
CA GLN J 27 -26.58 29.10 21.72
C GLN J 27 -27.63 27.99 21.78
N ASN J 28 -28.79 28.24 22.39
CA ASN J 28 -29.89 27.29 22.49
C ASN J 28 -29.50 26.05 23.31
N VAL J 29 -28.65 25.19 22.75
CA VAL J 29 -28.03 24.08 23.47
C VAL J 29 -29.05 23.01 23.87
N LYS J 30 -30.16 22.91 23.14
CA LYS J 30 -31.15 21.85 23.40
C LYS J 30 -31.64 21.30 22.06
N ASN J 31 -32.01 20.02 22.08
CA ASN J 31 -32.34 19.29 20.85
C ASN J 31 -33.84 19.42 20.55
N ASP J 32 -34.20 20.57 19.99
CA ASP J 32 -35.53 20.83 19.44
C ASP J 32 -35.35 21.27 17.99
N LEU J 33 -34.95 20.32 17.14
CA LEU J 33 -34.68 20.59 15.73
C LEU J 33 -35.59 19.76 14.85
N ALA J 34 -36.05 20.38 13.76
CA ALA J 34 -36.91 19.74 12.78
C ALA J 34 -36.28 19.87 11.40
N TRP J 35 -36.42 18.84 10.58
CA TRP J 35 -35.89 18.81 9.23
C TRP J 35 -37.01 18.83 8.20
N TYR J 36 -36.74 19.50 7.07
CA TYR J 36 -37.72 19.66 6.01
C TYR J 36 -37.08 19.41 4.66
N GLN J 37 -37.86 18.84 3.73
CA GLN J 37 -37.43 18.60 2.36
C GLN J 37 -38.35 19.34 1.41
N GLN J 38 -37.77 20.08 0.46
CA GLN J 38 -38.57 20.79 -0.53
C GLN J 38 -38.00 20.54 -1.92
N ARG J 39 -38.86 20.06 -2.83
CA ARG J 39 -38.51 19.87 -4.23
C ARG J 39 -38.91 21.07 -5.06
N PRO J 40 -38.28 21.28 -6.22
CA PRO J 40 -38.62 22.45 -7.05
C PRO J 40 -40.08 22.43 -7.46
N GLY J 41 -40.71 23.60 -7.34
CA GLY J 41 -42.11 23.72 -7.71
C GLY J 41 -43.07 23.01 -6.78
N GLN J 42 -42.64 22.69 -5.56
CA GLN J 42 -43.48 22.00 -4.60
C GLN J 42 -43.29 22.60 -3.22
N ALA J 43 -44.22 22.28 -2.33
CA ALA J 43 -44.19 22.76 -0.96
C ALA J 43 -43.26 21.90 -0.09
N PRO J 44 -42.74 22.46 1.00
CA PRO J 44 -41.88 21.67 1.87
C PRO J 44 -42.63 20.53 2.55
N ARG J 45 -41.87 19.49 2.91
CA ARG J 45 -42.41 18.28 3.50
C ARG J 45 -41.56 17.90 4.71
N LEU J 46 -42.21 17.72 5.86
CA LEU J 46 -41.49 17.47 7.09
C LEU J 46 -41.01 16.03 7.14
N LEU J 47 -39.71 15.87 7.42
CA LEU J 47 -39.05 14.57 7.53
C LEU J 47 -38.78 14.18 8.98
N ILE J 48 -38.05 15.04 9.70
CA ILE J 48 -37.56 14.73 11.02
C ILE J 48 -37.93 15.87 11.96
N TYR J 49 -38.43 15.54 13.15
CA TYR J 49 -38.66 16.50 14.21
C TYR J 49 -38.08 15.95 15.49
N ALA J 50 -37.83 16.85 16.45
CA ALA J 50 -37.23 16.48 17.73
C ALA J 50 -35.92 15.74 17.53
N ALA J 51 -35.08 16.28 16.64
CA ALA J 51 -33.73 15.81 16.37
C ALA J 51 -33.69 14.47 15.64
N ARG J 52 -34.37 13.44 16.16
CA ARG J 52 -34.20 12.10 15.64
C ARG J 52 -35.49 11.36 15.32
N ILE J 53 -36.65 11.99 15.46
CA ILE J 53 -37.93 11.29 15.28
C ILE J 53 -38.37 11.41 13.84
N ARG J 54 -38.52 10.28 13.16
CA ARG J 54 -38.99 10.26 11.78
C ARG J 54 -40.52 10.26 11.74
N GLU J 55 -41.08 11.06 10.85
CA GLU J 55 -42.53 11.19 10.75
C GLU J 55 -43.11 10.10 9.85
N THR J 56 -44.37 9.78 10.08
CA THR J 56 -45.07 8.77 9.30
C THR J 56 -45.15 9.16 7.83
N GLY J 57 -45.01 8.16 6.96
CA GLY J 57 -44.99 8.36 5.53
C GLY J 57 -43.68 8.83 4.94
N ILE J 58 -42.65 8.96 5.76
CA ILE J 58 -41.31 9.38 5.32
C ILE J 58 -40.41 8.15 5.27
N PRO J 59 -39.62 7.97 4.21
CA PRO J 59 -38.82 6.75 4.10
C PRO J 59 -37.81 6.61 5.23
N GLU J 60 -37.56 5.37 5.62
CA GLU J 60 -36.65 5.07 6.73
C GLU J 60 -35.20 5.37 6.42
N ARG J 61 -34.86 5.64 5.15
CA ARG J 61 -33.50 6.04 4.82
C ARG J 61 -33.10 7.30 5.58
N PHE J 62 -34.03 8.23 5.71
CA PHE J 62 -33.76 9.48 6.40
C PHE J 62 -33.56 9.22 7.89
N SER J 63 -32.52 9.82 8.45
CA SER J 63 -32.21 9.62 9.86
C SER J 63 -31.67 10.91 10.44
N GLY J 64 -32.16 11.27 11.62
CA GLY J 64 -31.73 12.47 12.30
C GLY J 64 -30.95 12.11 13.55
N SER J 65 -29.97 12.94 13.87
CA SER J 65 -29.09 12.69 15.01
C SER J 65 -28.53 14.03 15.48
N GLY J 66 -28.04 14.03 16.71
CA GLY J 66 -27.39 15.21 17.25
C GLY J 66 -28.13 15.82 18.41
N SER J 67 -27.42 16.65 19.18
CA SER J 67 -28.00 17.33 20.32
C SER J 67 -27.18 18.57 20.61
N GLY J 68 -27.82 19.57 21.22
CA GLY J 68 -27.09 20.77 21.58
C GLY J 68 -26.90 21.74 20.43
N THR J 69 -25.66 21.85 19.95
CA THR J 69 -25.33 22.79 18.89
C THR J 69 -25.14 22.15 17.52
N GLU J 70 -24.75 20.88 17.45
CA GLU J 70 -24.47 20.20 16.19
C GLU J 70 -25.47 19.07 15.99
N PHE J 71 -26.07 19.02 14.80
CA PHE J 71 -27.05 18.01 14.45
C PHE J 71 -26.76 17.54 13.03
N THR J 72 -27.32 16.37 12.67
CA THR J 72 -26.95 15.74 11.42
C THR J 72 -28.15 15.00 10.85
N LEU J 73 -28.32 15.07 9.53
CA LEU J 73 -29.35 14.32 8.82
C LEU J 73 -28.67 13.44 7.77
N THR J 74 -29.04 12.16 7.75
CA THR J 74 -28.39 11.16 6.92
C THR J 74 -29.43 10.42 6.08
N ILE J 75 -29.07 10.13 4.84
CA ILE J 75 -29.90 9.33 3.94
C ILE J 75 -29.12 8.05 3.62
N THR J 76 -29.66 6.90 4.04
CA THR J 76 -28.92 5.65 3.95
C THR J 76 -28.65 5.26 2.51
N SER J 77 -29.71 5.05 1.73
CA SER J 77 -29.60 4.58 0.36
C SER J 77 -30.33 5.63 -0.48
N LEU J 78 -29.54 6.49 -1.10
CA LEU J 78 -30.07 7.62 -1.84
C LEU J 78 -30.78 7.16 -3.11
N GLN J 79 -32.01 7.61 -3.30
CA GLN J 79 -32.73 7.40 -4.55
C GLN J 79 -32.99 8.72 -5.27
N SER J 80 -33.52 8.60 -6.48
CA SER J 80 -33.76 9.76 -7.34
C SER J 80 -34.72 10.78 -6.71
N GLU J 81 -35.71 10.30 -5.96
CA GLU J 81 -36.66 11.25 -5.36
C GLU J 81 -36.03 12.08 -4.26
N ASP J 82 -34.95 11.58 -3.65
CA ASP J 82 -34.32 12.25 -2.51
C ASP J 82 -33.59 13.53 -2.90
N PHE J 83 -33.34 13.75 -4.20
CA PHE J 83 -32.58 14.90 -4.65
C PHE J 83 -33.42 16.17 -4.51
N ALA J 84 -33.15 16.95 -3.47
CA ALA J 84 -33.88 18.18 -3.21
C ALA J 84 -33.06 19.02 -2.26
N VAL J 85 -33.62 20.15 -1.84
CA VAL J 85 -33.00 21.02 -0.85
C VAL J 85 -33.60 20.70 0.50
N TYR J 86 -32.77 20.68 1.54
CA TYR J 86 -33.17 20.28 2.88
C TYR J 86 -32.91 21.42 3.85
N TYR J 87 -33.94 21.75 4.64
CA TYR J 87 -33.87 22.84 5.61
C TYR J 87 -34.01 22.27 7.02
N CYS J 88 -33.31 22.89 7.96
CA CYS J 88 -33.44 22.59 9.37
C CYS J 88 -34.16 23.74 10.06
N GLN J 89 -35.01 23.41 11.03
CA GLN J 89 -35.77 24.41 11.78
C GLN J 89 -35.69 24.10 13.26
N GLN J 90 -35.36 25.10 14.06
CA GLN J 90 -35.31 24.99 15.51
C GLN J 90 -36.51 25.70 16.11
N TYR J 91 -37.05 25.11 17.18
CA TYR J 91 -38.19 25.69 17.91
C TYR J 91 -37.91 25.79 19.40
N TYR J 92 -36.64 25.98 19.79
CA TYR J 92 -36.29 26.05 21.20
C TYR J 92 -36.77 27.35 21.83
N ASP J 93 -36.20 28.48 21.41
CA ASP J 93 -36.59 29.79 21.90
C ASP J 93 -37.19 30.59 20.75
N TRP J 94 -38.43 31.07 20.95
CA TRP J 94 -39.07 31.72 19.81
C TRP J 94 -40.29 32.57 20.15
N PRO J 95 -40.22 33.89 19.93
CA PRO J 95 -41.26 34.26 18.97
C PRO J 95 -40.77 34.06 17.50
N PRO J 96 -39.50 34.44 17.15
CA PRO J 96 -39.03 34.23 15.77
C PRO J 96 -38.53 32.82 15.51
N PHE J 97 -39.27 32.08 14.70
CA PHE J 97 -38.76 30.79 14.22
C PHE J 97 -37.60 31.02 13.24
N THR J 98 -36.65 30.09 13.24
CA THR J 98 -35.44 30.21 12.44
C THR J 98 -35.28 29.00 11.55
N PHE J 99 -35.01 29.25 10.26
CA PHE J 99 -34.71 28.22 9.29
C PHE J 99 -33.26 28.31 8.86
N GLY J 100 -32.70 27.17 8.45
CA GLY J 100 -31.36 27.16 7.92
C GLY J 100 -31.27 27.69 6.50
N GLY J 101 -30.05 28.00 6.08
CA GLY J 101 -29.82 28.47 4.72
C GLY J 101 -30.24 27.46 3.67
N GLY J 102 -30.10 26.18 3.97
CA GLY J 102 -30.49 25.12 3.06
C GLY J 102 -29.29 24.40 2.48
N THR J 103 -29.42 23.09 2.33
CA THR J 103 -28.40 22.24 1.72
C THR J 103 -28.98 21.57 0.49
N LYS J 104 -28.27 21.69 -0.64
CA LYS J 104 -28.72 21.13 -1.91
C LYS J 104 -28.06 19.78 -2.14
N VAL J 105 -28.86 18.72 -2.13
CA VAL J 105 -28.39 17.38 -2.45
C VAL J 105 -28.46 17.19 -3.97
N GLU J 106 -27.34 16.80 -4.56
CA GLU J 106 -27.16 16.84 -6.00
C GLU J 106 -26.64 15.51 -6.51
N ILE J 107 -27.02 15.15 -7.73
CA ILE J 107 -26.51 13.96 -8.37
C ILE J 107 -25.02 14.13 -8.65
N LYS J 108 -24.21 13.17 -8.21
CA LYS J 108 -22.79 13.23 -8.50
C LYS J 108 -22.50 12.31 -9.68
N ARG J 109 -21.80 12.85 -10.68
CA ARG J 109 -21.51 12.15 -11.92
C ARG J 109 -20.12 12.54 -12.39
N THR J 110 -19.68 11.88 -13.46
CA THR J 110 -18.39 12.20 -14.05
C THR J 110 -18.39 13.58 -14.67
N VAL J 111 -17.21 14.18 -14.75
CA VAL J 111 -17.05 15.55 -15.25
C VAL J 111 -17.40 15.60 -16.74
N ALA J 112 -18.08 16.68 -17.12
CA ALA J 112 -18.45 16.93 -18.51
C ALA J 112 -18.05 18.35 -18.88
N ALA J 113 -17.28 18.48 -19.95
CA ALA J 113 -16.87 19.80 -20.41
C ALA J 113 -18.04 20.50 -21.08
N PRO J 114 -18.20 21.81 -20.87
CA PRO J 114 -19.34 22.51 -21.46
C PRO J 114 -19.15 22.74 -22.95
N SER J 115 -20.27 22.79 -23.66
CA SER J 115 -20.29 23.20 -25.06
C SER J 115 -20.59 24.69 -25.09
N VAL J 116 -19.64 25.48 -25.58
CA VAL J 116 -19.72 26.94 -25.51
C VAL J 116 -20.25 27.46 -26.83
N PHE J 117 -21.24 28.35 -26.76
CA PHE J 117 -21.81 28.98 -27.94
C PHE J 117 -21.96 30.47 -27.67
N ILE J 118 -21.78 31.27 -28.72
CA ILE J 118 -21.90 32.72 -28.64
C ILE J 118 -22.99 33.17 -29.62
N PHE J 119 -23.77 34.16 -29.22
CA PHE J 119 -24.89 34.65 -30.04
C PHE J 119 -24.86 36.16 -30.13
N PRO J 120 -24.74 36.74 -31.33
CA PRO J 120 -24.81 38.19 -31.44
C PRO J 120 -26.23 38.69 -31.32
N PRO J 121 -26.43 39.97 -30.99
CA PRO J 121 -27.79 40.52 -30.95
C PRO J 121 -28.40 40.56 -32.33
N SER J 122 -29.69 40.26 -32.40
CA SER J 122 -30.38 40.27 -33.68
C SER J 122 -30.54 41.68 -34.22
N ASP J 123 -30.69 41.78 -35.55
CA ASP J 123 -30.94 43.07 -36.18
C ASP J 123 -32.22 43.69 -35.66
N GLU J 124 -33.22 42.86 -35.35
CA GLU J 124 -34.49 43.37 -34.84
C GLU J 124 -34.32 43.90 -33.42
N GLN J 125 -33.48 43.26 -32.60
CA GLN J 125 -33.20 43.77 -31.27
C GLN J 125 -32.41 45.08 -31.33
N LEU J 126 -31.52 45.23 -32.32
CA LEU J 126 -30.70 46.44 -32.41
C LEU J 126 -31.54 47.69 -32.61
N LYS J 127 -32.64 47.61 -33.35
CA LYS J 127 -33.43 48.80 -33.63
C LYS J 127 -34.03 49.40 -32.36
N SER J 128 -34.27 48.58 -31.34
CA SER J 128 -34.87 49.06 -30.10
C SER J 128 -33.93 49.95 -29.30
N GLY J 129 -32.63 49.85 -29.53
CA GLY J 129 -31.65 50.64 -28.81
C GLY J 129 -30.86 49.88 -27.78
N THR J 130 -31.09 48.57 -27.65
CA THR J 130 -30.39 47.73 -26.70
C THR J 130 -29.81 46.53 -27.43
N ALA J 131 -28.61 46.13 -27.05
CA ALA J 131 -27.93 44.98 -27.64
C ALA J 131 -27.63 43.98 -26.53
N SER J 132 -28.13 42.76 -26.70
CA SER J 132 -27.88 41.68 -25.74
C SER J 132 -27.04 40.61 -26.42
N VAL J 133 -25.92 40.27 -25.80
CA VAL J 133 -25.03 39.21 -26.27
C VAL J 133 -25.14 38.06 -25.30
N VAL J 134 -25.50 36.89 -25.82
CA VAL J 134 -25.77 35.70 -25.01
C VAL J 134 -24.70 34.66 -25.31
N CYS J 135 -24.14 34.08 -24.26
CA CYS J 135 -23.19 32.99 -24.36
C CYS J 135 -23.75 31.79 -23.60
N LEU J 136 -23.67 30.61 -24.20
CA LEU J 136 -24.35 29.43 -23.70
C LEU J 136 -23.34 28.35 -23.35
N LEU J 137 -23.47 27.80 -22.15
CA LEU J 137 -22.73 26.64 -21.69
C LEU J 137 -23.71 25.48 -21.59
N ASN J 138 -23.43 24.39 -22.32
CA ASN J 138 -24.42 23.34 -22.50
C ASN J 138 -23.91 21.99 -22.00
N ASN J 139 -24.70 21.35 -21.14
CA ASN J 139 -24.51 19.97 -20.67
C ASN J 139 -23.10 19.75 -20.12
N PHE J 140 -22.87 20.33 -18.95
CA PHE J 140 -21.61 20.21 -18.25
C PHE J 140 -21.84 19.85 -16.78
N TYR J 141 -20.87 19.13 -16.20
CA TYR J 141 -20.86 18.80 -14.79
C TYR J 141 -19.41 18.86 -14.31
N PRO J 142 -19.17 19.41 -13.11
CA PRO J 142 -20.17 19.98 -12.19
C PRO J 142 -20.61 21.40 -12.51
N ARG J 143 -21.27 22.03 -11.53
CA ARG J 143 -21.92 23.31 -11.77
C ARG J 143 -20.92 24.46 -11.80
N GLU J 144 -19.83 24.38 -11.02
CA GLU J 144 -18.88 25.48 -10.92
C GLU J 144 -18.29 25.80 -12.28
N ALA J 145 -18.50 27.04 -12.74
CA ALA J 145 -17.98 27.49 -14.01
C ALA J 145 -17.73 28.99 -13.95
N LYS J 146 -16.76 29.45 -14.74
CA LYS J 146 -16.37 30.86 -14.77
C LYS J 146 -16.61 31.40 -16.16
N VAL J 147 -17.49 32.39 -16.27
CA VAL J 147 -17.79 33.05 -17.54
C VAL J 147 -17.29 34.49 -17.46
N GLN J 148 -16.52 34.90 -18.46
CA GLN J 148 -15.94 36.24 -18.52
C GLN J 148 -16.23 36.86 -19.87
N TRP J 149 -16.83 38.04 -19.86
CA TRP J 149 -17.16 38.78 -21.07
C TRP J 149 -16.05 39.77 -21.40
N LYS J 150 -15.58 39.74 -22.65
CA LYS J 150 -14.57 40.66 -23.12
C LYS J 150 -15.05 41.35 -24.39
N VAL J 151 -15.04 42.67 -24.39
CA VAL J 151 -15.42 43.48 -25.55
C VAL J 151 -14.19 44.28 -25.98
N ASP J 152 -13.66 43.96 -27.16
CA ASP J 152 -12.41 44.54 -27.66
C ASP J 152 -11.29 44.33 -26.65
N ASN J 153 -11.13 43.08 -26.21
CA ASN J 153 -10.12 42.70 -25.22
C ASN J 153 -10.22 43.50 -23.93
N ALA J 154 -11.42 44.00 -23.62
CA ALA J 154 -11.69 44.73 -22.39
C ALA J 154 -12.72 43.95 -21.57
N LEU J 155 -12.33 43.51 -20.37
CA LEU J 155 -13.22 42.72 -19.54
C LEU J 155 -14.42 43.57 -19.14
N GLN J 156 -15.60 42.94 -19.13
CA GLN J 156 -16.85 43.61 -18.80
C GLN J 156 -17.26 43.28 -17.37
N SER J 157 -17.66 44.29 -16.61
CA SER J 157 -18.03 44.13 -15.22
C SER J 157 -19.36 44.84 -14.95
N GLY J 158 -20.29 44.12 -14.30
CA GLY J 158 -21.55 44.70 -13.88
C GLY J 158 -22.63 44.74 -14.94
N ASN J 159 -22.36 44.23 -16.14
CA ASN J 159 -23.30 44.30 -17.25
C ASN J 159 -23.72 42.93 -17.76
N SER J 160 -23.60 41.88 -16.93
CA SER J 160 -23.99 40.54 -17.33
C SER J 160 -24.83 39.89 -16.24
N GLN J 161 -25.64 38.92 -16.66
CA GLN J 161 -26.51 38.18 -15.75
C GLN J 161 -26.51 36.71 -16.15
N GLU J 162 -26.31 35.85 -15.18
CA GLU J 162 -26.17 34.42 -15.39
C GLU J 162 -27.43 33.69 -14.95
N SER J 163 -27.80 32.68 -15.73
CA SER J 163 -28.98 31.85 -15.47
C SER J 163 -28.59 30.39 -15.51
N VAL J 164 -29.13 29.60 -14.57
CA VAL J 164 -28.76 28.21 -14.42
C VAL J 164 -30.01 27.33 -14.51
N THR J 165 -29.93 26.27 -15.29
CA THR J 165 -30.99 25.28 -15.35
C THR J 165 -30.83 24.26 -14.23
N GLU J 166 -31.96 23.68 -13.81
CA GLU J 166 -31.91 22.57 -12.88
C GLU J 166 -31.21 21.38 -13.52
N GLN J 167 -30.61 20.52 -12.68
CA GLN J 167 -29.93 19.35 -13.19
C GLN J 167 -30.87 18.47 -14.00
N ASP J 168 -30.43 18.10 -15.20
CA ASP J 168 -31.27 17.33 -16.10
C ASP J 168 -31.55 15.96 -15.52
N SER J 169 -32.79 15.49 -15.69
CA SER J 169 -33.21 14.23 -15.08
C SER J 169 -32.54 13.02 -15.72
N LYS J 170 -32.07 13.14 -16.96
CA LYS J 170 -31.58 12.00 -17.73
C LYS J 170 -30.05 11.85 -17.68
N ASP J 171 -29.30 12.94 -17.85
CA ASP J 171 -27.84 12.86 -17.86
C ASP J 171 -27.18 13.64 -16.73
N SER J 172 -27.96 14.31 -15.88
CA SER J 172 -27.44 14.98 -14.67
C SER J 172 -26.43 16.06 -15.02
N THR J 173 -26.66 16.76 -16.12
CA THR J 173 -25.80 17.84 -16.57
C THR J 173 -26.43 19.19 -16.25
N TYR J 174 -25.62 20.24 -16.36
CA TYR J 174 -26.10 21.61 -16.22
C TYR J 174 -25.92 22.39 -17.51
N SER J 175 -26.69 23.47 -17.62
CA SER J 175 -26.56 24.42 -18.70
C SER J 175 -26.66 25.81 -18.12
N LEU J 176 -25.76 26.70 -18.54
CA LEU J 176 -25.68 28.05 -18.01
C LEU J 176 -25.77 29.03 -19.16
N SER J 177 -26.47 30.13 -18.92
CA SER J 177 -26.61 31.21 -19.89
C SER J 177 -26.13 32.51 -19.27
N SER J 178 -25.19 33.17 -19.93
CA SER J 178 -24.70 34.47 -19.51
C SER J 178 -25.15 35.49 -20.54
N THR J 179 -25.96 36.45 -20.11
CA THR J 179 -26.52 37.47 -20.98
C THR J 179 -25.79 38.77 -20.72
N LEU J 180 -25.09 39.27 -21.73
CA LEU J 180 -24.38 40.54 -21.67
C LEU J 180 -25.24 41.60 -22.33
N THR J 181 -25.59 42.63 -21.60
CA THR J 181 -26.47 43.68 -22.10
C THR J 181 -25.64 44.94 -22.30
N LEU J 182 -25.63 45.43 -23.54
CA LEU J 182 -24.88 46.63 -23.90
C LEU J 182 -25.82 47.62 -24.55
N SER J 183 -25.38 48.87 -24.60
CA SER J 183 -26.11 49.87 -25.37
C SER J 183 -25.86 49.65 -26.86
N LYS J 184 -26.81 50.08 -27.69
CA LYS J 184 -26.60 49.97 -29.12
C LYS J 184 -25.39 50.78 -29.57
N ALA J 185 -25.26 52.00 -29.03
CA ALA J 185 -24.09 52.82 -29.34
C ALA J 185 -22.81 52.15 -28.86
N ASP J 186 -22.85 51.57 -27.66
CA ASP J 186 -21.69 50.84 -27.16
C ASP J 186 -21.43 49.61 -28.01
N TYR J 187 -22.48 48.95 -28.50
CA TYR J 187 -22.30 47.75 -29.30
C TYR J 187 -21.72 48.06 -30.68
N GLU J 188 -22.20 49.14 -31.32
CA GLU J 188 -21.77 49.52 -32.67
C GLU J 188 -20.43 50.24 -32.68
N LYS J 189 -19.96 50.71 -31.53
CA LYS J 189 -18.64 51.36 -31.45
C LYS J 189 -17.51 50.38 -31.17
N HIS J 190 -17.80 49.09 -31.09
CA HIS J 190 -16.79 48.07 -30.86
C HIS J 190 -16.91 46.97 -31.91
N LYS J 191 -15.86 46.16 -32.01
CA LYS J 191 -15.70 45.19 -33.09
C LYS J 191 -15.88 43.74 -32.67
N VAL J 192 -15.07 43.24 -31.74
CA VAL J 192 -15.02 41.81 -31.41
C VAL J 192 -15.69 41.58 -30.06
N TYR J 193 -16.48 40.51 -29.96
CA TYR J 193 -17.19 40.15 -28.74
C TYR J 193 -16.94 38.69 -28.42
N ALA J 194 -16.34 38.43 -27.25
CA ALA J 194 -15.89 37.10 -26.86
C ALA J 194 -16.47 36.71 -25.52
N CYS J 195 -16.80 35.42 -25.39
CA CYS J 195 -17.23 34.81 -24.13
C CYS J 195 -16.19 33.79 -23.70
N GLU J 196 -15.47 34.07 -22.63
CA GLU J 196 -14.45 33.17 -22.10
C GLU J 196 -15.03 32.31 -20.98
N VAL J 197 -14.81 31.00 -21.08
CA VAL J 197 -15.39 30.01 -20.18
C VAL J 197 -14.28 29.18 -19.57
N THR J 198 -14.29 29.06 -18.24
CA THR J 198 -13.35 28.21 -17.51
C THR J 198 -14.12 27.16 -16.72
N HIS J 199 -13.73 25.90 -16.91
CA HIS J 199 -14.36 24.78 -16.25
C HIS J 199 -13.31 23.69 -16.03
N GLN J 200 -13.53 22.85 -15.01
CA GLN J 200 -12.57 21.78 -14.76
C GLN J 200 -12.51 20.78 -15.90
N GLY J 201 -13.60 20.63 -16.65
CA GLY J 201 -13.60 19.72 -17.77
C GLY J 201 -12.77 20.18 -18.94
N LEU J 202 -12.37 21.46 -18.95
CA LEU J 202 -11.54 22.02 -20.00
C LEU J 202 -10.10 22.07 -19.51
N SER J 203 -9.16 21.65 -20.37
CA SER J 203 -7.76 21.76 -20.02
C SER J 203 -7.36 23.22 -19.86
N SER J 204 -7.78 24.06 -20.79
CA SER J 204 -7.60 25.50 -20.77
C SER J 204 -8.94 26.16 -21.04
N PRO J 205 -9.13 27.39 -20.58
CA PRO J 205 -10.38 28.10 -20.89
C PRO J 205 -10.63 28.20 -22.38
N VAL J 206 -11.90 28.09 -22.77
CA VAL J 206 -12.32 28.13 -24.16
C VAL J 206 -12.91 29.50 -24.45
N THR J 207 -12.54 30.09 -25.58
CA THR J 207 -13.02 31.40 -25.97
C THR J 207 -13.88 31.25 -27.23
N LYS J 208 -15.11 31.78 -27.17
CA LYS J 208 -16.01 31.80 -28.31
C LYS J 208 -16.29 33.26 -28.66
N SER J 209 -15.85 33.70 -29.83
CA SER J 209 -15.93 35.10 -30.23
C SER J 209 -16.54 35.25 -31.61
N PHE J 210 -17.13 36.42 -31.85
CA PHE J 210 -17.64 36.80 -33.15
C PHE J 210 -17.31 38.26 -33.42
N ASN J 211 -17.11 38.58 -34.69
CA ASN J 211 -16.88 39.95 -35.13
C ASN J 211 -18.19 40.61 -35.52
N ARG J 212 -18.36 41.88 -35.12
CA ARG J 212 -19.54 42.62 -35.55
C ARG J 212 -19.30 43.01 -37.01
N GLY J 213 -19.68 42.13 -37.92
CA GLY J 213 -19.47 42.39 -39.33
C GLY J 213 -20.01 41.29 -40.24
N ASP K 1 -55.47 12.68 4.75
CA ASP K 1 -56.36 13.49 3.93
C ASP K 1 -56.43 14.92 4.46
N VAL K 2 -55.29 15.44 4.89
CA VAL K 2 -55.18 16.80 5.40
C VAL K 2 -54.85 17.71 4.23
N GLN K 3 -55.57 18.83 4.13
CA GLN K 3 -55.35 19.76 3.02
C GLN K 3 -55.38 21.20 3.53
N LEU K 4 -54.45 21.99 3.00
CA LEU K 4 -54.38 23.42 3.25
C LEU K 4 -54.37 24.11 1.89
N LEU K 5 -55.33 25.00 1.66
CA LEU K 5 -55.55 25.59 0.35
C LEU K 5 -55.42 27.10 0.45
N GLU K 6 -54.38 27.65 -0.19
CA GLU K 6 -54.18 29.09 -0.21
C GLU K 6 -54.90 29.71 -1.39
N SER K 7 -55.44 30.91 -1.18
CA SER K 7 -56.00 31.74 -2.23
C SER K 7 -55.38 33.13 -2.11
N GLY K 8 -54.98 33.72 -3.23
CA GLY K 8 -54.25 34.96 -3.15
C GLY K 8 -54.17 35.69 -4.46
N GLY K 9 -53.78 36.96 -4.37
CA GLY K 9 -53.60 37.84 -5.52
C GLY K 9 -52.13 37.96 -5.86
N GLY K 10 -51.83 37.84 -7.15
CA GLY K 10 -50.46 37.98 -7.63
C GLY K 10 -49.75 39.32 -7.46
N VAL K 11 -50.12 40.32 -8.25
CA VAL K 11 -49.38 41.58 -8.33
C VAL K 11 -50.09 42.69 -7.55
N VAL K 12 -49.33 43.38 -6.70
CA VAL K 12 -49.77 44.58 -6.01
C VAL K 12 -48.59 45.53 -5.94
N GLN K 13 -48.88 46.82 -5.77
CA GLN K 13 -47.86 47.85 -5.82
C GLN K 13 -47.40 48.24 -4.43
N PRO K 14 -46.22 48.84 -4.29
CA PRO K 14 -45.74 49.26 -2.96
C PRO K 14 -46.72 50.19 -2.26
N GLY K 15 -46.91 49.96 -0.97
CA GLY K 15 -47.90 50.65 -0.18
C GLY K 15 -49.29 50.09 -0.28
N GLY K 16 -49.54 49.15 -1.20
CA GLY K 16 -50.82 48.49 -1.28
C GLY K 16 -50.91 47.41 -0.23
N SER K 17 -52.07 46.77 -0.16
CA SER K 17 -52.31 45.71 0.82
C SER K 17 -52.94 44.50 0.14
N LEU K 18 -52.81 43.34 0.79
CA LEU K 18 -53.35 42.09 0.28
C LEU K 18 -53.72 41.20 1.46
N ARG K 19 -54.74 40.39 1.27
CA ARG K 19 -55.24 39.48 2.30
C ARG K 19 -55.13 38.07 1.76
N LEU K 20 -54.45 37.21 2.52
CA LEU K 20 -54.25 35.82 2.13
C LEU K 20 -55.17 34.92 2.95
N SER K 21 -55.60 33.83 2.31
CA SER K 21 -56.53 32.90 2.92
C SER K 21 -56.00 31.49 2.80
N CYS K 22 -56.23 30.69 3.84
CA CYS K 22 -55.79 29.31 3.93
C CYS K 22 -56.96 28.45 4.40
N ALA K 23 -57.55 27.68 3.49
CA ALA K 23 -58.68 26.83 3.86
C ALA K 23 -58.16 25.49 4.35
N ALA K 24 -58.42 25.19 5.62
CA ALA K 24 -57.95 23.94 6.22
C ALA K 24 -58.98 22.83 6.05
N SER K 25 -58.48 21.61 5.90
CA SER K 25 -59.33 20.44 5.77
C SER K 25 -58.56 19.22 6.23
N GLY K 26 -59.29 18.24 6.76
CA GLY K 26 -58.70 17.00 7.20
C GLY K 26 -58.22 16.97 8.64
N PHE K 27 -58.35 18.09 9.36
CA PHE K 27 -57.94 18.12 10.76
C PHE K 27 -58.72 19.20 11.49
N SER K 28 -58.74 19.08 12.81
CA SER K 28 -59.45 20.01 13.70
C SER K 28 -58.68 21.32 13.77
N PHE K 29 -59.14 22.31 13.00
CA PHE K 29 -58.44 23.57 12.91
C PHE K 29 -58.39 24.29 14.26
N SER K 30 -59.34 24.02 15.15
CA SER K 30 -59.43 24.72 16.43
C SER K 30 -58.34 24.30 17.42
N ASN K 31 -57.80 23.08 17.28
CA ASN K 31 -56.82 22.58 18.25
C ASN K 31 -55.40 23.08 17.99
N PHE K 32 -55.09 23.48 16.76
CA PHE K 32 -53.72 23.64 16.33
C PHE K 32 -53.38 25.11 16.09
N ALA K 33 -52.12 25.46 16.34
CA ALA K 33 -51.60 26.76 15.93
C ALA K 33 -51.29 26.72 14.45
N MET K 34 -51.40 27.87 13.80
CA MET K 34 -51.15 27.97 12.36
C MET K 34 -50.14 29.07 12.09
N THR K 35 -49.32 28.86 11.07
CA THR K 35 -48.19 29.73 10.79
C THR K 35 -48.13 30.03 9.30
N TRP K 36 -47.54 31.17 8.98
CA TRP K 36 -47.22 31.54 7.61
C TRP K 36 -45.71 31.53 7.47
N VAL K 37 -45.22 30.90 6.41
CA VAL K 37 -43.79 30.85 6.13
C VAL K 37 -43.60 31.23 4.67
N ARG K 38 -42.75 32.21 4.42
CA ARG K 38 -42.54 32.74 3.08
C ARG K 38 -41.16 32.38 2.58
N GLN K 39 -41.01 32.39 1.25
CA GLN K 39 -39.76 32.02 0.60
C GLN K 39 -39.57 32.94 -0.60
N ALA K 40 -38.59 33.84 -0.50
CA ALA K 40 -38.29 34.71 -1.62
C ALA K 40 -37.74 33.88 -2.79
N PRO K 41 -37.92 34.36 -4.02
CA PRO K 41 -37.44 33.59 -5.18
C PRO K 41 -35.94 33.35 -5.13
N GLY K 42 -35.55 32.09 -5.28
CA GLY K 42 -34.14 31.77 -5.24
C GLY K 42 -33.50 31.88 -3.88
N GLU K 43 -34.30 31.85 -2.82
CA GLU K 43 -33.82 32.05 -1.46
C GLU K 43 -34.42 30.97 -0.57
N GLY K 44 -34.10 31.01 0.73
CA GLY K 44 -34.55 30.00 1.66
C GLY K 44 -35.89 30.36 2.27
N LEU K 45 -36.30 29.57 3.25
CA LEU K 45 -37.56 29.77 3.94
C LEU K 45 -37.38 30.76 5.09
N GLU K 46 -38.41 31.58 5.31
CA GLU K 46 -38.41 32.56 6.37
C GLU K 46 -39.78 32.61 7.03
N TRP K 47 -39.79 32.51 8.36
CA TRP K 47 -41.03 32.49 9.12
C TRP K 47 -41.63 33.88 9.21
N VAL K 48 -42.97 33.95 9.12
CA VAL K 48 -43.67 35.23 9.13
C VAL K 48 -44.42 35.42 10.44
N SER K 49 -45.47 34.63 10.66
CA SER K 49 -46.33 34.82 11.81
C SER K 49 -46.85 33.47 12.31
N THR K 50 -47.50 33.51 13.47
CA THR K 50 -48.05 32.33 14.09
C THR K 50 -49.24 32.74 14.95
N ILE K 51 -50.35 32.01 14.81
CA ILE K 51 -51.58 32.28 15.54
C ILE K 51 -51.91 31.11 16.45
N GLY K 52 -52.46 31.43 17.62
CA GLY K 52 -52.98 30.43 18.52
C GLY K 52 -54.48 30.58 18.68
N SER K 53 -54.93 30.93 19.88
CA SER K 53 -56.33 31.28 20.11
C SER K 53 -56.55 32.79 20.19
N GLY K 54 -55.57 33.52 20.71
CA GLY K 54 -55.62 34.95 20.91
C GLY K 54 -54.20 35.48 20.88
N ASP K 55 -53.26 34.54 20.99
CA ASP K 55 -51.84 34.82 21.01
C ASP K 55 -51.29 34.86 19.59
N THR K 56 -50.66 35.97 19.23
CA THR K 56 -50.04 36.18 17.92
C THR K 56 -48.56 36.51 18.08
N TYR K 57 -47.78 36.08 17.10
CA TYR K 57 -46.34 36.31 17.07
C TYR K 57 -45.95 36.71 15.65
N TYR K 58 -45.03 37.65 15.53
CA TYR K 58 -44.64 38.17 14.23
C TYR K 58 -43.12 38.26 14.11
N ALA K 59 -42.65 38.12 12.87
CA ALA K 59 -41.24 38.39 12.59
C ALA K 59 -40.98 39.88 12.70
N ASP K 60 -39.76 40.23 13.11
CA ASP K 60 -39.44 41.61 13.47
C ASP K 60 -39.59 42.57 12.29
N SER K 61 -39.52 42.07 11.05
CA SER K 61 -39.63 42.92 9.88
C SER K 61 -41.07 43.32 9.55
N VAL K 62 -42.04 42.54 10.00
CA VAL K 62 -43.44 42.68 9.60
C VAL K 62 -44.34 43.08 10.76
N LYS K 63 -43.79 43.22 11.97
CA LYS K 63 -44.60 43.42 13.18
C LYS K 63 -45.70 44.46 12.99
N GLY K 64 -45.35 45.64 12.48
CA GLY K 64 -46.34 46.69 12.39
C GLY K 64 -47.21 46.64 11.15
N ARG K 65 -46.77 45.93 10.12
CA ARG K 65 -47.48 45.89 8.84
C ARG K 65 -48.43 44.71 8.70
N PHE K 66 -48.07 43.53 9.20
CA PHE K 66 -48.87 42.35 8.97
C PHE K 66 -49.72 42.01 10.18
N THR K 67 -50.88 41.41 9.90
CA THR K 67 -51.79 40.89 10.92
C THR K 67 -52.24 39.50 10.49
N ILE K 68 -52.04 38.55 11.35
CA ILE K 68 -52.51 37.19 11.15
C ILE K 68 -53.92 37.13 11.68
N SER K 69 -54.78 36.39 10.99
CA SER K 69 -56.17 36.32 11.40
C SER K 69 -56.57 34.85 11.42
N ARG K 70 -57.41 34.50 12.39
CA ARG K 70 -57.85 33.12 12.56
C ARG K 70 -59.35 33.09 12.80
N ASP K 71 -59.99 32.02 12.31
CA ASP K 71 -61.44 32.00 12.16
C ASP K 71 -61.91 30.55 12.18
N ASN K 72 -62.29 30.07 13.37
CA ASN K 72 -62.68 28.69 13.52
C ASN K 72 -64.06 28.38 12.93
N SER K 73 -64.80 29.40 12.49
CA SER K 73 -66.12 29.13 11.92
C SER K 73 -66.01 28.46 10.56
N LYS K 74 -65.03 28.85 9.75
CA LYS K 74 -64.80 28.23 8.45
C LYS K 74 -63.46 27.51 8.37
N ASN K 75 -62.78 27.30 9.49
CA ASN K 75 -61.47 26.65 9.52
C ASN K 75 -60.51 27.31 8.53
N THR K 76 -60.50 28.64 8.56
CA THR K 76 -59.73 29.44 7.62
C THR K 76 -58.67 30.25 8.35
N LEU K 77 -57.48 30.32 7.76
CA LEU K 77 -56.41 31.17 8.28
C LEU K 77 -56.18 32.32 7.32
N TYR K 78 -56.12 33.53 7.87
CA TYR K 78 -55.94 34.75 7.10
C TYR K 78 -54.65 35.43 7.53
N LEU K 79 -54.06 36.20 6.60
CA LEU K 79 -52.93 37.06 6.94
C LEU K 79 -53.05 38.37 6.18
N GLN K 80 -53.37 39.45 6.90
CA GLN K 80 -53.50 40.78 6.33
C GLN K 80 -52.13 41.46 6.26
N MET K 81 -51.75 41.86 5.04
CA MET K 81 -50.45 42.49 4.75
C MET K 81 -50.70 43.93 4.32
N ASN K 82 -50.10 44.88 5.04
CA ASN K 82 -50.25 46.29 4.73
C ASN K 82 -48.89 46.92 4.43
N SER K 83 -48.91 48.00 3.65
CA SER K 83 -47.72 48.75 3.28
C SER K 83 -46.66 47.82 2.69
N LEU K 84 -47.07 47.10 1.65
CA LEU K 84 -46.22 46.07 1.07
C LEU K 84 -45.00 46.66 0.39
N ARG K 85 -43.88 45.95 0.48
CA ARG K 85 -42.63 46.33 -0.14
C ARG K 85 -42.18 45.26 -1.13
N ALA K 86 -41.16 45.59 -1.90
CA ALA K 86 -40.56 44.61 -2.81
C ALA K 86 -39.85 43.51 -2.04
N GLU K 87 -39.40 43.78 -0.82
CA GLU K 87 -38.79 42.75 0.01
C GLU K 87 -39.79 41.71 0.48
N ASP K 88 -41.08 42.03 0.44
CA ASP K 88 -42.16 41.09 0.78
C ASP K 88 -42.48 40.13 -0.36
N THR K 89 -41.77 40.23 -1.48
CA THR K 89 -42.00 39.32 -2.61
C THR K 89 -41.56 37.92 -2.25
N ALA K 90 -42.50 36.98 -2.27
CA ALA K 90 -42.22 35.60 -1.88
C ALA K 90 -43.42 34.73 -2.21
N VAL K 91 -43.21 33.42 -2.11
CA VAL K 91 -44.31 32.46 -2.16
C VAL K 91 -44.73 32.21 -0.71
N TYR K 92 -45.99 32.53 -0.41
CA TYR K 92 -46.54 32.48 0.97
C TYR K 92 -47.12 31.11 1.31
N TYR K 93 -46.56 30.45 2.33
CA TYR K 93 -47.08 29.11 2.68
C TYR K 93 -47.83 29.16 3.98
N CYS K 94 -48.93 28.43 3.95
CA CYS K 94 -49.81 28.19 5.09
C CYS K 94 -49.27 26.91 5.71
N ALA K 95 -49.01 26.91 6.99
CA ALA K 95 -48.61 25.64 7.58
C ALA K 95 -49.32 25.42 8.91
N LYS K 96 -49.47 24.14 9.25
CA LYS K 96 -50.09 23.72 10.50
C LYS K 96 -49.01 23.29 11.50
N ASP K 97 -49.17 23.71 12.74
CA ASP K 97 -48.18 23.41 13.77
C ASP K 97 -48.49 22.09 14.44
N SER K 98 -47.47 21.52 15.07
CA SER K 98 -47.62 20.20 15.64
C SER K 98 -46.56 19.97 16.71
N THR K 99 -46.98 19.32 17.79
CA THR K 99 -46.26 19.30 19.05
C THR K 99 -45.72 17.90 19.35
N VAL K 100 -44.58 17.84 20.04
CA VAL K 100 -44.04 16.58 20.55
C VAL K 100 -44.34 16.54 22.03
N SER K 101 -43.99 15.43 22.71
CA SER K 101 -44.01 15.26 24.15
C SER K 101 -44.16 16.59 24.90
N TRP K 102 -43.04 17.21 25.25
CA TRP K 102 -43.01 18.53 25.87
C TRP K 102 -42.36 19.60 25.00
N SER K 103 -41.82 19.24 23.85
CA SER K 103 -41.24 20.24 22.97
C SER K 103 -42.34 20.76 22.06
N GLY K 104 -42.14 21.97 21.53
CA GLY K 104 -43.31 22.61 20.97
C GLY K 104 -43.26 23.19 19.57
N ASP K 105 -44.30 22.79 18.84
CA ASP K 105 -44.65 23.15 17.47
C ASP K 105 -43.51 23.33 16.48
N PHE K 106 -43.44 22.39 15.58
CA PHE K 106 -42.81 22.44 14.28
C PHE K 106 -43.96 22.41 13.25
N PHE K 107 -43.62 22.31 11.98
CA PHE K 107 -44.61 22.46 10.90
C PHE K 107 -44.87 21.11 10.24
N ASP K 108 -46.08 20.59 10.41
CA ASP K 108 -46.51 19.26 10.01
C ASP K 108 -47.01 19.19 8.57
N TYR K 109 -47.85 20.15 8.18
CA TYR K 109 -48.45 20.20 6.85
C TYR K 109 -48.25 21.58 6.24
N TRP K 110 -47.92 21.61 4.95
CA TRP K 110 -47.64 22.85 4.25
C TRP K 110 -48.68 23.05 3.16
N GLY K 111 -49.04 24.32 2.93
CA GLY K 111 -49.99 24.69 1.90
C GLY K 111 -49.40 24.74 0.50
N GLN K 112 -50.29 24.93 -0.47
CA GLN K 112 -49.87 24.92 -1.87
C GLN K 112 -48.94 26.08 -2.18
N GLY K 113 -49.04 27.16 -1.40
CA GLY K 113 -48.21 28.32 -1.57
C GLY K 113 -48.92 29.30 -2.47
N THR K 114 -48.76 30.59 -2.23
CA THR K 114 -49.28 31.61 -3.11
C THR K 114 -48.14 32.56 -3.43
N LEU K 115 -47.99 32.90 -4.70
CA LEU K 115 -46.88 33.72 -5.13
C LEU K 115 -47.28 35.18 -5.01
N VAL K 116 -46.47 35.95 -4.29
CA VAL K 116 -46.68 37.38 -4.15
C VAL K 116 -45.55 38.09 -4.87
N THR K 117 -45.91 38.99 -5.78
CA THR K 117 -44.92 39.81 -6.48
C THR K 117 -45.34 41.27 -6.26
N VAL K 118 -44.60 41.96 -5.41
CA VAL K 118 -44.84 43.37 -5.15
C VAL K 118 -43.92 44.13 -6.09
N SER K 119 -44.49 44.79 -7.09
CA SER K 119 -43.69 45.43 -8.11
C SER K 119 -44.41 46.66 -8.64
N SER K 120 -43.61 47.61 -9.12
CA SER K 120 -44.09 48.82 -9.75
C SER K 120 -44.42 48.65 -11.22
N ALA K 121 -44.17 47.47 -11.78
CA ALA K 121 -44.32 47.24 -13.20
C ALA K 121 -45.78 47.09 -13.62
N SER K 122 -46.05 47.47 -14.86
CA SER K 122 -47.34 47.24 -15.50
C SER K 122 -47.26 45.96 -16.32
N THR K 123 -48.41 45.32 -16.53
CA THR K 123 -48.42 44.12 -17.36
C THR K 123 -48.00 44.45 -18.78
N LYS K 124 -47.01 43.71 -19.29
CA LYS K 124 -46.48 43.93 -20.62
C LYS K 124 -46.13 42.59 -21.27
N GLY K 125 -46.31 42.54 -22.58
CA GLY K 125 -45.91 41.40 -23.36
C GLY K 125 -44.43 41.45 -23.67
N PRO K 126 -43.80 40.28 -23.76
CA PRO K 126 -42.35 40.24 -24.00
C PRO K 126 -42.01 40.53 -25.44
N SER K 127 -40.83 41.13 -25.62
CA SER K 127 -40.23 41.28 -26.94
C SER K 127 -39.27 40.13 -27.16
N VAL K 128 -39.46 39.39 -28.25
CA VAL K 128 -38.75 38.15 -28.50
C VAL K 128 -37.74 38.37 -29.61
N PHE K 129 -36.46 38.13 -29.30
CA PHE K 129 -35.36 38.31 -30.21
C PHE K 129 -34.68 36.97 -30.47
N PRO K 130 -34.28 36.70 -31.71
CA PRO K 130 -33.66 35.42 -32.03
C PRO K 130 -32.20 35.33 -31.63
N LEU K 131 -31.78 34.11 -31.28
CA LEU K 131 -30.38 33.78 -30.96
C LEU K 131 -29.85 32.85 -32.05
N ALA K 132 -29.03 33.39 -32.95
CA ALA K 132 -28.60 32.64 -34.12
C ALA K 132 -27.10 32.75 -34.30
N PRO K 133 -26.43 31.68 -34.70
CA PRO K 133 -24.97 31.70 -34.82
C PRO K 133 -24.52 32.36 -36.12
N SER K 134 -23.21 32.34 -36.33
CA SER K 134 -22.61 32.85 -37.56
C SER K 134 -21.38 32.01 -37.87
N SER K 135 -20.88 32.18 -39.09
CA SER K 135 -19.70 31.43 -39.55
C SER K 135 -18.49 31.73 -38.67
N SER K 139 -17.99 26.65 -36.61
CA SER K 139 -18.83 26.61 -37.80
C SER K 139 -19.23 25.18 -38.15
N GLY K 140 -18.37 24.23 -37.80
CA GLY K 140 -18.59 22.82 -38.11
C GLY K 140 -18.89 22.01 -36.86
N GLY K 141 -19.80 21.06 -36.99
CA GLY K 141 -20.15 20.17 -35.89
C GLY K 141 -21.62 20.16 -35.54
N THR K 142 -21.97 20.79 -34.43
CA THR K 142 -23.35 20.90 -33.98
C THR K 142 -23.60 22.35 -33.61
N ALA K 143 -24.75 22.88 -34.02
CA ALA K 143 -25.07 24.29 -33.79
C ALA K 143 -26.19 24.42 -32.78
N ALA K 144 -26.09 25.47 -31.97
CA ALA K 144 -27.08 25.78 -30.95
C ALA K 144 -27.74 27.10 -31.32
N LEU K 145 -29.07 27.12 -31.30
CA LEU K 145 -29.82 28.34 -31.54
C LEU K 145 -30.90 28.49 -30.49
N GLY K 146 -31.47 29.68 -30.42
CA GLY K 146 -32.50 29.95 -29.45
C GLY K 146 -33.14 31.29 -29.72
N CYS K 147 -33.99 31.71 -28.79
CA CYS K 147 -34.66 33.00 -28.89
C CYS K 147 -34.71 33.64 -27.52
N LEU K 148 -34.48 34.95 -27.49
CA LEU K 148 -34.39 35.72 -26.26
C LEU K 148 -35.72 36.40 -25.95
N VAL K 149 -36.28 36.08 -24.80
CA VAL K 149 -37.57 36.61 -24.37
C VAL K 149 -37.26 37.69 -23.33
N LYS K 150 -37.57 38.94 -23.67
CA LYS K 150 -37.11 40.07 -22.87
C LYS K 150 -38.26 41.01 -22.52
N ASP K 151 -38.13 41.63 -21.34
CA ASP K 151 -39.02 42.70 -20.87
C ASP K 151 -40.49 42.24 -20.84
N TYR K 152 -40.79 41.43 -19.83
CA TYR K 152 -42.16 41.02 -19.56
C TYR K 152 -42.43 41.01 -18.06
N PHE K 153 -43.72 41.15 -17.73
CA PHE K 153 -44.25 41.12 -16.37
C PHE K 153 -45.72 40.80 -16.53
N PRO K 154 -46.33 39.96 -15.67
CA PRO K 154 -45.69 39.19 -14.60
C PRO K 154 -44.76 38.08 -15.09
N GLU K 155 -44.38 37.19 -14.19
CA GLU K 155 -43.36 36.18 -14.45
C GLU K 155 -43.81 34.88 -15.15
N PRO K 156 -45.12 34.52 -15.26
CA PRO K 156 -45.44 33.27 -15.96
C PRO K 156 -45.32 33.35 -17.47
N VAL K 157 -44.20 32.87 -18.02
CA VAL K 157 -43.96 32.81 -19.46
C VAL K 157 -43.71 31.37 -19.87
N THR K 158 -44.27 30.98 -21.01
CA THR K 158 -44.18 29.62 -21.54
C THR K 158 -43.51 29.66 -22.90
N VAL K 159 -42.53 28.79 -23.11
CA VAL K 159 -41.79 28.71 -24.37
C VAL K 159 -41.90 27.30 -24.94
N SER K 160 -42.09 27.22 -26.25
CA SER K 160 -42.12 25.96 -26.97
C SER K 160 -41.42 26.14 -28.31
N TRP K 161 -40.98 25.03 -28.89
CA TRP K 161 -40.23 25.03 -30.14
C TRP K 161 -40.95 24.22 -31.20
N ASN K 162 -41.22 24.85 -32.35
CA ASN K 162 -41.90 24.22 -33.47
C ASN K 162 -43.25 23.64 -33.06
N SER K 163 -43.97 24.40 -32.23
CA SER K 163 -45.29 24.00 -31.73
C SER K 163 -45.24 22.66 -31.02
N GLY K 164 -44.23 22.49 -30.16
CA GLY K 164 -44.10 21.29 -29.36
C GLY K 164 -43.38 20.15 -30.04
N ALA K 165 -42.87 20.35 -31.26
CA ALA K 165 -42.24 19.26 -31.99
C ALA K 165 -40.87 18.91 -31.43
N LEU K 166 -40.15 19.86 -30.85
CA LEU K 166 -38.80 19.63 -30.35
C LEU K 166 -38.82 19.60 -28.83
N THR K 167 -38.58 18.42 -28.26
CA THR K 167 -38.41 18.25 -26.82
C THR K 167 -37.02 17.75 -26.44
N SER K 168 -36.13 17.56 -27.41
CA SER K 168 -34.77 17.13 -27.16
C SER K 168 -33.82 18.30 -27.38
N GLY K 169 -32.86 18.47 -26.47
CA GLY K 169 -31.91 19.55 -26.56
C GLY K 169 -32.46 20.93 -26.23
N VAL K 170 -33.68 21.00 -25.73
CA VAL K 170 -34.29 22.28 -25.39
C VAL K 170 -33.90 22.66 -23.97
N HIS K 171 -33.40 23.89 -23.81
CA HIS K 171 -33.03 24.42 -22.50
C HIS K 171 -33.70 25.78 -22.32
N THR K 172 -34.70 25.84 -21.44
CA THR K 172 -35.37 27.09 -21.10
C THR K 172 -34.88 27.51 -19.71
N PHE K 173 -34.17 28.62 -19.67
CA PHE K 173 -33.56 29.01 -18.42
C PHE K 173 -34.59 29.69 -17.52
N PRO K 174 -34.45 29.57 -16.21
CA PRO K 174 -35.34 30.30 -15.30
C PRO K 174 -35.17 31.80 -15.48
N ALA K 175 -36.24 32.53 -15.19
CA ALA K 175 -36.30 33.96 -15.44
C ALA K 175 -35.35 34.75 -14.54
N VAL K 176 -34.73 35.79 -15.11
CA VAL K 176 -33.90 36.73 -14.39
C VAL K 176 -34.63 38.06 -14.34
N LEU K 177 -34.70 38.65 -13.15
CA LEU K 177 -35.30 39.96 -12.99
C LEU K 177 -34.27 41.04 -13.28
N GLN K 178 -34.60 41.96 -14.18
CA GLN K 178 -33.66 43.00 -14.58
C GLN K 178 -33.83 44.23 -13.69
N SER K 179 -32.91 45.18 -13.84
CA SER K 179 -32.94 46.39 -13.03
C SER K 179 -34.16 47.25 -13.34
N SER K 180 -34.71 47.15 -14.54
CA SER K 180 -35.87 47.95 -14.93
C SER K 180 -37.16 47.48 -14.26
N GLY K 181 -37.13 46.34 -13.56
CA GLY K 181 -38.32 45.79 -12.95
C GLY K 181 -39.06 44.78 -13.79
N LEU K 182 -38.52 44.39 -14.94
CA LEU K 182 -39.14 43.41 -15.81
C LEU K 182 -38.23 42.19 -15.92
N TYR K 183 -38.82 41.07 -16.31
CA TYR K 183 -38.13 39.79 -16.35
C TYR K 183 -37.59 39.49 -17.74
N SER K 184 -36.48 38.75 -17.77
CA SER K 184 -35.86 38.28 -19.00
C SER K 184 -35.67 36.78 -18.92
N LEU K 185 -35.65 36.14 -20.09
CA LEU K 185 -35.60 34.69 -20.17
C LEU K 185 -35.11 34.30 -21.55
N SER K 186 -34.39 33.19 -21.62
CA SER K 186 -33.89 32.66 -22.88
C SER K 186 -34.12 31.16 -22.96
N SER K 187 -34.48 30.68 -24.14
CA SER K 187 -34.65 29.26 -24.40
C SER K 187 -33.81 28.88 -25.62
N VAL K 188 -33.03 27.82 -25.50
CA VAL K 188 -32.09 27.41 -26.53
C VAL K 188 -32.37 25.96 -26.91
N VAL K 189 -31.92 25.60 -28.10
CA VAL K 189 -32.08 24.26 -28.65
C VAL K 189 -30.84 23.87 -29.43
N THR K 190 -30.42 22.61 -29.26
CA THR K 190 -29.28 22.08 -30.00
C THR K 190 -29.79 21.41 -31.26
N VAL K 191 -29.25 21.81 -32.41
CA VAL K 191 -29.75 21.34 -33.69
C VAL K 191 -28.56 20.87 -34.52
N PRO K 192 -28.72 19.85 -35.36
CA PRO K 192 -27.62 19.49 -36.26
C PRO K 192 -27.28 20.66 -37.16
N SER K 193 -25.98 20.87 -37.37
CA SER K 193 -25.57 22.07 -38.10
C SER K 193 -25.93 22.01 -39.60
N SER K 194 -25.89 20.85 -40.23
CA SER K 194 -26.19 20.74 -41.66
C SER K 194 -27.65 21.01 -41.93
N SER K 195 -28.47 20.63 -40.97
CA SER K 195 -29.89 20.63 -41.15
C SER K 195 -30.47 21.98 -40.89
N LEU K 196 -29.62 22.96 -40.61
CA LEU K 196 -30.09 24.28 -40.22
C LEU K 196 -30.80 24.95 -41.39
N GLY K 197 -30.20 24.91 -42.58
CA GLY K 197 -30.87 25.48 -43.74
C GLY K 197 -31.99 24.64 -44.27
N THR K 198 -31.96 23.33 -44.01
CA THR K 198 -32.96 22.42 -44.52
C THR K 198 -34.25 22.46 -43.71
N GLN K 199 -34.16 22.67 -42.39
CA GLN K 199 -35.31 22.65 -41.51
C GLN K 199 -35.55 24.04 -40.93
N THR K 200 -36.80 24.29 -40.54
CA THR K 200 -37.19 25.55 -39.93
C THR K 200 -37.47 25.36 -38.45
N TYR K 201 -36.94 26.27 -37.62
CA TYR K 201 -37.07 26.22 -36.18
C TYR K 201 -37.70 27.52 -35.71
N ILE K 202 -38.86 27.44 -35.05
CA ILE K 202 -39.56 28.61 -34.57
C ILE K 202 -39.94 28.41 -33.10
N CYS K 203 -39.69 29.41 -32.26
CA CYS K 203 -40.03 29.31 -30.84
C CYS K 203 -41.35 30.02 -30.56
N ASN K 204 -42.21 29.36 -29.80
CA ASN K 204 -43.54 29.86 -29.48
C ASN K 204 -43.55 30.28 -28.01
N VAL K 205 -43.60 31.59 -27.78
CA VAL K 205 -43.59 32.18 -26.45
C VAL K 205 -45.00 32.64 -26.10
N ASN K 206 -45.48 32.26 -24.91
CA ASN K 206 -46.82 32.59 -24.46
C ASN K 206 -46.76 33.32 -23.13
N HIS K 207 -47.47 34.45 -23.06
CA HIS K 207 -47.59 35.24 -21.83
C HIS K 207 -49.08 35.41 -21.54
N LYS K 208 -49.58 34.65 -20.56
CA LYS K 208 -51.01 34.66 -20.27
C LYS K 208 -51.52 36.00 -19.75
N PRO K 209 -50.86 36.67 -18.80
CA PRO K 209 -51.44 37.92 -18.26
C PRO K 209 -51.58 39.04 -19.29
N SER K 210 -50.73 39.06 -20.32
CA SER K 210 -50.73 40.12 -21.31
C SER K 210 -51.49 39.77 -22.59
N ASN K 211 -52.13 38.60 -22.65
CA ASN K 211 -52.85 38.16 -23.86
C ASN K 211 -51.91 38.15 -25.07
N THR K 212 -50.73 37.59 -24.87
CA THR K 212 -49.67 37.61 -25.88
C THR K 212 -49.12 36.20 -26.09
N LYS K 213 -49.11 35.76 -27.34
CA LYS K 213 -48.30 34.63 -27.76
C LYS K 213 -47.66 34.98 -29.09
N VAL K 214 -46.35 34.76 -29.20
CA VAL K 214 -45.54 35.25 -30.30
C VAL K 214 -44.72 34.11 -30.87
N ASP K 215 -44.49 34.18 -32.19
CA ASP K 215 -43.71 33.18 -32.91
C ASP K 215 -42.49 33.86 -33.53
N LYS K 216 -41.31 33.56 -33.00
CA LYS K 216 -40.08 34.07 -33.59
C LYS K 216 -39.37 32.95 -34.36
N LYS K 217 -39.06 33.23 -35.63
CA LYS K 217 -38.30 32.31 -36.45
C LYS K 217 -36.83 32.72 -36.35
N VAL K 218 -35.96 31.78 -36.02
CA VAL K 218 -34.56 32.07 -35.74
C VAL K 218 -33.69 31.43 -36.81
N GLU K 219 -33.00 32.26 -37.58
CA GLU K 219 -32.08 31.81 -38.62
C GLU K 219 -30.92 32.79 -38.73
N PRO K 220 -29.73 32.29 -39.05
CA PRO K 220 -28.52 33.13 -39.02
C PRO K 220 -28.48 34.14 -40.17
N LYS K 221 -27.49 35.03 -40.05
CA LYS K 221 -27.08 36.05 -41.02
C LYS K 221 -27.81 36.05 -42.36
N GLU L 3 -63.03 26.27 26.23
CA GLU L 3 -61.63 26.45 25.87
C GLU L 3 -60.75 25.46 26.64
N LEU L 4 -59.45 25.75 26.73
CA LEU L 4 -58.53 24.78 27.31
C LEU L 4 -58.73 24.69 28.81
N GLN L 5 -58.55 23.48 29.34
CA GLN L 5 -58.74 23.15 30.73
C GLN L 5 -57.51 22.39 31.23
N VAL L 6 -57.07 22.68 32.44
CA VAL L 6 -56.00 21.92 33.08
C VAL L 6 -56.62 21.02 34.13
N ILE L 7 -56.49 19.70 33.95
CA ILE L 7 -57.22 18.71 34.73
C ILE L 7 -56.23 17.81 35.47
N GLN L 8 -56.38 17.70 36.79
CA GLN L 8 -55.67 16.71 37.59
C GLN L 8 -56.65 15.66 38.06
N PRO L 9 -56.64 14.44 37.50
CA PRO L 9 -57.73 13.50 37.77
C PRO L 9 -57.78 13.00 39.20
N ASP L 10 -56.63 12.75 39.82
CA ASP L 10 -56.56 12.25 41.19
C ASP L 10 -56.42 13.42 42.16
N LYS L 11 -57.31 13.48 43.15
CA LYS L 11 -57.20 14.53 44.16
C LYS L 11 -56.09 14.25 45.15
N SER L 12 -55.80 12.98 45.42
CA SER L 12 -54.77 12.59 46.36
C SER L 12 -54.12 11.30 45.89
N VAL L 13 -52.82 11.18 46.14
CA VAL L 13 -52.05 9.98 45.84
C VAL L 13 -51.22 9.63 47.05
N LEU L 14 -51.20 8.34 47.39
CA LEU L 14 -50.43 7.83 48.52
C LEU L 14 -49.32 6.90 48.03
N VAL L 15 -48.15 7.04 48.62
CA VAL L 15 -46.97 6.28 48.21
C VAL L 15 -46.13 6.02 49.45
N ALA L 16 -45.29 4.99 49.37
CA ALA L 16 -44.37 4.70 50.45
C ALA L 16 -43.04 5.43 50.23
N ALA L 17 -42.25 5.50 51.29
CA ALA L 17 -40.95 6.16 51.21
C ALA L 17 -40.02 5.41 50.27
N GLY L 18 -39.25 6.17 49.49
CA GLY L 18 -38.34 5.58 48.53
C GLY L 18 -38.98 5.10 47.25
N GLU L 19 -40.28 5.31 47.08
CA GLU L 19 -41.02 4.88 45.90
C GLU L 19 -41.17 6.05 44.93
N THR L 20 -41.76 5.77 43.77
CA THR L 20 -41.98 6.76 42.73
C THR L 20 -43.46 7.09 42.62
N ALA L 21 -43.80 8.38 42.74
CA ALA L 21 -45.19 8.83 42.65
C ALA L 21 -45.49 9.48 41.30
N THR L 22 -46.68 9.18 40.78
CA THR L 22 -47.16 9.78 39.55
C THR L 22 -48.33 10.71 39.88
N LEU L 23 -48.15 11.99 39.58
CA LEU L 23 -49.20 12.99 39.77
C LEU L 23 -49.62 13.49 38.40
N ARG L 24 -50.89 13.26 38.06
CA ARG L 24 -51.39 13.31 36.70
C ARG L 24 -51.92 14.69 36.29
N CYS L 25 -51.77 14.99 34.99
CA CYS L 25 -52.22 16.23 34.39
C CYS L 25 -52.50 16.03 32.91
N THR L 26 -53.62 16.59 32.45
CA THR L 26 -53.99 16.56 31.03
C THR L 26 -54.47 17.94 30.61
N ALA L 27 -54.00 18.40 29.45
CA ALA L 27 -54.38 19.69 28.89
C ALA L 27 -55.44 19.50 27.81
N THR L 28 -56.42 20.40 27.79
CA THR L 28 -57.57 20.23 26.91
C THR L 28 -57.26 20.65 25.47
N SER L 29 -56.44 21.67 25.27
CA SER L 29 -56.09 22.13 23.94
C SER L 29 -54.64 22.57 23.93
N LEU L 30 -54.07 22.63 22.72
CA LEU L 30 -52.69 23.08 22.58
C LEU L 30 -52.57 24.59 22.49
N ILE L 31 -53.61 25.28 22.00
CA ILE L 31 -53.60 26.73 21.87
C ILE L 31 -54.48 27.34 22.97
N PRO L 32 -54.10 28.47 23.57
CA PRO L 32 -52.88 29.29 23.43
C PRO L 32 -51.56 28.57 23.71
N VAL L 33 -50.53 28.94 22.95
CA VAL L 33 -49.21 28.32 23.08
C VAL L 33 -48.63 28.63 24.44
N GLY L 34 -48.08 27.60 25.10
CA GLY L 34 -47.42 27.79 26.37
C GLY L 34 -46.95 26.51 27.03
N PRO L 35 -45.98 26.64 27.94
CA PRO L 35 -45.46 25.46 28.65
C PRO L 35 -46.35 25.06 29.82
N ILE L 36 -46.18 23.80 30.22
CA ILE L 36 -46.84 23.24 31.39
C ILE L 36 -45.83 23.17 32.52
N GLN L 37 -46.19 23.74 33.68
CA GLN L 37 -45.28 23.80 34.81
C GLN L 37 -45.93 23.20 36.05
N TRP L 38 -45.10 22.60 36.90
CA TRP L 38 -45.55 21.96 38.13
C TRP L 38 -44.98 22.70 39.33
N PHE L 39 -45.81 22.96 40.33
CA PHE L 39 -45.41 23.61 41.57
C PHE L 39 -45.86 22.76 42.75
N ARG L 40 -45.20 22.95 43.89
CA ARG L 40 -45.58 22.30 45.14
C ARG L 40 -46.34 23.28 46.05
N GLY L 41 -46.93 24.31 45.45
CA GLY L 41 -47.67 25.31 46.20
C GLY L 41 -48.38 26.25 45.26
N ALA L 42 -49.35 26.97 45.82
CA ALA L 42 -50.13 27.94 45.07
C ALA L 42 -49.79 29.38 45.43
N GLY L 43 -49.00 29.62 46.47
CA GLY L 43 -48.77 30.95 46.97
C GLY L 43 -47.52 31.58 46.41
N PRO L 44 -47.14 32.74 46.97
CA PRO L 44 -46.00 33.48 46.40
C PRO L 44 -44.70 32.70 46.41
N GLY L 45 -44.28 32.19 47.56
CA GLY L 45 -43.01 31.50 47.67
C GLY L 45 -43.05 30.05 47.22
N ARG L 46 -43.99 29.72 46.33
CA ARG L 46 -44.05 28.38 45.79
C ARG L 46 -42.79 28.09 44.99
N GLU L 47 -42.31 26.84 45.07
CA GLU L 47 -41.14 26.41 44.33
C GLU L 47 -41.58 25.46 43.22
N LEU L 48 -41.24 25.82 41.98
CA LEU L 48 -41.64 25.02 40.83
C LEU L 48 -41.04 23.63 40.93
N ILE L 49 -41.82 22.62 40.55
CA ILE L 49 -41.40 21.23 40.62
C ILE L 49 -40.83 20.74 39.29
N TYR L 50 -41.43 21.12 38.17
CA TYR L 50 -40.87 20.71 36.89
C TYR L 50 -41.23 21.72 35.81
N ASN L 51 -40.24 22.02 34.97
CA ASN L 51 -40.44 22.83 33.77
C ASN L 51 -39.51 22.28 32.70
N GLN L 52 -40.05 22.00 31.51
CA GLN L 52 -39.24 21.37 30.47
C GLN L 52 -38.25 22.35 29.86
N LYS L 53 -38.59 23.63 29.80
CA LYS L 53 -37.73 24.60 29.10
C LYS L 53 -36.55 25.04 29.97
N GLU L 54 -36.78 25.26 31.26
CA GLU L 54 -35.74 25.79 32.13
C GLU L 54 -35.55 24.89 33.34
N GLY L 55 -34.30 24.74 33.78
CA GLY L 55 -33.98 23.92 34.93
C GLY L 55 -33.87 22.44 34.66
N HIS L 56 -33.04 21.75 35.44
CA HIS L 56 -32.95 20.29 35.40
C HIS L 56 -33.40 19.76 36.75
N PHE L 57 -34.31 18.80 36.72
CA PHE L 57 -34.82 18.19 37.96
C PHE L 57 -34.60 16.69 37.86
N PRO L 58 -33.56 16.15 38.48
CA PRO L 58 -33.21 14.75 38.26
C PRO L 58 -34.23 13.78 38.83
N ARG L 59 -34.65 14.00 40.08
CA ARG L 59 -35.60 13.11 40.73
C ARG L 59 -36.89 12.90 39.94
N VAL L 60 -37.20 13.78 38.98
CA VAL L 60 -38.49 13.77 38.29
C VAL L 60 -38.30 13.42 36.82
N THR L 61 -39.15 12.52 36.33
CA THR L 61 -39.22 12.11 34.94
C THR L 61 -40.66 12.26 34.47
N THR L 62 -40.84 12.61 33.20
CA THR L 62 -42.19 12.83 32.69
C THR L 62 -42.90 11.53 32.32
N VAL L 63 -44.10 11.34 32.86
CA VAL L 63 -44.97 10.26 32.40
C VAL L 63 -45.58 10.62 31.06
N SER L 64 -45.53 11.89 30.68
CA SER L 64 -46.05 12.36 29.41
C SER L 64 -45.19 11.85 28.26
N ASP L 65 -44.21 11.02 28.59
CA ASP L 65 -43.57 10.10 27.67
C ASP L 65 -42.64 10.78 26.67
N LEU L 66 -41.87 9.95 25.97
CA LEU L 66 -40.93 10.38 24.97
C LEU L 66 -41.53 10.15 23.59
N THR L 67 -41.65 11.23 22.82
CA THR L 67 -42.27 11.28 21.48
C THR L 67 -43.68 10.66 21.49
N LYS L 68 -44.55 11.30 22.27
CA LYS L 68 -45.99 11.20 22.08
C LYS L 68 -46.42 12.47 21.36
N ARG L 69 -46.81 12.33 20.12
CA ARG L 69 -46.98 13.48 19.24
C ARG L 69 -48.24 14.26 19.61
N ASN L 70 -48.12 15.60 19.58
CA ASN L 70 -49.22 16.50 19.98
C ASN L 70 -49.71 16.16 21.39
N ASN L 71 -48.75 15.83 22.26
CA ASN L 71 -49.05 15.33 23.59
C ASN L 71 -49.80 16.36 24.42
N MET L 72 -50.97 15.95 24.93
CA MET L 72 -51.73 16.75 25.89
C MET L 72 -51.68 16.19 27.29
N ASP L 73 -51.17 14.97 27.47
CA ASP L 73 -50.86 14.48 28.80
C ASP L 73 -49.62 15.19 29.32
N PHE L 74 -49.66 15.63 30.56
CA PHE L 74 -48.51 16.27 31.20
C PHE L 74 -48.33 15.72 32.61
N SER L 75 -48.46 14.41 32.76
CA SER L 75 -48.20 13.76 34.03
C SER L 75 -46.73 13.83 34.37
N ILE L 76 -46.45 13.92 35.67
CA ILE L 76 -45.09 14.01 36.17
C ILE L 76 -44.85 12.84 37.12
N ARG L 77 -43.59 12.44 37.24
CA ARG L 77 -43.24 11.25 38.02
C ARG L 77 -42.00 11.57 38.85
N ILE L 78 -42.11 11.45 40.17
CA ILE L 78 -41.04 11.85 41.10
C ILE L 78 -40.53 10.61 41.82
N GLY L 79 -39.26 10.27 41.58
CA GLY L 79 -38.66 9.08 42.17
C GLY L 79 -38.11 9.31 43.57
N ALA L 80 -37.70 8.21 44.21
CA ALA L 80 -37.08 8.18 45.53
C ALA L 80 -37.68 9.18 46.50
N ILE L 81 -38.86 8.90 47.02
CA ILE L 81 -39.63 9.90 47.75
C ILE L 81 -39.39 9.77 49.24
N THR L 82 -39.20 10.93 49.86
CA THR L 82 -39.11 11.16 51.29
C THR L 82 -40.40 11.76 51.83
N PRO L 83 -40.66 11.63 53.13
CA PRO L 83 -41.82 12.30 53.72
C PRO L 83 -41.79 13.81 53.52
N ALA L 84 -40.62 14.39 53.30
CA ALA L 84 -40.50 15.84 53.10
C ALA L 84 -41.19 16.28 51.82
N ASP L 85 -41.23 15.42 50.80
CA ASP L 85 -41.82 15.77 49.51
C ASP L 85 -43.34 15.73 49.52
N ALA L 86 -43.96 16.07 50.65
CA ALA L 86 -45.40 15.96 50.81
C ALA L 86 -46.06 17.33 50.72
N GLY L 87 -47.24 17.37 50.12
CA GLY L 87 -47.97 18.61 49.94
C GLY L 87 -49.00 18.46 48.85
N THR L 88 -49.51 19.60 48.41
CA THR L 88 -50.51 19.67 47.34
C THR L 88 -49.84 20.24 46.09
N TYR L 89 -49.96 19.52 44.99
CA TYR L 89 -49.31 19.87 43.73
C TYR L 89 -50.35 20.36 42.72
N TYR L 90 -49.97 21.39 41.97
CA TYR L 90 -50.86 21.99 40.98
C TYR L 90 -50.18 21.99 39.62
N CYS L 91 -50.97 21.72 38.59
CA CYS L 91 -50.51 21.74 37.21
C CYS L 91 -51.00 23.05 36.59
N VAL L 92 -50.07 23.90 36.19
CA VAL L 92 -50.38 25.25 35.72
C VAL L 92 -49.90 25.40 34.30
N LYS L 93 -50.79 25.85 33.42
CA LYS L 93 -50.43 26.17 32.04
C LYS L 93 -50.17 27.65 31.92
N PHE L 94 -49.11 27.98 31.18
CA PHE L 94 -48.67 29.37 31.04
C PHE L 94 -48.94 29.84 29.63
N ARG L 95 -49.20 31.14 29.49
CA ARG L 95 -49.32 31.77 28.19
C ARG L 95 -47.94 32.31 27.83
N LYS L 96 -47.54 32.13 26.57
CA LYS L 96 -46.23 32.61 26.15
C LYS L 96 -46.14 34.12 26.30
N GLY L 97 -45.02 34.58 26.83
CA GLY L 97 -44.81 36.00 26.95
C GLY L 97 -43.37 36.33 26.63
N SER L 98 -43.19 37.41 25.89
CA SER L 98 -41.86 37.91 25.53
C SER L 98 -41.25 38.71 26.68
N PRO L 99 -42.05 39.48 27.47
CA PRO L 99 -41.50 39.95 28.76
C PRO L 99 -41.79 38.96 29.89
N ASP L 100 -41.17 37.78 29.80
CA ASP L 100 -41.34 36.67 30.73
C ASP L 100 -42.74 36.07 30.64
N ASP L 101 -42.84 34.73 30.70
CA ASP L 101 -44.13 34.06 30.61
C ASP L 101 -45.08 34.50 31.71
N VAL L 102 -46.32 34.04 31.60
CA VAL L 102 -47.38 34.36 32.54
C VAL L 102 -48.35 33.18 32.60
N GLU L 103 -48.82 32.87 33.80
CA GLU L 103 -49.73 31.75 33.98
C GLU L 103 -51.08 32.04 33.35
N PHE L 104 -51.71 31.00 32.79
CA PHE L 104 -53.00 31.12 32.15
C PHE L 104 -54.09 30.38 32.92
N LYS L 105 -53.92 29.08 33.13
CA LYS L 105 -54.90 28.29 33.86
C LYS L 105 -54.18 27.24 34.70
N SER L 106 -54.63 27.10 35.95
CA SER L 106 -54.04 26.19 36.92
C SER L 106 -54.96 25.01 37.17
N GLY L 107 -54.36 23.85 37.40
CA GLY L 107 -55.13 22.66 37.68
C GLY L 107 -55.80 22.70 39.05
N ALA L 108 -56.74 21.77 39.23
CA ALA L 108 -57.51 21.70 40.47
C ALA L 108 -56.60 21.51 41.68
N GLY L 109 -55.64 20.60 41.58
CA GLY L 109 -54.70 20.35 42.66
C GLY L 109 -54.70 18.88 43.05
N THR L 110 -53.53 18.41 43.49
CA THR L 110 -53.35 17.01 43.87
C THR L 110 -52.49 16.95 45.11
N GLU L 111 -52.94 16.19 46.11
CA GLU L 111 -52.28 16.07 47.39
C GLU L 111 -51.45 14.80 47.42
N LEU L 112 -50.14 14.93 47.66
CA LEU L 112 -49.27 13.78 47.81
C LEU L 112 -49.00 13.55 49.29
N SER L 113 -49.15 12.31 49.74
CA SER L 113 -48.91 11.93 51.12
C SER L 113 -47.95 10.75 51.17
N VAL L 114 -47.24 10.64 52.28
CA VAL L 114 -46.29 9.55 52.48
C VAL L 114 -46.76 8.67 53.64
#